data_2KYW
#
_entry.id   2KYW
#
_entity_poly.entity_id   1
_entity_poly.type   'polypeptide(L)'
_entity_poly.pdbx_seq_one_letter_code
;MDEDATITYVDDDKGGAQVGDIVTVTGKTDDSTTYTVTIPDGYEYVGTDGGVVSSDGKTVTITFAADDSDNVVIHLKHGL
EHHHHHH
;
_entity_poly.pdbx_strand_id   A
#
# COMPACT_ATOMS: atom_id res chain seq x y z
N MET A 1 -15.21 -18.03 10.36
CA MET A 1 -14.91 -16.58 10.40
C MET A 1 -13.83 -16.18 9.37
N ASP A 2 -14.19 -15.23 8.49
CA ASP A 2 -13.24 -14.62 7.53
C ASP A 2 -12.57 -13.37 8.15
N GLU A 3 -11.24 -13.25 7.97
CA GLU A 3 -10.46 -12.06 8.39
C GLU A 3 -9.89 -11.34 7.14
N ASP A 4 -9.83 -10.00 7.23
CA ASP A 4 -9.51 -9.11 6.08
C ASP A 4 -8.10 -8.48 6.17
N ALA A 5 -7.72 -7.87 5.04
CA ALA A 5 -6.51 -7.06 4.89
C ALA A 5 -6.80 -5.94 3.85
N THR A 6 -6.71 -4.67 4.27
CA THR A 6 -7.02 -3.51 3.40
C THR A 6 -5.72 -2.82 2.96
N ILE A 7 -5.53 -2.70 1.65
CA ILE A 7 -4.32 -2.11 1.04
C ILE A 7 -4.65 -0.69 0.56
N THR A 8 -4.33 0.31 1.36
CA THR A 8 -4.71 1.71 1.08
C THR A 8 -3.48 2.51 0.61
N TYR A 9 -3.47 2.90 -0.68
CA TYR A 9 -2.48 3.85 -1.22
C TYR A 9 -2.82 5.26 -0.71
N VAL A 10 -1.85 5.91 -0.07
CA VAL A 10 -1.99 7.27 0.49
C VAL A 10 -0.87 8.19 -0.02
N ASP A 11 -1.16 9.49 -0.12
CA ASP A 11 -0.20 10.47 -0.61
C ASP A 11 0.56 11.09 0.58
N ASP A 12 1.75 10.53 0.84
CA ASP A 12 2.67 10.97 1.92
C ASP A 12 3.13 12.44 1.75
N ASP A 13 3.01 12.99 0.52
CA ASP A 13 3.33 14.41 0.22
C ASP A 13 2.14 15.34 0.61
N LYS A 14 0.91 14.78 0.61
CA LYS A 14 -0.33 15.56 0.83
C LYS A 14 -1.02 15.14 2.16
N GLY A 15 -0.20 14.94 3.20
CA GLY A 15 -0.67 14.59 4.56
C GLY A 15 -1.44 13.27 4.67
N GLY A 16 -1.12 12.31 3.79
CA GLY A 16 -1.74 10.98 3.78
C GLY A 16 -3.10 10.90 3.08
N ALA A 17 -3.38 11.85 2.14
CA ALA A 17 -4.64 11.86 1.35
C ALA A 17 -4.65 10.73 0.29
N GLN A 18 -5.76 9.97 0.21
CA GLN A 18 -5.81 8.69 -0.53
C GLN A 18 -5.53 8.83 -2.06
N VAL A 19 -4.62 7.97 -2.57
CA VAL A 19 -4.31 7.83 -4.01
C VAL A 19 -5.12 6.63 -4.57
N GLY A 20 -6.11 6.92 -5.43
CA GLY A 20 -6.97 5.88 -6.00
C GLY A 20 -8.03 5.37 -5.01
N ASP A 21 -7.91 4.09 -4.59
CA ASP A 21 -8.90 3.44 -3.70
C ASP A 21 -8.25 2.35 -2.81
N ILE A 22 -9.05 1.84 -1.85
CA ILE A 22 -8.64 0.73 -0.95
C ILE A 22 -8.83 -0.63 -1.66
N VAL A 23 -7.81 -1.51 -1.59
CA VAL A 23 -7.90 -2.88 -2.12
C VAL A 23 -8.32 -3.83 -0.96
N THR A 24 -9.61 -4.19 -0.94
CA THR A 24 -10.17 -5.08 0.12
C THR A 24 -9.98 -6.55 -0.29
N VAL A 25 -9.04 -7.24 0.36
CA VAL A 25 -8.84 -8.70 0.18
C VAL A 25 -9.13 -9.45 1.50
N THR A 26 -9.81 -10.61 1.41
CA THR A 26 -10.23 -11.40 2.59
C THR A 26 -9.82 -12.88 2.43
N GLY A 27 -9.69 -13.58 3.56
CA GLY A 27 -9.30 -14.99 3.59
C GLY A 27 -9.18 -15.51 5.01
N LYS A 28 -8.16 -16.36 5.27
CA LYS A 28 -7.90 -16.90 6.63
C LYS A 28 -6.45 -16.58 7.07
N THR A 29 -6.20 -16.54 8.40
CA THR A 29 -4.83 -16.43 8.98
C THR A 29 -3.85 -17.52 8.43
N ASP A 30 -4.41 -18.71 8.10
CA ASP A 30 -3.65 -19.81 7.47
C ASP A 30 -3.09 -19.42 6.07
N ASP A 31 -3.82 -18.54 5.37
CA ASP A 31 -3.47 -18.07 4.02
C ASP A 31 -2.62 -16.78 4.06
N SER A 32 -1.55 -16.75 3.24
CA SER A 32 -0.77 -15.52 2.97
C SER A 32 -0.81 -15.19 1.46
N THR A 33 -0.97 -13.89 1.14
CA THR A 33 -1.03 -13.38 -0.25
C THR A 33 0.24 -12.59 -0.63
N THR A 34 0.56 -12.57 -1.93
CA THR A 34 1.67 -11.74 -2.49
C THR A 34 1.07 -10.65 -3.42
N TYR A 35 1.25 -9.37 -3.05
CA TYR A 35 0.67 -8.20 -3.76
C TYR A 35 1.79 -7.32 -4.37
N THR A 36 1.71 -7.06 -5.68
CA THR A 36 2.62 -6.12 -6.36
C THR A 36 2.09 -4.67 -6.22
N VAL A 37 2.97 -3.76 -5.77
CA VAL A 37 2.67 -2.32 -5.60
C VAL A 37 2.62 -1.62 -6.97
N THR A 38 1.56 -0.84 -7.20
CA THR A 38 1.27 -0.17 -8.48
C THR A 38 1.58 1.34 -8.36
N ILE A 39 2.60 1.81 -9.09
CA ILE A 39 3.06 3.22 -9.04
C ILE A 39 2.36 4.07 -10.14
N PRO A 40 1.40 4.98 -9.78
CA PRO A 40 0.66 5.82 -10.75
C PRO A 40 1.43 7.12 -11.17
N ASP A 41 0.90 7.80 -12.21
CA ASP A 41 1.54 8.98 -12.86
C ASP A 41 1.78 10.18 -11.93
N GLY A 42 3.06 10.43 -11.59
CA GLY A 42 3.47 11.57 -10.76
C GLY A 42 3.60 11.26 -9.26
N TYR A 43 3.54 9.96 -8.89
CA TYR A 43 3.63 9.51 -7.47
C TYR A 43 4.86 8.58 -7.26
N GLU A 44 5.56 8.72 -6.12
CA GLU A 44 6.86 8.05 -5.83
C GLU A 44 6.75 7.12 -4.60
N TYR A 45 7.20 5.84 -4.72
CA TYR A 45 7.17 4.87 -3.60
C TYR A 45 8.08 5.31 -2.42
N VAL A 46 7.46 5.59 -1.26
CA VAL A 46 8.17 6.01 -0.03
C VAL A 46 8.45 4.77 0.87
N GLY A 47 7.36 4.04 1.19
CA GLY A 47 7.44 2.86 2.06
C GLY A 47 6.10 2.16 2.29
N THR A 48 6.15 1.00 2.97
CA THR A 48 4.94 0.18 3.28
C THR A 48 5.02 -0.32 4.74
N ASP A 49 3.87 -0.31 5.43
CA ASP A 49 3.74 -0.81 6.82
C ASP A 49 2.54 -1.77 6.96
N GLY A 50 2.62 -2.69 7.94
CA GLY A 50 1.71 -3.85 8.01
C GLY A 50 2.33 -5.05 7.31
N GLY A 51 1.52 -5.84 6.57
CA GLY A 51 1.97 -6.67 5.41
C GLY A 51 3.49 -6.68 5.12
N VAL A 52 4.11 -7.86 5.25
CA VAL A 52 5.59 -8.00 5.26
C VAL A 52 6.18 -7.65 3.87
N VAL A 53 6.82 -6.48 3.76
CA VAL A 53 7.32 -5.94 2.48
C VAL A 53 8.64 -6.64 2.05
N SER A 54 8.76 -6.94 0.74
CA SER A 54 9.96 -7.60 0.16
C SER A 54 11.18 -6.65 0.14
N SER A 55 12.38 -7.24 -0.07
CA SER A 55 13.67 -6.48 -0.11
C SER A 55 13.73 -5.48 -1.30
N ASP A 56 13.01 -5.80 -2.39
CA ASP A 56 12.90 -4.90 -3.57
C ASP A 56 11.83 -3.79 -3.38
N GLY A 57 10.90 -4.00 -2.41
CA GLY A 57 9.84 -3.01 -2.10
C GLY A 57 8.64 -3.01 -3.06
N LYS A 58 8.82 -3.56 -4.28
CA LYS A 58 7.80 -3.56 -5.36
C LYS A 58 6.73 -4.66 -5.14
N THR A 59 7.03 -5.64 -4.28
CA THR A 59 6.06 -6.68 -3.84
C THR A 59 5.98 -6.74 -2.29
N VAL A 60 4.82 -7.18 -1.78
CA VAL A 60 4.50 -7.22 -0.33
C VAL A 60 3.75 -8.54 0.02
N THR A 61 4.35 -9.39 0.89
CA THR A 61 3.68 -10.62 1.40
C THR A 61 2.74 -10.26 2.60
N ILE A 62 1.45 -10.21 2.31
CA ILE A 62 0.38 -9.85 3.26
C ILE A 62 -0.19 -11.13 3.93
N THR A 63 -0.69 -11.03 5.19
CA THR A 63 -1.37 -12.15 5.87
C THR A 63 -2.58 -11.64 6.70
N PHE A 64 -3.72 -12.32 6.54
CA PHE A 64 -5.00 -11.91 7.13
C PHE A 64 -5.04 -12.12 8.67
N ALA A 65 -5.57 -11.14 9.41
CA ALA A 65 -5.62 -11.17 10.89
C ALA A 65 -7.00 -10.78 11.43
N ALA A 66 -7.56 -11.58 12.35
CA ALA A 66 -8.80 -11.23 13.08
C ALA A 66 -8.51 -10.23 14.23
N ASP A 67 -7.24 -10.19 14.66
CA ASP A 67 -6.76 -9.25 15.70
C ASP A 67 -6.51 -7.85 15.10
N ASP A 68 -5.57 -7.78 14.13
CA ASP A 68 -5.17 -6.54 13.45
C ASP A 68 -6.15 -6.12 12.34
N SER A 69 -6.58 -7.11 11.51
CA SER A 69 -7.11 -6.83 10.13
C SER A 69 -6.03 -6.07 9.37
N ASP A 70 -5.22 -6.79 8.58
CA ASP A 70 -3.87 -6.35 8.18
C ASP A 70 -3.93 -5.11 7.26
N ASN A 71 -4.05 -3.95 7.90
CA ASN A 71 -4.07 -2.64 7.20
C ASN A 71 -2.67 -2.32 6.61
N VAL A 72 -2.49 -2.62 5.32
CA VAL A 72 -1.24 -2.36 4.59
C VAL A 72 -1.30 -0.92 4.01
N VAL A 73 -0.39 -0.05 4.47
CA VAL A 73 -0.37 1.39 4.12
C VAL A 73 0.83 1.69 3.20
N ILE A 74 0.55 2.00 1.92
CA ILE A 74 1.59 2.32 0.91
C ILE A 74 1.66 3.85 0.72
N HIS A 75 2.76 4.44 1.22
CA HIS A 75 3.00 5.90 1.20
C HIS A 75 3.60 6.34 -0.17
N LEU A 76 3.05 7.42 -0.78
CA LEU A 76 3.53 7.95 -2.09
C LEU A 76 3.73 9.50 -2.03
N LYS A 77 4.83 10.02 -2.61
CA LYS A 77 5.07 11.49 -2.72
C LYS A 77 4.88 11.98 -4.16
N HIS A 78 4.88 13.32 -4.37
CA HIS A 78 4.77 13.90 -5.72
C HIS A 78 6.17 14.10 -6.37
N GLY A 79 6.32 13.60 -7.61
CA GLY A 79 7.58 13.71 -8.35
C GLY A 79 7.61 14.94 -9.26
N LEU A 80 7.85 14.73 -10.57
CA LEU A 80 7.86 15.82 -11.57
C LEU A 80 6.73 15.59 -12.60
N GLU A 81 5.67 16.42 -12.51
CA GLU A 81 4.51 16.34 -13.42
C GLU A 81 4.88 16.83 -14.85
N HIS A 82 4.66 15.95 -15.85
CA HIS A 82 4.93 16.26 -17.28
C HIS A 82 3.61 16.62 -18.03
N HIS A 83 2.61 17.13 -17.26
CA HIS A 83 1.30 17.60 -17.76
C HIS A 83 0.46 16.46 -18.42
N HIS A 84 -0.28 15.70 -17.59
CA HIS A 84 -1.21 14.63 -18.04
C HIS A 84 -2.14 14.14 -16.89
N HIS A 85 -2.97 13.12 -17.21
CA HIS A 85 -3.95 12.51 -16.27
C HIS A 85 -3.29 12.00 -14.95
N HIS A 86 -3.73 12.58 -13.81
CA HIS A 86 -3.32 12.13 -12.46
C HIS A 86 -4.16 10.89 -12.03
N HIS A 87 -3.58 9.99 -11.23
CA HIS A 87 -4.27 8.74 -10.82
C HIS A 87 -3.61 8.16 -9.54
N MET A 1 -15.32 -19.42 8.23
CA MET A 1 -15.47 -17.98 7.84
C MET A 1 -14.09 -17.35 7.56
N ASP A 2 -13.97 -16.59 6.46
CA ASP A 2 -12.69 -15.97 6.03
C ASP A 2 -12.61 -14.49 6.47
N GLU A 3 -11.38 -13.97 6.45
CA GLU A 3 -11.07 -12.59 6.88
C GLU A 3 -10.65 -11.71 5.67
N ASP A 4 -11.01 -10.41 5.73
CA ASP A 4 -10.66 -9.43 4.69
C ASP A 4 -9.61 -8.43 5.25
N ALA A 5 -8.48 -8.30 4.53
CA ALA A 5 -7.32 -7.48 4.93
C ALA A 5 -7.23 -6.21 4.04
N THR A 6 -6.93 -5.05 4.66
CA THR A 6 -7.02 -3.72 3.99
C THR A 6 -5.65 -3.24 3.45
N ILE A 7 -5.68 -2.66 2.24
CA ILE A 7 -4.49 -2.12 1.53
C ILE A 7 -4.79 -0.66 1.09
N THR A 8 -4.13 0.33 1.70
CA THR A 8 -4.42 1.76 1.44
C THR A 8 -3.18 2.47 0.85
N TYR A 9 -3.25 2.84 -0.44
CA TYR A 9 -2.28 3.75 -1.07
C TYR A 9 -2.53 5.18 -0.56
N VAL A 10 -1.47 5.90 -0.15
CA VAL A 10 -1.56 7.27 0.39
C VAL A 10 -0.49 8.17 -0.27
N ASP A 11 -0.64 9.50 -0.08
CA ASP A 11 0.33 10.49 -0.56
C ASP A 11 0.75 11.40 0.61
N ASP A 12 2.03 11.34 0.98
CA ASP A 12 2.62 12.10 2.09
C ASP A 12 2.65 13.63 1.83
N ASP A 13 2.69 14.06 0.55
CA ASP A 13 2.59 15.52 0.20
C ASP A 13 1.12 16.03 0.31
N LYS A 14 0.18 15.10 0.52
CA LYS A 14 -1.22 15.40 0.88
C LYS A 14 -1.46 15.08 2.38
N GLY A 15 -0.37 14.97 3.17
CA GLY A 15 -0.43 14.65 4.61
C GLY A 15 -0.85 13.20 4.90
N GLY A 16 -0.49 12.28 3.98
CA GLY A 16 -0.87 10.86 4.10
C GLY A 16 -2.32 10.58 3.71
N ALA A 17 -2.87 11.38 2.76
CA ALA A 17 -4.26 11.21 2.26
C ALA A 17 -4.32 10.15 1.13
N GLN A 18 -5.38 9.31 1.12
CA GLN A 18 -5.45 8.12 0.25
C GLN A 18 -5.59 8.47 -1.26
N VAL A 19 -4.89 7.69 -2.12
CA VAL A 19 -4.92 7.84 -3.59
C VAL A 19 -5.81 6.74 -4.19
N GLY A 20 -6.99 7.13 -4.71
CA GLY A 20 -8.00 6.17 -5.19
C GLY A 20 -8.80 5.52 -4.05
N ASP A 21 -9.37 4.34 -4.33
CA ASP A 21 -10.13 3.56 -3.32
C ASP A 21 -9.21 2.51 -2.64
N ILE A 22 -9.58 2.11 -1.41
CA ILE A 22 -8.84 1.07 -0.64
C ILE A 22 -9.06 -0.32 -1.30
N VAL A 23 -7.95 -1.05 -1.53
CA VAL A 23 -7.96 -2.40 -2.10
C VAL A 23 -7.97 -3.42 -0.95
N THR A 24 -8.73 -4.51 -1.07
CA THR A 24 -8.76 -5.57 -0.01
C THR A 24 -8.59 -6.98 -0.60
N VAL A 25 -7.92 -7.85 0.17
CA VAL A 25 -7.69 -9.27 -0.16
C VAL A 25 -8.39 -10.18 0.88
N THR A 26 -9.04 -11.27 0.41
CA THR A 26 -9.82 -12.19 1.30
C THR A 26 -9.16 -13.59 1.39
N GLY A 27 -9.18 -14.16 2.59
CA GLY A 27 -8.64 -15.50 2.87
C GLY A 27 -8.68 -15.84 4.36
N LYS A 28 -8.32 -17.07 4.72
CA LYS A 28 -8.40 -17.54 6.13
C LYS A 28 -7.16 -17.04 6.90
N THR A 29 -7.28 -16.88 8.23
CA THR A 29 -6.18 -16.44 9.11
C THR A 29 -4.90 -17.32 8.99
N ASP A 30 -5.08 -18.60 8.64
CA ASP A 30 -3.99 -19.58 8.43
C ASP A 30 -3.19 -19.32 7.12
N ASP A 31 -3.73 -18.47 6.23
CA ASP A 31 -3.12 -18.17 4.92
C ASP A 31 -2.39 -16.81 4.92
N SER A 32 -1.36 -16.70 4.07
CA SER A 32 -0.70 -15.43 3.72
C SER A 32 -0.71 -15.27 2.19
N THR A 33 -0.97 -14.05 1.72
CA THR A 33 -1.04 -13.72 0.27
C THR A 33 0.08 -12.73 -0.13
N THR A 34 0.40 -12.64 -1.43
CA THR A 34 1.36 -11.65 -1.95
C THR A 34 0.63 -10.66 -2.89
N TYR A 35 0.77 -9.35 -2.60
CA TYR A 35 0.14 -8.27 -3.38
C TYR A 35 1.23 -7.44 -4.10
N THR A 36 1.03 -7.18 -5.41
CA THR A 36 1.93 -6.33 -6.21
C THR A 36 1.58 -4.83 -6.04
N VAL A 37 2.52 -4.05 -5.48
CA VAL A 37 2.41 -2.60 -5.35
C VAL A 37 2.70 -1.91 -6.71
N THR A 38 1.69 -1.22 -7.25
CA THR A 38 1.78 -0.53 -8.56
C THR A 38 1.97 0.99 -8.37
N ILE A 39 3.10 1.52 -8.89
CA ILE A 39 3.48 2.94 -8.72
C ILE A 39 2.90 3.80 -9.90
N PRO A 40 2.03 4.83 -9.63
CA PRO A 40 1.49 5.74 -10.68
C PRO A 40 2.53 6.80 -11.13
N ASP A 41 2.51 7.12 -12.45
CA ASP A 41 3.38 8.17 -13.03
C ASP A 41 3.03 9.57 -12.45
N GLY A 42 4.03 10.21 -11.82
CA GLY A 42 3.84 11.47 -11.07
C GLY A 42 3.96 11.28 -9.55
N TYR A 43 3.68 10.04 -9.06
CA TYR A 43 3.80 9.65 -7.63
C TYR A 43 5.07 8.78 -7.42
N GLU A 44 5.92 9.19 -6.47
CA GLU A 44 7.23 8.54 -6.19
C GLU A 44 7.09 7.60 -4.97
N TYR A 45 7.55 6.36 -5.11
CA TYR A 45 7.54 5.36 -4.02
C TYR A 45 8.45 5.78 -2.85
N VAL A 46 7.84 6.04 -1.68
CA VAL A 46 8.57 6.40 -0.44
C VAL A 46 8.85 5.13 0.39
N GLY A 47 7.83 4.26 0.49
CA GLY A 47 7.93 3.01 1.25
C GLY A 47 6.60 2.28 1.44
N THR A 48 6.64 1.19 2.22
CA THR A 48 5.44 0.39 2.59
C THR A 48 5.43 0.13 4.11
N ASP A 49 4.24 0.22 4.72
CA ASP A 49 4.04 0.12 6.18
C ASP A 49 2.99 -0.97 6.52
N GLY A 50 3.10 -1.57 7.72
CA GLY A 50 2.13 -2.57 8.22
C GLY A 50 2.52 -4.01 7.88
N GLY A 51 2.41 -4.39 6.58
CA GLY A 51 2.80 -5.73 6.11
C GLY A 51 4.30 -5.83 5.77
N VAL A 52 4.77 -7.05 5.47
CA VAL A 52 6.21 -7.31 5.19
C VAL A 52 6.51 -7.05 3.70
N VAL A 53 7.21 -5.95 3.39
CA VAL A 53 7.54 -5.55 2.01
C VAL A 53 8.79 -6.27 1.48
N SER A 54 8.82 -6.54 0.17
CA SER A 54 9.99 -7.10 -0.54
C SER A 54 11.15 -6.06 -0.62
N SER A 55 12.37 -6.55 -0.85
CA SER A 55 13.61 -5.72 -0.86
C SER A 55 13.61 -4.63 -1.95
N ASP A 56 12.93 -4.90 -3.09
CA ASP A 56 12.81 -3.94 -4.22
C ASP A 56 11.58 -3.02 -4.09
N GLY A 57 10.66 -3.34 -3.13
CA GLY A 57 9.44 -2.57 -2.89
C GLY A 57 8.31 -2.83 -3.92
N LYS A 58 8.47 -3.89 -4.73
CA LYS A 58 7.49 -4.26 -5.79
C LYS A 58 6.26 -5.00 -5.21
N THR A 59 6.47 -5.83 -4.18
CA THR A 59 5.42 -6.69 -3.59
C THR A 59 5.41 -6.59 -2.04
N VAL A 60 4.31 -7.08 -1.42
CA VAL A 60 4.13 -7.12 0.05
C VAL A 60 3.30 -8.37 0.46
N THR A 61 3.79 -9.14 1.45
CA THR A 61 3.03 -10.31 1.98
C THR A 61 2.08 -9.88 3.13
N ILE A 62 0.79 -10.19 2.93
CA ILE A 62 -0.31 -9.80 3.84
C ILE A 62 -0.96 -11.07 4.45
N THR A 63 -0.92 -11.19 5.79
CA THR A 63 -1.50 -12.35 6.49
C THR A 63 -2.79 -11.93 7.21
N PHE A 64 -3.87 -12.70 7.00
CA PHE A 64 -5.24 -12.34 7.44
C PHE A 64 -5.38 -12.53 8.97
N ALA A 65 -6.07 -11.59 9.65
CA ALA A 65 -6.19 -11.61 11.13
C ALA A 65 -7.48 -10.90 11.62
N ALA A 66 -7.96 -11.33 12.81
CA ALA A 66 -9.06 -10.66 13.55
C ALA A 66 -8.55 -9.42 14.34
N ASP A 67 -7.40 -8.86 13.91
CA ASP A 67 -6.69 -7.76 14.57
C ASP A 67 -6.30 -6.68 13.52
N ASP A 68 -6.06 -5.45 14.00
CA ASP A 68 -5.71 -4.27 13.15
C ASP A 68 -4.35 -4.43 12.42
N SER A 69 -3.58 -5.47 12.76
CA SER A 69 -2.28 -5.78 12.11
C SER A 69 -2.39 -6.18 10.61
N ASP A 70 -3.63 -6.42 10.12
CA ASP A 70 -3.91 -6.80 8.72
C ASP A 70 -3.53 -5.68 7.70
N ASN A 71 -3.66 -4.41 8.17
CA ASN A 71 -3.50 -3.20 7.34
C ASN A 71 -2.09 -3.06 6.70
N VAL A 72 -2.07 -2.74 5.41
CA VAL A 72 -0.84 -2.40 4.67
C VAL A 72 -1.02 -1.01 4.01
N VAL A 73 -0.20 -0.04 4.42
CA VAL A 73 -0.28 1.35 3.92
C VAL A 73 0.91 1.65 2.99
N ILE A 74 0.63 1.84 1.70
CA ILE A 74 1.65 2.17 0.70
C ILE A 74 1.88 3.70 0.67
N HIS A 75 3.10 4.14 0.99
CA HIS A 75 3.45 5.58 1.07
C HIS A 75 4.06 6.06 -0.25
N LEU A 76 3.39 7.05 -0.87
CA LEU A 76 3.84 7.71 -2.12
C LEU A 76 4.00 9.22 -1.86
N LYS A 77 4.61 9.93 -2.80
CA LYS A 77 4.74 11.41 -2.73
C LYS A 77 4.61 12.00 -4.15
N HIS A 78 4.51 13.33 -4.27
CA HIS A 78 4.49 14.00 -5.59
C HIS A 78 5.91 14.37 -6.06
N GLY A 79 6.12 14.33 -7.38
CA GLY A 79 7.36 14.81 -8.01
C GLY A 79 7.15 16.14 -8.75
N LEU A 80 7.90 16.36 -9.84
CA LEU A 80 7.74 17.54 -10.70
C LEU A 80 6.52 17.38 -11.64
N GLU A 81 5.50 18.27 -11.50
CA GLU A 81 4.22 18.18 -12.25
C GLU A 81 4.43 18.47 -13.76
N HIS A 82 3.74 17.69 -14.62
CA HIS A 82 3.84 17.77 -16.09
C HIS A 82 2.54 18.34 -16.69
N HIS A 83 2.51 19.66 -16.96
CA HIS A 83 1.34 20.37 -17.56
C HIS A 83 1.78 21.29 -18.71
N HIS A 84 0.83 21.64 -19.58
CA HIS A 84 1.05 22.54 -20.75
C HIS A 84 0.57 23.98 -20.44
N HIS A 85 0.69 24.88 -21.43
CA HIS A 85 0.19 26.27 -21.32
C HIS A 85 -1.36 26.30 -21.33
N HIS A 86 -1.96 27.15 -20.47
CA HIS A 86 -3.43 27.28 -20.35
C HIS A 86 -4.07 27.78 -21.67
N HIS A 87 -5.10 27.06 -22.13
CA HIS A 87 -5.82 27.37 -23.39
C HIS A 87 -6.50 28.76 -23.35
N MET A 1 -15.10 -17.29 11.55
CA MET A 1 -14.85 -16.03 10.80
C MET A 1 -13.79 -16.26 9.70
N ASP A 2 -13.95 -15.58 8.54
CA ASP A 2 -12.90 -15.48 7.51
C ASP A 2 -12.27 -14.07 7.57
N GLU A 3 -10.95 -14.00 7.38
CA GLU A 3 -10.16 -12.78 7.66
C GLU A 3 -9.85 -12.01 6.36
N ASP A 4 -9.92 -10.67 6.43
CA ASP A 4 -9.55 -9.78 5.31
C ASP A 4 -8.47 -8.77 5.72
N ALA A 5 -7.82 -8.17 4.72
CA ALA A 5 -6.81 -7.12 4.90
C ALA A 5 -7.04 -5.99 3.89
N THR A 6 -7.01 -4.73 4.37
CA THR A 6 -7.35 -3.54 3.57
C THR A 6 -6.07 -2.83 3.06
N ILE A 7 -5.99 -2.62 1.74
CA ILE A 7 -4.82 -2.02 1.05
C ILE A 7 -5.14 -0.58 0.62
N THR A 8 -4.67 0.41 1.39
CA THR A 8 -4.98 1.83 1.18
C THR A 8 -3.74 2.58 0.67
N TYR A 9 -3.77 3.03 -0.59
CA TYR A 9 -2.76 3.96 -1.13
C TYR A 9 -3.00 5.38 -0.54
N VAL A 10 -1.94 5.99 -0.02
CA VAL A 10 -1.96 7.35 0.54
C VAL A 10 -0.80 8.17 -0.04
N ASP A 11 -1.01 9.48 -0.17
CA ASP A 11 0.01 10.41 -0.68
C ASP A 11 0.84 10.96 0.48
N ASP A 12 2.07 10.44 0.59
CA ASP A 12 3.07 10.86 1.56
C ASP A 12 3.43 12.37 1.42
N ASP A 13 3.29 12.91 0.18
CA ASP A 13 3.53 14.35 -0.10
C ASP A 13 2.40 15.25 0.51
N LYS A 14 1.27 14.64 0.90
CA LYS A 14 0.13 15.34 1.55
C LYS A 14 -0.09 14.82 3.00
N GLY A 15 0.93 14.13 3.55
CA GLY A 15 0.87 13.55 4.91
C GLY A 15 -0.15 12.41 5.11
N GLY A 16 -0.59 11.78 4.00
CA GLY A 16 -1.53 10.64 4.06
C GLY A 16 -2.91 10.91 3.44
N ALA A 17 -2.93 11.44 2.20
CA ALA A 17 -4.18 11.69 1.44
C ALA A 17 -4.52 10.50 0.52
N GLN A 18 -5.71 9.89 0.69
CA GLN A 18 -6.09 8.64 -0.01
C GLN A 18 -6.08 8.79 -1.55
N VAL A 19 -5.26 7.96 -2.22
CA VAL A 19 -5.09 7.94 -3.68
C VAL A 19 -6.03 6.87 -4.29
N GLY A 20 -7.13 7.32 -4.93
CA GLY A 20 -8.17 6.41 -5.43
C GLY A 20 -9.10 5.90 -4.31
N ASP A 21 -8.92 4.63 -3.90
CA ASP A 21 -9.71 4.00 -2.81
C ASP A 21 -9.02 2.73 -2.26
N ILE A 22 -9.69 2.07 -1.30
CA ILE A 22 -9.16 0.86 -0.60
C ILE A 22 -9.36 -0.43 -1.43
N VAL A 23 -8.36 -1.33 -1.42
CA VAL A 23 -8.45 -2.68 -2.02
C VAL A 23 -8.58 -3.72 -0.88
N THR A 24 -9.80 -4.20 -0.60
CA THR A 24 -10.03 -5.25 0.41
C THR A 24 -9.85 -6.65 -0.21
N VAL A 25 -8.83 -7.38 0.24
CA VAL A 25 -8.63 -8.79 -0.16
C VAL A 25 -9.06 -9.74 0.99
N THR A 26 -9.73 -10.87 0.64
CA THR A 26 -10.21 -11.86 1.64
C THR A 26 -9.44 -13.18 1.53
N GLY A 27 -9.23 -13.82 2.68
CA GLY A 27 -8.55 -15.11 2.77
C GLY A 27 -8.70 -15.73 4.16
N LYS A 28 -7.63 -16.36 4.66
CA LYS A 28 -7.66 -17.06 5.96
C LYS A 28 -6.39 -16.74 6.78
N THR A 29 -6.55 -16.55 8.10
CA THR A 29 -5.46 -16.15 9.04
C THR A 29 -4.25 -17.12 9.05
N ASP A 30 -4.47 -18.36 8.60
CA ASP A 30 -3.43 -19.39 8.50
C ASP A 30 -2.38 -19.04 7.42
N ASP A 31 -2.87 -18.47 6.29
CA ASP A 31 -2.04 -18.23 5.10
C ASP A 31 -1.77 -16.72 4.86
N SER A 32 -0.78 -16.48 3.98
CA SER A 32 -0.42 -15.15 3.48
C SER A 32 -0.71 -15.03 1.97
N THR A 33 -0.61 -13.81 1.44
CA THR A 33 -0.74 -13.52 -0.01
C THR A 33 0.32 -12.50 -0.46
N THR A 34 0.59 -12.44 -1.77
CA THR A 34 1.51 -11.45 -2.37
C THR A 34 0.71 -10.42 -3.19
N TYR A 35 0.95 -9.13 -2.93
CA TYR A 35 0.32 -8.02 -3.66
C TYR A 35 1.41 -7.12 -4.30
N THR A 36 1.35 -6.96 -5.62
CA THR A 36 2.26 -6.04 -6.34
C THR A 36 1.80 -4.58 -6.13
N VAL A 37 2.70 -3.75 -5.59
CA VAL A 37 2.45 -2.31 -5.37
C VAL A 37 2.51 -1.58 -6.74
N THR A 38 1.44 -0.85 -7.07
CA THR A 38 1.30 -0.17 -8.38
C THR A 38 1.52 1.34 -8.20
N ILE A 39 2.61 1.86 -8.79
CA ILE A 39 3.00 3.29 -8.66
C ILE A 39 2.39 4.13 -9.82
N PRO A 40 1.37 5.01 -9.54
CA PRO A 40 0.73 5.84 -10.60
C PRO A 40 1.71 6.88 -11.21
N ASP A 41 1.56 7.15 -12.51
CA ASP A 41 2.48 8.03 -13.30
C ASP A 41 2.61 9.45 -12.67
N GLY A 42 3.83 9.78 -12.18
CA GLY A 42 4.10 11.07 -11.51
C GLY A 42 4.39 10.92 -10.00
N TYR A 43 4.22 9.70 -9.46
CA TYR A 43 4.50 9.39 -8.02
C TYR A 43 5.77 8.50 -7.87
N GLU A 44 6.34 8.49 -6.65
CA GLU A 44 7.49 7.63 -6.29
C GLU A 44 7.15 6.84 -4.99
N TYR A 45 7.63 5.58 -4.90
CA TYR A 45 7.42 4.73 -3.70
C TYR A 45 8.23 5.25 -2.47
N VAL A 46 7.57 5.35 -1.30
CA VAL A 46 8.20 5.80 -0.04
C VAL A 46 8.37 4.62 0.96
N GLY A 47 7.24 4.02 1.38
CA GLY A 47 7.24 2.97 2.42
C GLY A 47 5.88 2.29 2.61
N THR A 48 5.85 1.14 3.29
CA THR A 48 4.61 0.34 3.52
C THR A 48 4.35 0.14 5.04
N ASP A 49 3.06 0.26 5.43
CA ASP A 49 2.57 0.08 6.82
C ASP A 49 1.72 -1.21 6.91
N GLY A 50 1.65 -1.81 8.12
CA GLY A 50 0.75 -2.95 8.40
C GLY A 50 1.30 -4.30 7.97
N GLY A 51 1.38 -4.51 6.64
CA GLY A 51 1.96 -5.73 6.06
C GLY A 51 3.49 -5.71 5.99
N VAL A 52 4.09 -6.79 5.47
CA VAL A 52 5.56 -6.94 5.35
C VAL A 52 6.00 -6.74 3.88
N VAL A 53 6.77 -5.68 3.61
CA VAL A 53 7.22 -5.35 2.23
C VAL A 53 8.48 -6.17 1.85
N SER A 54 8.59 -6.50 0.55
CA SER A 54 9.77 -7.20 -0.02
C SER A 54 11.02 -6.28 -0.10
N SER A 55 12.20 -6.90 -0.28
CA SER A 55 13.52 -6.23 -0.30
C SER A 55 13.63 -5.16 -1.42
N ASP A 56 13.01 -5.44 -2.58
CA ASP A 56 13.05 -4.54 -3.75
C ASP A 56 11.97 -3.42 -3.68
N GLY A 57 11.00 -3.58 -2.76
CA GLY A 57 9.91 -2.59 -2.59
C GLY A 57 8.81 -2.65 -3.66
N LYS A 58 8.89 -3.65 -4.55
CA LYS A 58 7.93 -3.83 -5.68
C LYS A 58 6.62 -4.51 -5.21
N THR A 59 6.75 -5.46 -4.26
CA THR A 59 5.62 -6.24 -3.72
C THR A 59 5.55 -6.14 -2.18
N VAL A 60 4.38 -6.49 -1.62
CA VAL A 60 4.14 -6.59 -0.17
C VAL A 60 3.45 -7.94 0.16
N THR A 61 4.08 -8.74 1.05
CA THR A 61 3.49 -9.96 1.61
C THR A 61 2.47 -9.59 2.69
N ILE A 62 1.18 -9.78 2.37
CA ILE A 62 0.06 -9.46 3.28
C ILE A 62 -0.52 -10.75 3.89
N THR A 63 -0.32 -10.95 5.18
CA THR A 63 -0.91 -12.10 5.90
C THR A 63 -2.27 -11.68 6.49
N PHE A 64 -3.22 -12.61 6.59
CA PHE A 64 -4.57 -12.30 7.11
C PHE A 64 -4.63 -12.45 8.65
N ALA A 65 -5.37 -11.54 9.31
CA ALA A 65 -5.61 -11.57 10.77
C ALA A 65 -7.04 -11.11 11.08
N ALA A 66 -7.58 -11.59 12.23
CA ALA A 66 -8.94 -11.22 12.70
C ALA A 66 -9.03 -9.72 13.09
N ASP A 67 -7.86 -9.09 13.33
CA ASP A 67 -7.74 -7.66 13.68
C ASP A 67 -6.96 -6.87 12.58
N ASP A 68 -6.66 -5.59 12.88
CA ASP A 68 -6.11 -4.61 11.87
C ASP A 68 -4.55 -4.57 11.82
N SER A 69 -3.88 -5.57 12.43
CA SER A 69 -2.38 -5.61 12.51
C SER A 69 -1.68 -5.70 11.12
N ASP A 70 -2.40 -6.23 10.13
CA ASP A 70 -1.85 -6.52 8.78
C ASP A 70 -2.53 -5.68 7.67
N ASN A 71 -3.34 -4.69 8.08
CA ASN A 71 -3.98 -3.73 7.15
C ASN A 71 -2.91 -2.79 6.55
N VAL A 72 -2.72 -2.87 5.23
CA VAL A 72 -1.58 -2.26 4.53
C VAL A 72 -1.87 -0.80 4.11
N VAL A 73 -0.99 0.14 4.51
CA VAL A 73 -1.06 1.56 4.09
C VAL A 73 0.22 1.92 3.32
N ILE A 74 0.10 2.00 1.98
CA ILE A 74 1.24 2.27 1.07
C ILE A 74 1.43 3.79 0.86
N HIS A 75 2.64 4.29 1.13
CA HIS A 75 2.98 5.72 1.05
C HIS A 75 3.66 6.04 -0.29
N LEU A 76 3.11 7.03 -1.03
CA LEU A 76 3.69 7.49 -2.30
C LEU A 76 3.86 9.02 -2.28
N LYS A 77 5.00 9.52 -2.72
CA LYS A 77 5.25 10.98 -2.82
C LYS A 77 5.12 11.44 -4.27
N HIS A 78 5.17 12.75 -4.50
CA HIS A 78 5.22 13.31 -5.86
C HIS A 78 6.69 13.42 -6.32
N GLY A 79 6.95 13.14 -7.62
CA GLY A 79 8.24 13.40 -8.24
C GLY A 79 8.63 14.88 -8.12
N LEU A 80 9.73 15.17 -7.39
CA LEU A 80 10.04 16.53 -6.89
C LEU A 80 10.41 17.53 -8.03
N GLU A 81 9.34 18.09 -8.63
CA GLU A 81 9.32 19.21 -9.62
C GLU A 81 10.58 19.31 -10.55
N HIS A 82 11.69 19.91 -10.04
CA HIS A 82 12.92 20.13 -10.84
C HIS A 82 13.91 18.95 -10.69
N HIS A 83 14.63 18.62 -11.77
CA HIS A 83 15.71 17.61 -11.75
C HIS A 83 17.00 18.20 -11.10
N HIS A 84 17.87 17.29 -10.57
CA HIS A 84 19.05 17.65 -9.74
C HIS A 84 18.61 18.34 -8.41
N HIS A 85 17.45 17.89 -7.87
CA HIS A 85 16.84 18.47 -6.63
C HIS A 85 17.57 18.05 -5.33
N HIS A 86 18.47 17.03 -5.42
CA HIS A 86 19.24 16.54 -4.27
C HIS A 86 20.68 16.15 -4.73
N HIS A 87 21.69 16.54 -3.92
CA HIS A 87 23.12 16.22 -4.17
C HIS A 87 23.39 14.72 -4.01
N MET A 1 -13.94 -17.48 10.18
CA MET A 1 -13.88 -18.43 9.03
C MET A 1 -13.06 -17.82 7.88
N ASP A 2 -13.60 -16.77 7.25
CA ASP A 2 -12.92 -16.02 6.17
C ASP A 2 -12.53 -14.60 6.65
N GLU A 3 -11.22 -14.39 6.89
CA GLU A 3 -10.66 -13.10 7.38
C GLU A 3 -10.08 -12.29 6.20
N ASP A 4 -10.33 -10.97 6.19
CA ASP A 4 -9.90 -10.07 5.09
C ASP A 4 -8.82 -9.05 5.55
N ALA A 5 -7.95 -8.69 4.60
CA ALA A 5 -6.88 -7.69 4.79
C ALA A 5 -7.15 -6.46 3.90
N THR A 6 -6.98 -5.25 4.46
CA THR A 6 -7.30 -3.96 3.77
C THR A 6 -6.01 -3.17 3.47
N ILE A 7 -5.84 -2.78 2.18
CA ILE A 7 -4.65 -2.01 1.71
C ILE A 7 -5.07 -0.57 1.33
N THR A 8 -4.43 0.44 1.95
CA THR A 8 -4.72 1.87 1.66
C THR A 8 -3.44 2.59 1.17
N TYR A 9 -3.46 3.06 -0.10
CA TYR A 9 -2.40 3.93 -0.65
C TYR A 9 -2.56 5.37 -0.10
N VAL A 10 -1.45 6.00 0.33
CA VAL A 10 -1.46 7.35 0.92
C VAL A 10 -0.38 8.27 0.27
N ASP A 11 -0.65 9.59 0.23
CA ASP A 11 0.28 10.59 -0.35
C ASP A 11 0.98 11.39 0.76
N ASP A 12 2.31 11.18 0.90
CA ASP A 12 3.15 11.80 1.93
C ASP A 12 3.24 13.35 1.83
N ASP A 13 3.02 13.90 0.62
CA ASP A 13 3.04 15.38 0.39
C ASP A 13 1.67 16.05 0.67
N LYS A 14 0.65 15.23 1.00
CA LYS A 14 -0.71 15.71 1.31
C LYS A 14 -1.17 15.21 2.71
N GLY A 15 -0.18 14.91 3.58
CA GLY A 15 -0.45 14.43 4.95
C GLY A 15 -1.07 13.04 5.02
N GLY A 16 -0.67 12.15 4.08
CA GLY A 16 -1.16 10.77 4.02
C GLY A 16 -2.60 10.65 3.48
N ALA A 17 -2.95 11.44 2.44
CA ALA A 17 -4.30 11.37 1.80
C ALA A 17 -4.39 10.21 0.79
N GLN A 18 -5.59 9.58 0.67
CA GLN A 18 -5.78 8.36 -0.16
C GLN A 18 -5.46 8.58 -1.66
N VAL A 19 -4.53 7.77 -2.20
CA VAL A 19 -4.20 7.74 -3.64
C VAL A 19 -5.04 6.64 -4.35
N GLY A 20 -6.04 7.08 -5.11
CA GLY A 20 -6.92 6.17 -5.87
C GLY A 20 -7.85 5.31 -4.99
N ASP A 21 -7.43 4.05 -4.71
CA ASP A 21 -8.33 2.99 -4.20
C ASP A 21 -7.85 2.38 -2.85
N ILE A 22 -8.80 1.75 -2.14
CA ILE A 22 -8.52 0.80 -1.02
C ILE A 22 -8.83 -0.64 -1.50
N VAL A 23 -7.83 -1.53 -1.43
CA VAL A 23 -7.93 -2.92 -1.92
C VAL A 23 -8.25 -3.88 -0.75
N THR A 24 -9.49 -4.41 -0.71
CA THR A 24 -9.91 -5.41 0.30
C THR A 24 -9.81 -6.83 -0.29
N VAL A 25 -8.80 -7.60 0.14
CA VAL A 25 -8.62 -9.01 -0.28
C VAL A 25 -9.06 -9.96 0.87
N THR A 26 -9.71 -11.09 0.53
CA THR A 26 -10.28 -12.00 1.58
C THR A 26 -9.72 -13.44 1.45
N GLY A 27 -9.35 -14.02 2.61
CA GLY A 27 -8.85 -15.40 2.70
C GLY A 27 -9.12 -16.00 4.08
N LYS A 28 -8.06 -16.21 4.88
CA LYS A 28 -8.18 -16.66 6.29
C LYS A 28 -6.92 -16.25 7.08
N THR A 29 -7.07 -16.01 8.41
CA THR A 29 -5.95 -15.63 9.30
C THR A 29 -4.78 -16.65 9.32
N ASP A 30 -5.09 -17.92 8.99
CA ASP A 30 -4.09 -18.98 8.79
C ASP A 30 -3.33 -18.81 7.45
N ASP A 31 -4.06 -18.34 6.43
CA ASP A 31 -3.54 -18.16 5.06
C ASP A 31 -2.83 -16.79 4.86
N SER A 32 -1.97 -16.73 3.83
CA SER A 32 -1.24 -15.49 3.45
C SER A 32 -1.31 -15.25 1.92
N THR A 33 -1.07 -14.00 1.50
CA THR A 33 -1.05 -13.59 0.07
C THR A 33 0.13 -12.64 -0.22
N THR A 34 0.48 -12.52 -1.51
CA THR A 34 1.52 -11.57 -1.99
C THR A 34 0.91 -10.56 -2.99
N TYR A 35 0.81 -9.29 -2.57
CA TYR A 35 0.18 -8.21 -3.36
C TYR A 35 1.25 -7.32 -4.03
N THR A 36 1.02 -6.93 -5.30
CA THR A 36 1.95 -6.03 -6.04
C THR A 36 1.61 -4.54 -5.77
N VAL A 37 2.65 -3.71 -5.59
CA VAL A 37 2.51 -2.25 -5.39
C VAL A 37 2.21 -1.56 -6.74
N THR A 38 1.14 -0.75 -6.77
CA THR A 38 0.63 -0.08 -7.97
C THR A 38 1.11 1.38 -7.99
N ILE A 39 2.10 1.68 -8.85
CA ILE A 39 2.70 3.03 -8.97
C ILE A 39 1.94 3.88 -10.02
N PRO A 40 1.24 4.99 -9.61
CA PRO A 40 0.57 5.93 -10.55
C PRO A 40 1.58 6.89 -11.25
N ASP A 41 1.12 7.50 -12.36
CA ASP A 41 1.97 8.37 -13.21
C ASP A 41 2.30 9.71 -12.51
N GLY A 42 3.60 9.97 -12.29
CA GLY A 42 4.07 11.18 -11.59
C GLY A 42 4.19 10.97 -10.07
N TYR A 43 4.12 9.70 -9.60
CA TYR A 43 4.31 9.34 -8.17
C TYR A 43 5.45 8.30 -8.00
N GLU A 44 6.19 8.38 -6.89
CA GLU A 44 7.29 7.44 -6.55
C GLU A 44 6.98 6.69 -5.23
N TYR A 45 7.47 5.45 -5.12
CA TYR A 45 7.31 4.63 -3.90
C TYR A 45 8.15 5.18 -2.71
N VAL A 46 7.53 5.31 -1.52
CA VAL A 46 8.21 5.77 -0.29
C VAL A 46 8.43 4.60 0.71
N GLY A 47 7.33 3.97 1.16
CA GLY A 47 7.40 2.93 2.22
C GLY A 47 6.13 2.08 2.34
N THR A 48 6.09 1.18 3.35
CA THR A 48 4.91 0.32 3.66
C THR A 48 4.83 0.02 5.18
N ASP A 49 3.60 0.07 5.73
CA ASP A 49 3.30 -0.21 7.15
C ASP A 49 2.27 -1.36 7.30
N GLY A 50 2.31 -2.06 8.44
CA GLY A 50 1.35 -3.13 8.76
C GLY A 50 1.85 -4.52 8.37
N GLY A 51 1.90 -4.79 7.05
CA GLY A 51 2.40 -6.08 6.52
C GLY A 51 3.90 -6.07 6.21
N VAL A 52 4.39 -7.15 5.59
CA VAL A 52 5.82 -7.30 5.21
C VAL A 52 6.04 -6.72 3.79
N VAL A 53 7.25 -6.21 3.51
CA VAL A 53 7.59 -5.60 2.20
C VAL A 53 8.94 -6.14 1.64
N SER A 54 9.04 -6.18 0.30
CA SER A 54 10.28 -6.57 -0.42
C SER A 54 11.37 -5.46 -0.33
N SER A 55 12.64 -5.85 -0.56
CA SER A 55 13.79 -4.91 -0.63
C SER A 55 13.72 -4.01 -1.88
N ASP A 56 13.02 -4.49 -2.93
CA ASP A 56 12.72 -3.70 -4.14
C ASP A 56 11.50 -2.77 -3.93
N GLY A 57 10.66 -3.09 -2.91
CA GLY A 57 9.44 -2.34 -2.60
C GLY A 57 8.33 -2.44 -3.66
N LYS A 58 8.49 -3.38 -4.62
CA LYS A 58 7.52 -3.58 -5.74
C LYS A 58 6.42 -4.61 -5.37
N THR A 59 6.67 -5.41 -4.32
CA THR A 59 5.67 -6.35 -3.74
C THR A 59 5.64 -6.23 -2.21
N VAL A 60 4.49 -6.55 -1.63
CA VAL A 60 4.25 -6.58 -0.17
C VAL A 60 3.58 -7.93 0.22
N THR A 61 4.21 -8.68 1.15
CA THR A 61 3.68 -9.99 1.62
C THR A 61 2.68 -9.77 2.78
N ILE A 62 1.40 -9.93 2.46
CA ILE A 62 0.27 -9.61 3.36
C ILE A 62 -0.39 -10.90 3.89
N THR A 63 -0.22 -11.17 5.19
CA THR A 63 -0.93 -12.29 5.85
C THR A 63 -2.26 -11.78 6.41
N PHE A 64 -3.37 -12.48 6.11
CA PHE A 64 -4.71 -12.13 6.64
C PHE A 64 -4.74 -12.32 8.17
N ALA A 65 -5.55 -11.52 8.86
CA ALA A 65 -5.65 -11.59 10.33
C ALA A 65 -7.04 -11.19 10.84
N ALA A 66 -7.43 -11.76 12.00
CA ALA A 66 -8.57 -11.25 12.81
C ALA A 66 -8.09 -10.07 13.71
N ASP A 67 -6.77 -9.79 13.66
CA ASP A 67 -6.10 -8.67 14.34
C ASP A 67 -5.91 -7.47 13.36
N ASP A 68 -5.63 -6.27 13.91
CA ASP A 68 -5.45 -5.01 13.13
C ASP A 68 -4.14 -4.98 12.29
N SER A 69 -3.30 -6.04 12.40
CA SER A 69 -2.06 -6.17 11.59
C SER A 69 -2.34 -6.49 10.09
N ASP A 70 -3.63 -6.57 9.70
CA ASP A 70 -4.06 -6.79 8.31
C ASP A 70 -3.91 -5.49 7.45
N ASN A 71 -3.97 -4.32 8.15
CA ASN A 71 -3.96 -2.99 7.51
C ASN A 71 -2.58 -2.67 6.92
N VAL A 72 -2.45 -2.82 5.59
CA VAL A 72 -1.19 -2.52 4.88
C VAL A 72 -1.31 -1.14 4.19
N VAL A 73 -0.46 -0.19 4.59
CA VAL A 73 -0.49 1.20 4.11
C VAL A 73 0.74 1.50 3.25
N ILE A 74 0.54 1.60 1.92
CA ILE A 74 1.62 1.85 0.96
C ILE A 74 1.76 3.37 0.71
N HIS A 75 2.93 3.90 1.07
CA HIS A 75 3.26 5.34 0.98
C HIS A 75 3.78 5.72 -0.43
N LEU A 76 3.30 6.86 -0.93
CA LEU A 76 3.65 7.41 -2.26
C LEU A 76 3.85 8.95 -2.17
N LYS A 77 4.83 9.49 -2.90
CA LYS A 77 5.06 10.94 -3.00
C LYS A 77 5.07 11.38 -4.47
N HIS A 78 5.14 12.68 -4.72
CA HIS A 78 5.17 13.24 -6.10
C HIS A 78 6.62 13.21 -6.67
N GLY A 79 6.79 12.54 -7.82
CA GLY A 79 8.07 12.51 -8.56
C GLY A 79 7.95 13.26 -9.88
N LEU A 80 7.18 14.36 -9.85
CA LEU A 80 6.80 15.15 -11.04
C LEU A 80 8.03 15.90 -11.63
N GLU A 81 8.51 15.41 -12.78
CA GLU A 81 9.55 16.08 -13.58
C GLU A 81 9.18 15.94 -15.08
N HIS A 82 9.39 17.02 -15.86
CA HIS A 82 9.03 17.06 -17.31
C HIS A 82 9.83 16.00 -18.13
N HIS A 83 9.22 15.52 -19.23
CA HIS A 83 9.77 14.45 -20.13
C HIS A 83 11.31 14.59 -20.40
N HIS A 84 12.09 13.85 -19.60
CA HIS A 84 13.56 14.02 -19.49
C HIS A 84 14.33 12.82 -20.09
N HIS A 85 15.37 13.13 -20.88
CA HIS A 85 16.23 12.10 -21.52
C HIS A 85 17.72 12.34 -21.15
N HIS A 86 18.18 11.58 -20.15
CA HIS A 86 19.58 11.58 -19.65
C HIS A 86 20.06 10.11 -19.47
N HIS A 87 21.34 9.92 -19.07
CA HIS A 87 21.92 8.57 -18.87
C HIS A 87 23.00 8.62 -17.77
N MET A 1 -13.92 -20.46 7.16
CA MET A 1 -13.97 -19.01 7.45
C MET A 1 -12.95 -18.25 6.57
N ASP A 2 -13.47 -17.51 5.56
CA ASP A 2 -12.64 -16.63 4.72
C ASP A 2 -12.48 -15.24 5.40
N GLU A 3 -11.25 -14.93 5.87
CA GLU A 3 -10.95 -13.61 6.48
C GLU A 3 -10.31 -12.68 5.42
N ASP A 4 -10.70 -11.39 5.42
CA ASP A 4 -10.23 -10.42 4.41
C ASP A 4 -9.13 -9.47 4.94
N ALA A 5 -8.48 -8.74 4.02
CA ALA A 5 -7.41 -7.77 4.31
C ALA A 5 -7.57 -6.51 3.44
N THR A 6 -7.20 -5.35 3.99
CA THR A 6 -7.34 -4.04 3.33
C THR A 6 -5.96 -3.48 2.91
N ILE A 7 -5.89 -2.93 1.67
CA ILE A 7 -4.70 -2.19 1.18
C ILE A 7 -5.14 -0.74 0.87
N THR A 8 -4.37 0.25 1.32
CA THR A 8 -4.68 1.68 1.11
C THR A 8 -3.39 2.50 0.89
N TYR A 9 -3.21 3.02 -0.34
CA TYR A 9 -2.11 3.96 -0.67
C TYR A 9 -2.39 5.37 -0.07
N VAL A 10 -1.32 6.08 0.34
CA VAL A 10 -1.39 7.48 0.86
C VAL A 10 -0.13 8.27 0.42
N ASP A 11 -0.27 9.57 0.13
CA ASP A 11 0.89 10.46 -0.11
C ASP A 11 1.35 11.12 1.19
N ASP A 12 2.56 10.78 1.66
CA ASP A 12 3.22 11.52 2.78
C ASP A 12 3.56 12.97 2.34
N ASP A 13 3.67 13.18 1.02
CA ASP A 13 3.80 14.50 0.37
C ASP A 13 2.55 15.40 0.64
N LYS A 14 1.37 14.77 0.71
CA LYS A 14 0.07 15.46 0.81
C LYS A 14 -0.54 15.32 2.24
N GLY A 15 0.35 15.18 3.25
CA GLY A 15 -0.05 15.02 4.67
C GLY A 15 -0.71 13.67 5.02
N GLY A 16 -0.37 12.63 4.25
CA GLY A 16 -0.94 11.27 4.43
C GLY A 16 -2.31 11.09 3.77
N ALA A 17 -2.59 11.84 2.69
CA ALA A 17 -3.89 11.79 1.96
C ALA A 17 -3.96 10.57 0.99
N GLN A 18 -5.08 9.83 1.02
CA GLN A 18 -5.26 8.56 0.28
C GLN A 18 -5.13 8.72 -1.28
N VAL A 19 -4.34 7.82 -1.90
CA VAL A 19 -4.17 7.76 -3.37
C VAL A 19 -5.27 6.85 -3.97
N GLY A 20 -6.26 7.48 -4.64
CA GLY A 20 -7.38 6.76 -5.26
C GLY A 20 -8.31 6.03 -4.28
N ASP A 21 -8.66 4.76 -4.60
CA ASP A 21 -9.58 3.92 -3.79
C ASP A 21 -8.82 2.98 -2.80
N ILE A 22 -9.60 2.10 -2.15
CA ILE A 22 -9.07 1.02 -1.28
C ILE A 22 -9.17 -0.35 -2.01
N VAL A 23 -8.11 -1.17 -1.92
CA VAL A 23 -8.08 -2.55 -2.46
C VAL A 23 -8.44 -3.57 -1.33
N THR A 24 -9.09 -4.69 -1.67
CA THR A 24 -9.42 -5.75 -0.69
C THR A 24 -9.13 -7.16 -1.26
N VAL A 25 -8.46 -8.01 -0.46
CA VAL A 25 -8.21 -9.44 -0.79
C VAL A 25 -8.81 -10.35 0.31
N THR A 26 -8.99 -11.65 0.02
CA THR A 26 -9.56 -12.62 1.00
C THR A 26 -8.74 -13.93 1.06
N GLY A 27 -8.73 -14.57 2.24
CA GLY A 27 -7.97 -15.79 2.49
C GLY A 27 -8.21 -16.36 3.89
N LYS A 28 -7.15 -16.50 4.71
CA LYS A 28 -7.25 -17.15 6.04
C LYS A 28 -6.11 -16.71 6.99
N THR A 29 -6.39 -16.68 8.30
CA THR A 29 -5.41 -16.40 9.37
C THR A 29 -4.12 -17.26 9.27
N ASP A 30 -4.28 -18.56 8.96
CA ASP A 30 -3.15 -19.51 8.80
C ASP A 30 -2.24 -19.14 7.60
N ASP A 31 -2.84 -18.58 6.55
CA ASP A 31 -2.19 -18.37 5.25
C ASP A 31 -1.77 -16.90 5.02
N SER A 32 -0.68 -16.74 4.24
CA SER A 32 -0.20 -15.42 3.76
C SER A 32 -0.49 -15.25 2.26
N THR A 33 -0.63 -14.00 1.82
CA THR A 33 -0.87 -13.65 0.39
C THR A 33 0.15 -12.59 -0.08
N THR A 34 0.38 -12.54 -1.41
CA THR A 34 1.27 -11.53 -2.03
C THR A 34 0.44 -10.53 -2.88
N TYR A 35 0.45 -9.25 -2.46
CA TYR A 35 -0.20 -8.15 -3.19
C TYR A 35 0.85 -7.43 -4.08
N THR A 36 0.54 -7.20 -5.37
CA THR A 36 1.43 -6.43 -6.27
C THR A 36 1.19 -4.91 -6.09
N VAL A 37 2.22 -4.19 -5.62
CA VAL A 37 2.17 -2.72 -5.47
C VAL A 37 2.36 -2.04 -6.84
N THR A 38 1.33 -1.31 -7.29
CA THR A 38 1.33 -0.61 -8.58
C THR A 38 1.65 0.88 -8.38
N ILE A 39 2.78 1.34 -8.92
CA ILE A 39 3.27 2.74 -8.76
C ILE A 39 2.63 3.66 -9.84
N PRO A 40 1.66 4.58 -9.45
CA PRO A 40 0.95 5.45 -10.42
C PRO A 40 1.83 6.58 -11.01
N ASP A 41 1.38 7.16 -12.14
CA ASP A 41 2.13 8.21 -12.88
C ASP A 41 2.19 9.53 -12.07
N GLY A 42 3.42 9.97 -11.73
CA GLY A 42 3.66 11.17 -10.92
C GLY A 42 3.84 10.86 -9.43
N TYR A 43 3.63 9.59 -9.04
CA TYR A 43 3.79 9.12 -7.65
C TYR A 43 5.05 8.23 -7.54
N GLU A 44 5.82 8.42 -6.47
CA GLU A 44 7.08 7.67 -6.23
C GLU A 44 6.97 6.84 -4.94
N TYR A 45 7.39 5.55 -4.99
CA TYR A 45 7.39 4.66 -3.81
C TYR A 45 8.36 5.18 -2.72
N VAL A 46 7.80 5.59 -1.57
CA VAL A 46 8.59 6.09 -0.42
C VAL A 46 8.81 4.97 0.63
N GLY A 47 7.71 4.31 1.02
CA GLY A 47 7.77 3.24 2.04
C GLY A 47 6.46 2.47 2.18
N THR A 48 6.40 1.58 3.17
CA THR A 48 5.18 0.76 3.47
C THR A 48 4.97 0.67 5.00
N ASP A 49 3.69 0.70 5.40
CA ASP A 49 3.24 0.61 6.81
C ASP A 49 2.26 -0.58 6.97
N GLY A 50 2.22 -1.18 8.17
CA GLY A 50 1.30 -2.29 8.45
C GLY A 50 1.87 -3.67 8.06
N GLY A 51 1.87 -3.98 6.76
CA GLY A 51 2.32 -5.30 6.26
C GLY A 51 3.83 -5.38 6.01
N VAL A 52 4.29 -6.58 5.59
CA VAL A 52 5.73 -6.84 5.32
C VAL A 52 6.02 -6.64 3.82
N VAL A 53 6.70 -5.54 3.46
CA VAL A 53 7.02 -5.24 2.05
C VAL A 53 8.24 -6.05 1.54
N SER A 54 8.23 -6.37 0.23
CA SER A 54 9.39 -6.97 -0.47
C SER A 54 10.56 -5.97 -0.57
N SER A 55 11.78 -6.48 -0.79
CA SER A 55 13.03 -5.67 -0.85
C SER A 55 12.96 -4.53 -1.90
N ASP A 56 12.33 -4.81 -3.05
CA ASP A 56 12.20 -3.84 -4.18
C ASP A 56 10.99 -2.88 -3.99
N GLY A 57 10.05 -3.27 -3.12
CA GLY A 57 8.76 -2.57 -2.99
C GLY A 57 7.77 -2.86 -4.13
N LYS A 58 8.02 -3.94 -4.92
CA LYS A 58 7.13 -4.35 -6.03
C LYS A 58 5.90 -5.13 -5.51
N THR A 59 6.04 -5.77 -4.33
CA THR A 59 4.99 -6.59 -3.68
C THR A 59 5.00 -6.40 -2.15
N VAL A 60 3.89 -6.79 -1.48
CA VAL A 60 3.78 -6.84 0.01
C VAL A 60 3.17 -8.20 0.46
N THR A 61 3.86 -8.90 1.38
CA THR A 61 3.32 -10.10 2.04
C THR A 61 2.33 -9.68 3.15
N ILE A 62 1.03 -9.86 2.88
CA ILE A 62 -0.07 -9.56 3.83
C ILE A 62 -0.51 -10.88 4.51
N THR A 63 -0.68 -10.88 5.84
CA THR A 63 -1.24 -12.04 6.55
C THR A 63 -2.50 -11.61 7.32
N PHE A 64 -3.59 -12.38 7.17
CA PHE A 64 -4.94 -12.00 7.61
C PHE A 64 -5.07 -12.08 9.15
N ALA A 65 -5.32 -10.93 9.80
CA ALA A 65 -5.54 -10.85 11.25
C ALA A 65 -6.49 -9.68 11.60
N ALA A 66 -7.69 -10.04 12.13
CA ALA A 66 -8.78 -9.07 12.47
C ALA A 66 -8.45 -8.15 13.67
N ASP A 67 -7.23 -8.25 14.23
CA ASP A 67 -6.73 -7.36 15.30
C ASP A 67 -5.98 -6.14 14.71
N ASP A 68 -6.59 -5.55 13.66
CA ASP A 68 -6.09 -4.38 12.91
C ASP A 68 -4.68 -4.61 12.29
N SER A 69 -4.33 -5.88 12.03
CA SER A 69 -3.06 -6.26 11.37
C SER A 69 -3.27 -6.59 9.87
N ASP A 70 -4.55 -6.69 9.46
CA ASP A 70 -4.94 -7.01 8.08
C ASP A 70 -4.78 -5.80 7.11
N ASN A 71 -4.85 -4.56 7.68
CA ASN A 71 -4.74 -3.32 6.89
C ASN A 71 -3.25 -2.90 6.68
N VAL A 72 -2.89 -2.70 5.40
CA VAL A 72 -1.53 -2.30 4.96
C VAL A 72 -1.59 -0.92 4.26
N VAL A 73 -0.84 0.07 4.80
CA VAL A 73 -0.86 1.45 4.27
C VAL A 73 0.43 1.75 3.47
N ILE A 74 0.32 1.85 2.13
CA ILE A 74 1.48 2.13 1.24
C ILE A 74 1.72 3.66 1.16
N HIS A 75 3.00 4.09 1.13
CA HIS A 75 3.36 5.53 1.11
C HIS A 75 3.99 5.95 -0.24
N LEU A 76 3.49 7.08 -0.79
CA LEU A 76 3.88 7.61 -2.12
C LEU A 76 4.18 9.13 -2.03
N LYS A 77 4.77 9.69 -3.09
CA LYS A 77 5.14 11.13 -3.14
C LYS A 77 5.01 11.72 -4.55
N HIS A 78 4.57 13.00 -4.63
CA HIS A 78 4.41 13.71 -5.91
C HIS A 78 5.75 14.33 -6.35
N GLY A 79 6.20 13.99 -7.57
CA GLY A 79 7.49 14.48 -8.11
C GLY A 79 8.68 13.58 -7.76
N LEU A 80 9.55 13.33 -8.77
CA LEU A 80 10.85 12.63 -8.59
C LEU A 80 11.69 13.23 -7.41
N GLU A 81 11.88 12.41 -6.35
CA GLU A 81 12.59 12.81 -5.10
C GLU A 81 14.03 13.35 -5.38
N HIS A 82 14.76 12.71 -6.33
CA HIS A 82 16.13 13.12 -6.69
C HIS A 82 16.18 14.56 -7.28
N HIS A 83 15.13 14.95 -8.03
CA HIS A 83 15.00 16.32 -8.58
C HIS A 83 14.78 17.36 -7.45
N HIS A 84 13.84 17.04 -6.52
CA HIS A 84 13.63 17.79 -5.25
C HIS A 84 13.29 19.30 -5.48
N HIS A 85 12.71 19.62 -6.65
CA HIS A 85 12.46 21.01 -7.09
C HIS A 85 11.32 21.69 -6.27
N HIS A 86 11.63 22.84 -5.66
CA HIS A 86 10.65 23.64 -4.88
C HIS A 86 9.70 24.43 -5.81
N HIS A 87 8.54 23.83 -6.14
CA HIS A 87 7.47 24.50 -6.92
C HIS A 87 6.57 25.34 -5.98
N MET A 1 -12.79 -17.64 10.44
CA MET A 1 -14.04 -17.74 9.62
C MET A 1 -13.69 -17.49 8.13
N ASP A 2 -13.52 -16.19 7.79
CA ASP A 2 -13.25 -15.69 6.42
C ASP A 2 -12.80 -14.20 6.54
N GLU A 3 -11.48 -14.03 6.77
CA GLU A 3 -10.89 -12.75 7.25
C GLU A 3 -10.44 -11.84 6.09
N ASP A 4 -10.32 -10.53 6.39
CA ASP A 4 -9.91 -9.51 5.40
C ASP A 4 -8.41 -9.17 5.49
N ALA A 5 -7.91 -8.55 4.41
CA ALA A 5 -6.57 -7.92 4.36
C ALA A 5 -6.70 -6.63 3.53
N THR A 6 -6.43 -5.48 4.17
CA THR A 6 -6.71 -4.15 3.60
C THR A 6 -5.43 -3.45 3.09
N ILE A 7 -5.43 -3.04 1.82
CA ILE A 7 -4.32 -2.27 1.20
C ILE A 7 -4.79 -0.83 0.97
N THR A 8 -4.02 0.16 1.46
CA THR A 8 -4.37 1.60 1.31
C THR A 8 -3.17 2.43 0.80
N TYR A 9 -3.27 2.93 -0.44
CA TYR A 9 -2.31 3.90 -0.99
C TYR A 9 -2.64 5.31 -0.48
N VAL A 10 -1.64 6.01 0.09
CA VAL A 10 -1.74 7.41 0.57
C VAL A 10 -0.51 8.22 0.10
N ASP A 11 -0.65 9.56 -0.04
CA ASP A 11 0.47 10.40 -0.50
C ASP A 11 1.10 11.24 0.66
N ASP A 12 2.41 11.05 0.86
CA ASP A 12 3.28 11.82 1.77
C ASP A 12 3.12 13.36 1.62
N ASP A 13 2.96 13.83 0.37
CA ASP A 13 2.99 15.26 0.02
C ASP A 13 1.83 16.07 0.66
N LYS A 14 0.65 15.44 0.82
CA LYS A 14 -0.58 16.09 1.36
C LYS A 14 -0.97 15.52 2.74
N GLY A 15 0.06 15.08 3.50
CA GLY A 15 -0.13 14.58 4.87
C GLY A 15 -0.84 13.22 4.96
N GLY A 16 -0.71 12.40 3.92
CA GLY A 16 -1.29 11.05 3.88
C GLY A 16 -2.74 10.99 3.39
N ALA A 17 -3.00 11.54 2.19
CA ALA A 17 -4.34 11.50 1.55
C ALA A 17 -4.44 10.32 0.55
N GLN A 18 -5.60 9.64 0.54
CA GLN A 18 -5.83 8.39 -0.24
C GLN A 18 -5.68 8.60 -1.78
N VAL A 19 -4.80 7.78 -2.39
CA VAL A 19 -4.55 7.78 -3.85
C VAL A 19 -5.35 6.62 -4.51
N GLY A 20 -6.39 6.97 -5.29
CA GLY A 20 -7.28 5.98 -5.91
C GLY A 20 -8.34 5.47 -4.93
N ASP A 21 -8.22 4.19 -4.51
CA ASP A 21 -9.12 3.59 -3.49
C ASP A 21 -8.39 2.49 -2.66
N ILE A 22 -9.14 1.92 -1.70
CA ILE A 22 -8.64 0.85 -0.81
C ILE A 22 -8.97 -0.55 -1.38
N VAL A 23 -7.95 -1.42 -1.49
CA VAL A 23 -8.11 -2.80 -2.03
C VAL A 23 -8.17 -3.80 -0.85
N THR A 24 -9.37 -4.27 -0.50
CA THR A 24 -9.56 -5.25 0.61
C THR A 24 -9.92 -6.64 0.05
N VAL A 25 -9.06 -7.64 0.30
CA VAL A 25 -9.26 -9.02 -0.18
C VAL A 25 -9.61 -9.98 1.00
N THR A 26 -10.27 -11.12 0.70
CA THR A 26 -10.76 -12.08 1.74
C THR A 26 -9.99 -13.42 1.69
N GLY A 27 -9.88 -14.09 2.86
CA GLY A 27 -9.10 -15.33 3.02
C GLY A 27 -9.26 -15.95 4.41
N LYS A 28 -8.15 -16.43 5.01
CA LYS A 28 -8.16 -17.13 6.34
C LYS A 28 -7.03 -16.59 7.25
N THR A 29 -7.26 -16.60 8.58
CA THR A 29 -6.21 -16.27 9.61
C THR A 29 -4.87 -17.00 9.37
N ASP A 30 -4.94 -18.32 9.10
CA ASP A 30 -3.75 -19.18 8.91
C ASP A 30 -3.08 -18.98 7.53
N ASP A 31 -3.86 -18.52 6.54
CA ASP A 31 -3.38 -18.30 5.16
C ASP A 31 -2.84 -16.86 4.95
N SER A 32 -1.90 -16.74 3.99
CA SER A 32 -1.23 -15.48 3.63
C SER A 32 -1.10 -15.35 2.10
N THR A 33 -0.76 -14.15 1.62
CA THR A 33 -0.62 -13.85 0.17
C THR A 33 0.45 -12.77 -0.08
N THR A 34 0.95 -12.68 -1.33
CA THR A 34 1.87 -11.61 -1.76
C THR A 34 1.17 -10.67 -2.77
N TYR A 35 1.00 -9.41 -2.38
CA TYR A 35 0.36 -8.36 -3.20
C TYR A 35 1.44 -7.48 -3.88
N THR A 36 1.42 -7.38 -5.23
CA THR A 36 2.37 -6.53 -5.97
C THR A 36 2.01 -5.02 -5.81
N VAL A 37 3.00 -4.22 -5.38
CA VAL A 37 2.82 -2.77 -5.14
C VAL A 37 2.75 -2.02 -6.50
N THR A 38 1.70 -1.22 -6.67
CA THR A 38 1.39 -0.54 -7.95
C THR A 38 1.61 0.99 -7.82
N ILE A 39 2.68 1.50 -8.46
CA ILE A 39 3.07 2.92 -8.39
C ILE A 39 2.40 3.72 -9.55
N PRO A 40 1.43 4.66 -9.25
CA PRO A 40 0.75 5.49 -10.28
C PRO A 40 1.65 6.62 -10.86
N ASP A 41 1.24 7.16 -12.02
CA ASP A 41 1.96 8.24 -12.73
C ASP A 41 1.97 9.56 -11.89
N GLY A 42 3.17 10.14 -11.69
CA GLY A 42 3.35 11.37 -10.90
C GLY A 42 3.50 11.12 -9.40
N TYR A 43 3.59 9.83 -8.99
CA TYR A 43 3.79 9.41 -7.58
C TYR A 43 5.10 8.61 -7.44
N GLU A 44 5.82 8.84 -6.33
CA GLU A 44 7.15 8.27 -6.07
C GLU A 44 7.11 7.42 -4.77
N TYR A 45 7.50 6.13 -4.84
CA TYR A 45 7.44 5.21 -3.68
C TYR A 45 8.29 5.70 -2.47
N VAL A 46 7.66 5.74 -1.27
CA VAL A 46 8.33 6.09 0.01
C VAL A 46 8.65 4.81 0.81
N GLY A 47 7.58 4.11 1.24
CA GLY A 47 7.70 2.98 2.15
C GLY A 47 6.36 2.27 2.40
N THR A 48 6.45 1.08 3.01
CA THR A 48 5.29 0.23 3.33
C THR A 48 5.19 0.01 4.85
N ASP A 49 3.97 0.14 5.40
CA ASP A 49 3.69 -0.12 6.83
C ASP A 49 2.75 -1.33 6.98
N GLY A 50 2.87 -2.04 8.11
CA GLY A 50 2.03 -3.21 8.41
C GLY A 50 2.67 -4.54 8.00
N GLY A 51 2.77 -4.77 6.68
CA GLY A 51 3.31 -6.02 6.12
C GLY A 51 4.83 -5.99 5.88
N VAL A 52 5.35 -7.06 5.25
CA VAL A 52 6.79 -7.19 4.93
C VAL A 52 7.02 -6.89 3.43
N VAL A 53 7.70 -5.77 3.13
CA VAL A 53 7.92 -5.31 1.75
C VAL A 53 9.15 -5.99 1.09
N SER A 54 9.12 -6.07 -0.25
CA SER A 54 10.24 -6.55 -1.09
C SER A 54 11.49 -5.63 -0.97
N SER A 55 12.67 -6.18 -1.35
CA SER A 55 13.95 -5.42 -1.37
C SER A 55 13.93 -4.33 -2.47
N ASP A 56 13.24 -4.64 -3.58
CA ASP A 56 13.01 -3.68 -4.69
C ASP A 56 11.74 -2.82 -4.47
N GLY A 57 10.91 -3.23 -3.49
CA GLY A 57 9.59 -2.61 -3.26
C GLY A 57 8.55 -2.97 -4.33
N LYS A 58 8.77 -4.12 -5.01
CA LYS A 58 7.88 -4.59 -6.11
C LYS A 58 6.60 -5.27 -5.57
N THR A 59 6.66 -5.80 -4.34
CA THR A 59 5.56 -6.58 -3.72
C THR A 59 5.60 -6.45 -2.17
N VAL A 60 4.56 -6.97 -1.51
CA VAL A 60 4.44 -7.00 -0.04
C VAL A 60 3.68 -8.28 0.42
N THR A 61 4.28 -9.04 1.37
CA THR A 61 3.65 -10.25 1.95
C THR A 61 2.63 -9.83 3.04
N ILE A 62 1.33 -9.97 2.72
CA ILE A 62 0.20 -9.59 3.59
C ILE A 62 -0.57 -10.83 4.08
N THR A 63 -0.87 -10.88 5.38
CA THR A 63 -1.62 -12.00 6.00
C THR A 63 -3.00 -11.51 6.51
N PHE A 64 -4.02 -12.38 6.38
CA PHE A 64 -5.42 -12.06 6.78
C PHE A 64 -5.60 -12.18 8.32
N ALA A 65 -6.35 -11.25 8.91
CA ALA A 65 -6.55 -11.21 10.38
C ALA A 65 -8.00 -10.81 10.76
N ALA A 66 -8.54 -11.47 11.81
CA ALA A 66 -9.83 -11.08 12.43
C ALA A 66 -9.67 -9.85 13.33
N ASP A 67 -8.42 -9.56 13.71
CA ASP A 67 -8.02 -8.31 14.39
C ASP A 67 -7.55 -7.27 13.32
N ASP A 68 -7.16 -6.08 13.78
CA ASP A 68 -6.68 -4.98 12.90
C ASP A 68 -5.15 -5.12 12.56
N SER A 69 -4.67 -6.37 12.55
CA SER A 69 -3.25 -6.71 12.22
C SER A 69 -3.04 -6.96 10.71
N ASP A 70 -4.15 -6.92 9.93
CA ASP A 70 -4.17 -7.23 8.48
C ASP A 70 -3.70 -6.04 7.59
N ASN A 71 -4.13 -4.81 7.95
CA ASN A 71 -4.03 -3.61 7.08
C ASN A 71 -2.57 -3.15 6.81
N VAL A 72 -2.22 -3.13 5.51
CA VAL A 72 -0.93 -2.63 4.99
C VAL A 72 -1.14 -1.30 4.22
N VAL A 73 -0.40 -0.25 4.62
CA VAL A 73 -0.51 1.10 4.03
C VAL A 73 0.76 1.47 3.21
N ILE A 74 0.57 1.73 1.90
CA ILE A 74 1.64 2.15 0.98
C ILE A 74 1.70 3.70 0.92
N HIS A 75 2.92 4.28 0.94
CA HIS A 75 3.13 5.77 0.97
C HIS A 75 3.84 6.25 -0.31
N LEU A 76 3.41 7.42 -0.86
CA LEU A 76 3.92 7.98 -2.16
C LEU A 76 4.12 9.54 -2.09
N LYS A 77 5.20 10.08 -2.66
CA LYS A 77 5.39 11.56 -2.81
C LYS A 77 4.87 12.03 -4.19
N HIS A 78 4.56 13.32 -4.33
CA HIS A 78 4.17 13.90 -5.65
C HIS A 78 5.41 14.29 -6.46
N GLY A 79 5.29 14.21 -7.80
CA GLY A 79 6.37 14.59 -8.72
C GLY A 79 6.42 16.09 -8.96
N LEU A 80 7.29 16.80 -8.22
CA LEU A 80 7.47 18.27 -8.36
C LEU A 80 8.27 18.61 -9.65
N GLU A 81 9.56 18.18 -9.69
CA GLU A 81 10.51 18.42 -10.81
C GLU A 81 10.55 19.92 -11.24
N HIS A 82 11.39 20.72 -10.55
CA HIS A 82 11.49 22.21 -10.69
C HIS A 82 10.26 22.96 -10.08
N HIS A 83 9.03 22.43 -10.26
CA HIS A 83 7.78 23.05 -9.74
C HIS A 83 7.77 23.13 -8.19
N HIS A 84 7.30 24.27 -7.67
CA HIS A 84 7.20 24.53 -6.21
C HIS A 84 5.73 24.47 -5.73
N HIS A 85 5.50 23.94 -4.51
CA HIS A 85 4.16 23.88 -3.85
C HIS A 85 4.25 24.26 -2.36
N HIS A 86 3.07 24.54 -1.75
CA HIS A 86 2.91 24.84 -0.29
C HIS A 86 3.57 26.20 0.12
N HIS A 87 3.86 27.06 -0.88
CA HIS A 87 4.49 28.40 -0.66
C HIS A 87 4.36 29.27 -1.93
N MET A 1 -13.67 -17.29 10.88
CA MET A 1 -14.80 -17.32 9.91
C MET A 1 -14.28 -17.11 8.46
N ASP A 2 -13.84 -15.88 8.16
CA ASP A 2 -13.32 -15.47 6.83
C ASP A 2 -12.67 -14.06 6.97
N GLU A 3 -11.34 -14.04 7.12
CA GLU A 3 -10.60 -12.81 7.52
C GLU A 3 -10.14 -12.03 6.27
N ASP A 4 -10.21 -10.69 6.34
CA ASP A 4 -9.79 -9.80 5.24
C ASP A 4 -8.62 -8.88 5.67
N ALA A 5 -7.83 -8.43 4.69
CA ALA A 5 -6.69 -7.50 4.91
C ALA A 5 -6.72 -6.38 3.82
N THR A 6 -6.57 -5.11 4.25
CA THR A 6 -6.81 -3.93 3.39
C THR A 6 -5.48 -3.18 3.09
N ILE A 7 -5.29 -2.78 1.83
CA ILE A 7 -4.09 -2.03 1.37
C ILE A 7 -4.49 -0.58 1.00
N THR A 8 -3.98 0.40 1.75
CA THR A 8 -4.32 1.83 1.56
C THR A 8 -3.10 2.63 1.06
N TYR A 9 -3.17 3.12 -0.20
CA TYR A 9 -2.16 4.05 -0.77
C TYR A 9 -2.41 5.49 -0.25
N VAL A 10 -1.33 6.19 0.14
CA VAL A 10 -1.40 7.58 0.67
C VAL A 10 -0.24 8.46 0.12
N ASP A 11 -0.49 9.77 -0.12
CA ASP A 11 0.52 10.72 -0.66
C ASP A 11 1.03 11.69 0.43
N ASP A 12 2.36 11.76 0.58
CA ASP A 12 3.06 12.59 1.58
C ASP A 12 2.86 14.10 1.32
N ASP A 13 2.87 14.48 0.03
CA ASP A 13 2.71 15.90 -0.40
C ASP A 13 1.23 16.38 -0.36
N LYS A 14 0.31 15.48 0.06
CA LYS A 14 -1.10 15.83 0.29
C LYS A 14 -1.46 15.60 1.79
N GLY A 15 -0.42 15.52 2.66
CA GLY A 15 -0.61 15.30 4.11
C GLY A 15 -1.05 13.87 4.47
N GLY A 16 -0.52 12.88 3.74
CA GLY A 16 -0.86 11.46 3.94
C GLY A 16 -2.30 11.11 3.51
N ALA A 17 -2.80 11.80 2.46
CA ALA A 17 -4.19 11.59 1.95
C ALA A 17 -4.28 10.40 0.97
N GLN A 18 -5.43 9.71 0.96
CA GLN A 18 -5.64 8.47 0.17
C GLN A 18 -5.51 8.72 -1.36
N VAL A 19 -4.61 7.94 -2.00
CA VAL A 19 -4.39 7.96 -3.46
C VAL A 19 -5.30 6.91 -4.13
N GLY A 20 -6.30 7.38 -4.89
CA GLY A 20 -7.23 6.51 -5.60
C GLY A 20 -8.23 5.79 -4.67
N ASP A 21 -7.99 4.49 -4.44
CA ASP A 21 -8.93 3.62 -3.70
C ASP A 21 -8.18 2.50 -2.93
N ILE A 22 -8.82 1.98 -1.86
CA ILE A 22 -8.27 0.90 -1.00
C ILE A 22 -8.51 -0.50 -1.65
N VAL A 23 -7.49 -1.38 -1.55
CA VAL A 23 -7.53 -2.75 -2.10
C VAL A 23 -7.74 -3.79 -0.96
N THR A 24 -8.95 -4.32 -0.81
CA THR A 24 -9.25 -5.37 0.20
C THR A 24 -9.16 -6.78 -0.42
N VAL A 25 -8.54 -7.74 0.31
CA VAL A 25 -8.47 -9.17 -0.07
C VAL A 25 -9.06 -10.06 1.06
N THR A 26 -9.82 -11.13 0.70
CA THR A 26 -10.54 -11.99 1.69
C THR A 26 -10.09 -13.47 1.59
N GLY A 27 -9.85 -14.10 2.76
CA GLY A 27 -9.40 -15.49 2.86
C GLY A 27 -9.43 -15.99 4.31
N LYS A 28 -8.35 -16.66 4.77
CA LYS A 28 -8.24 -17.18 6.18
C LYS A 28 -6.85 -16.87 6.77
N THR A 29 -6.79 -16.73 8.12
CA THR A 29 -5.53 -16.44 8.88
C THR A 29 -4.43 -17.51 8.66
N ASP A 30 -4.84 -18.77 8.39
CA ASP A 30 -3.92 -19.92 8.18
C ASP A 30 -2.99 -19.73 6.95
N ASP A 31 -3.50 -19.04 5.91
CA ASP A 31 -2.76 -18.81 4.64
C ASP A 31 -2.45 -17.31 4.42
N SER A 32 -1.39 -17.06 3.67
CA SER A 32 -0.93 -15.68 3.31
C SER A 32 -1.02 -15.44 1.79
N THR A 33 -1.29 -14.17 1.41
CA THR A 33 -1.29 -13.70 0.00
C THR A 33 -0.18 -12.65 -0.23
N THR A 34 0.54 -12.73 -1.37
CA THR A 34 1.59 -11.74 -1.72
C THR A 34 1.04 -10.76 -2.77
N TYR A 35 0.81 -9.51 -2.35
CA TYR A 35 0.20 -8.45 -3.19
C TYR A 35 1.29 -7.64 -3.94
N THR A 36 1.08 -7.43 -5.25
CA THR A 36 2.00 -6.62 -6.09
C THR A 36 1.67 -5.10 -5.96
N VAL A 37 2.66 -4.29 -5.57
CA VAL A 37 2.50 -2.85 -5.32
C VAL A 37 2.41 -2.07 -6.67
N THR A 38 1.34 -1.26 -6.83
CA THR A 38 1.00 -0.57 -8.08
C THR A 38 1.15 0.96 -7.91
N ILE A 39 2.22 1.53 -8.49
CA ILE A 39 2.55 2.98 -8.32
C ILE A 39 1.89 3.82 -9.47
N PRO A 40 0.87 4.69 -9.15
CA PRO A 40 0.17 5.53 -10.17
C PRO A 40 1.01 6.74 -10.69
N ASP A 41 0.57 7.30 -11.84
CA ASP A 41 1.25 8.43 -12.52
C ASP A 41 1.28 9.72 -11.65
N GLY A 42 2.47 10.34 -11.55
CA GLY A 42 2.69 11.54 -10.72
C GLY A 42 3.24 11.21 -9.32
N TYR A 43 3.05 9.96 -8.88
CA TYR A 43 3.46 9.49 -7.53
C TYR A 43 4.67 8.52 -7.63
N GLU A 44 5.33 8.30 -6.49
CA GLU A 44 6.59 7.53 -6.39
C GLU A 44 6.66 6.85 -5.00
N TYR A 45 7.19 5.60 -4.97
CA TYR A 45 7.19 4.76 -3.76
C TYR A 45 8.17 5.26 -2.65
N VAL A 46 7.67 5.37 -1.40
CA VAL A 46 8.50 5.69 -0.21
C VAL A 46 8.76 4.41 0.62
N GLY A 47 7.68 3.80 1.15
CA GLY A 47 7.78 2.69 2.10
C GLY A 47 6.44 2.00 2.37
N THR A 48 6.43 1.05 3.32
CA THR A 48 5.25 0.23 3.67
C THR A 48 5.06 0.15 5.19
N ASP A 49 3.80 0.25 5.65
CA ASP A 49 3.44 0.19 7.08
C ASP A 49 2.41 -0.97 7.33
N GLY A 50 2.90 -2.10 7.87
CA GLY A 50 2.09 -3.34 8.01
C GLY A 50 2.55 -4.44 7.05
N GLY A 51 2.42 -5.72 7.46
CA GLY A 51 2.90 -6.86 6.65
C GLY A 51 4.43 -6.97 6.55
N VAL A 52 4.93 -7.77 5.58
CA VAL A 52 6.38 -7.92 5.30
C VAL A 52 6.67 -7.49 3.85
N VAL A 53 7.33 -6.33 3.68
CA VAL A 53 7.61 -5.75 2.33
C VAL A 53 8.95 -6.29 1.74
N SER A 54 9.01 -6.34 0.39
CA SER A 54 10.25 -6.60 -0.36
C SER A 54 11.21 -5.39 -0.25
N SER A 55 12.53 -5.67 -0.32
CA SER A 55 13.59 -4.62 -0.33
C SER A 55 13.45 -3.67 -1.55
N ASP A 56 12.91 -4.19 -2.66
CA ASP A 56 12.66 -3.43 -3.90
C ASP A 56 11.34 -2.62 -3.84
N GLY A 57 10.43 -3.01 -2.90
CA GLY A 57 9.08 -2.42 -2.82
C GLY A 57 8.15 -2.86 -3.96
N LYS A 58 8.47 -4.00 -4.58
CA LYS A 58 7.69 -4.58 -5.71
C LYS A 58 6.47 -5.39 -5.23
N THR A 59 6.62 -6.07 -4.08
CA THR A 59 5.61 -7.00 -3.51
C THR A 59 5.62 -6.94 -1.96
N VAL A 60 4.45 -7.15 -1.33
CA VAL A 60 4.32 -7.24 0.15
C VAL A 60 3.65 -8.58 0.52
N THR A 61 4.32 -9.40 1.37
CA THR A 61 3.72 -10.60 1.99
C THR A 61 2.70 -10.18 3.07
N ILE A 62 1.42 -10.42 2.77
CA ILE A 62 0.28 -10.09 3.65
C ILE A 62 -0.39 -11.38 4.14
N THR A 63 -0.92 -11.38 5.37
CA THR A 63 -1.73 -12.51 5.90
C THR A 63 -3.11 -11.98 6.31
N PHE A 64 -4.17 -12.77 6.10
CA PHE A 64 -5.55 -12.33 6.39
C PHE A 64 -5.77 -12.18 7.93
N ALA A 65 -5.99 -10.93 8.38
CA ALA A 65 -6.03 -10.57 9.81
C ALA A 65 -7.24 -9.68 10.13
N ALA A 66 -7.87 -9.90 11.29
CA ALA A 66 -9.04 -9.10 11.73
C ALA A 66 -8.65 -7.75 12.40
N ASP A 67 -7.39 -7.28 12.17
CA ASP A 67 -6.86 -6.01 12.72
C ASP A 67 -5.79 -5.40 11.76
N ASP A 68 -5.13 -4.31 12.21
CA ASP A 68 -4.22 -3.50 11.36
C ASP A 68 -2.78 -4.06 11.23
N SER A 69 -2.48 -5.20 11.88
CA SER A 69 -1.13 -5.86 11.80
C SER A 69 -0.69 -6.16 10.34
N ASP A 70 -1.67 -6.55 9.50
CA ASP A 70 -1.45 -6.91 8.09
C ASP A 70 -2.24 -5.99 7.12
N ASN A 71 -2.90 -4.94 7.67
CA ASN A 71 -3.47 -3.85 6.84
C ASN A 71 -2.32 -2.93 6.38
N VAL A 72 -1.93 -3.09 5.12
CA VAL A 72 -0.70 -2.51 4.55
C VAL A 72 -0.95 -1.09 4.02
N VAL A 73 -0.25 -0.10 4.58
CA VAL A 73 -0.33 1.30 4.14
C VAL A 73 0.90 1.64 3.27
N ILE A 74 0.67 1.75 1.94
CA ILE A 74 1.75 2.08 0.98
C ILE A 74 1.92 3.61 0.94
N HIS A 75 3.06 4.08 1.45
CA HIS A 75 3.39 5.51 1.48
C HIS A 75 4.02 5.95 0.14
N LEU A 76 3.50 7.04 -0.41
CA LEU A 76 3.93 7.61 -1.70
C LEU A 76 4.32 9.08 -1.53
N LYS A 77 4.96 9.65 -2.57
CA LYS A 77 5.27 11.08 -2.67
C LYS A 77 5.32 11.47 -4.16
N HIS A 78 5.33 12.77 -4.47
CA HIS A 78 5.42 13.22 -5.87
C HIS A 78 6.83 12.99 -6.45
N GLY A 79 6.90 12.12 -7.48
CA GLY A 79 8.16 11.82 -8.20
C GLY A 79 8.08 12.23 -9.66
N LEU A 80 7.04 13.01 -9.97
CA LEU A 80 6.75 13.56 -11.31
C LEU A 80 5.83 14.81 -11.14
N GLU A 81 6.16 15.89 -11.86
CA GLU A 81 5.34 17.14 -11.86
C GLU A 81 4.02 16.91 -12.66
N HIS A 82 2.98 17.74 -12.37
CA HIS A 82 1.65 17.62 -13.02
C HIS A 82 1.72 17.90 -14.55
N HIS A 83 2.04 16.84 -15.31
CA HIS A 83 2.04 16.84 -16.79
C HIS A 83 1.07 15.74 -17.27
N HIS A 84 -0.03 16.16 -17.94
CA HIS A 84 -1.14 15.25 -18.28
C HIS A 84 -1.94 15.75 -19.51
N HIS A 85 -2.12 14.85 -20.50
CA HIS A 85 -2.97 15.09 -21.70
C HIS A 85 -4.39 14.50 -21.49
N HIS A 86 -4.43 13.28 -20.93
CA HIS A 86 -5.69 12.57 -20.59
C HIS A 86 -5.79 12.35 -19.05
N HIS A 87 -7.04 12.21 -18.52
CA HIS A 87 -7.28 11.98 -17.08
C HIS A 87 -7.75 10.53 -16.83
N MET A 1 -14.39 -19.21 8.86
CA MET A 1 -14.03 -17.78 9.14
C MET A 1 -12.94 -17.27 8.16
N ASP A 2 -13.27 -17.17 6.86
CA ASP A 2 -12.35 -16.63 5.83
C ASP A 2 -12.17 -15.10 6.04
N GLU A 3 -10.94 -14.68 6.42
CA GLU A 3 -10.66 -13.28 6.80
C GLU A 3 -10.05 -12.48 5.63
N ASP A 4 -10.27 -11.16 5.66
CA ASP A 4 -9.80 -10.23 4.61
C ASP A 4 -8.76 -9.22 5.16
N ALA A 5 -8.06 -8.56 4.21
CA ALA A 5 -7.01 -7.57 4.49
C ALA A 5 -7.06 -6.45 3.43
N THR A 6 -7.04 -5.19 3.88
CA THR A 6 -7.14 -4.00 2.97
C THR A 6 -5.76 -3.36 2.74
N ILE A 7 -5.55 -2.80 1.53
CA ILE A 7 -4.32 -2.07 1.16
C ILE A 7 -4.70 -0.59 0.87
N THR A 8 -4.15 0.34 1.66
CA THR A 8 -4.45 1.79 1.58
C THR A 8 -3.24 2.58 1.03
N TYR A 9 -3.37 3.07 -0.22
CA TYR A 9 -2.37 4.00 -0.81
C TYR A 9 -2.57 5.43 -0.26
N VAL A 10 -1.47 6.06 0.19
CA VAL A 10 -1.50 7.43 0.79
C VAL A 10 -0.42 8.33 0.15
N ASP A 11 -0.62 9.65 0.25
CA ASP A 11 0.34 10.67 -0.26
C ASP A 11 0.88 11.50 0.92
N ASP A 12 2.08 11.13 1.38
CA ASP A 12 2.80 11.76 2.50
C ASP A 12 3.14 13.26 2.24
N ASP A 13 3.15 13.67 0.96
CA ASP A 13 3.33 15.08 0.53
C ASP A 13 2.18 15.97 1.08
N LYS A 14 0.98 15.35 1.27
CA LYS A 14 -0.22 16.03 1.82
C LYS A 14 -0.68 15.34 3.14
N GLY A 15 0.29 14.78 3.88
CA GLY A 15 0.04 14.15 5.20
C GLY A 15 -0.79 12.87 5.13
N GLY A 16 -0.51 12.02 4.12
CA GLY A 16 -1.21 10.74 3.96
C GLY A 16 -2.59 10.85 3.26
N ALA A 17 -2.65 11.62 2.16
CA ALA A 17 -3.89 11.76 1.33
C ALA A 17 -4.11 10.51 0.44
N GLN A 18 -5.30 9.88 0.54
CA GLN A 18 -5.58 8.59 -0.16
C GLN A 18 -5.44 8.72 -1.70
N VAL A 19 -4.59 7.85 -2.28
CA VAL A 19 -4.30 7.83 -3.72
C VAL A 19 -5.11 6.70 -4.40
N GLY A 20 -6.07 7.08 -5.27
CA GLY A 20 -6.90 6.12 -6.01
C GLY A 20 -7.98 5.42 -5.15
N ASP A 21 -7.79 4.11 -4.90
CA ASP A 21 -8.83 3.25 -4.26
C ASP A 21 -8.18 2.19 -3.31
N ILE A 22 -8.98 1.69 -2.35
CA ILE A 22 -8.55 0.67 -1.36
C ILE A 22 -8.70 -0.76 -1.94
N VAL A 23 -7.67 -1.61 -1.76
CA VAL A 23 -7.65 -2.99 -2.31
C VAL A 23 -7.92 -4.03 -1.20
N THR A 24 -9.14 -4.61 -1.19
CA THR A 24 -9.48 -5.71 -0.24
C THR A 24 -9.20 -7.08 -0.88
N VAL A 25 -8.42 -7.92 -0.18
CA VAL A 25 -8.13 -9.33 -0.60
C VAL A 25 -8.56 -10.31 0.53
N THR A 26 -9.05 -11.52 0.16
CA THR A 26 -9.56 -12.53 1.13
C THR A 26 -8.66 -13.78 1.21
N GLY A 27 -8.66 -14.44 2.39
CA GLY A 27 -7.79 -15.58 2.66
C GLY A 27 -7.92 -16.14 4.10
N LYS A 28 -6.78 -16.41 4.75
CA LYS A 28 -6.74 -17.20 6.01
C LYS A 28 -5.85 -16.52 7.08
N THR A 29 -6.32 -16.53 8.36
CA THR A 29 -5.61 -15.95 9.54
C THR A 29 -4.09 -16.26 9.58
N ASP A 30 -3.75 -17.54 9.45
CA ASP A 30 -2.35 -18.02 9.50
C ASP A 30 -1.57 -17.71 8.20
N ASP A 31 -2.27 -17.72 7.05
CA ASP A 31 -1.62 -17.55 5.72
C ASP A 31 -1.42 -16.06 5.35
N SER A 32 -0.32 -15.79 4.63
CA SER A 32 -0.05 -14.47 4.02
C SER A 32 -0.25 -14.55 2.49
N THR A 33 -0.88 -13.52 1.92
CA THR A 33 -1.08 -13.38 0.44
C THR A 33 0.00 -12.46 -0.18
N THR A 34 0.19 -12.53 -1.52
CA THR A 34 1.11 -11.60 -2.24
C THR A 34 0.29 -10.66 -3.16
N TYR A 35 0.28 -9.36 -2.81
CA TYR A 35 -0.30 -8.29 -3.66
C TYR A 35 0.84 -7.41 -4.21
N THR A 36 0.90 -7.23 -5.54
CA THR A 36 1.90 -6.35 -6.19
C THR A 36 1.48 -4.87 -6.09
N VAL A 37 2.45 -4.01 -5.74
CA VAL A 37 2.23 -2.56 -5.57
C VAL A 37 2.10 -1.88 -6.95
N THR A 38 1.00 -1.13 -7.14
CA THR A 38 0.70 -0.42 -8.39
C THR A 38 0.97 1.09 -8.19
N ILE A 39 2.07 1.59 -8.75
CA ILE A 39 2.47 3.02 -8.66
C ILE A 39 1.80 3.85 -9.78
N PRO A 40 0.87 4.80 -9.43
CA PRO A 40 0.27 5.72 -10.43
C PRO A 40 1.24 6.87 -10.85
N ASP A 41 1.01 7.43 -12.05
CA ASP A 41 1.85 8.50 -12.62
C ASP A 41 1.78 9.81 -11.77
N GLY A 42 2.95 10.43 -11.54
CA GLY A 42 3.04 11.67 -10.72
C GLY A 42 3.39 11.40 -9.25
N TYR A 43 3.04 10.19 -8.76
CA TYR A 43 3.31 9.75 -7.37
C TYR A 43 4.57 8.85 -7.33
N GLU A 44 5.35 8.98 -6.25
CA GLU A 44 6.66 8.30 -6.10
C GLU A 44 6.67 7.48 -4.79
N TYR A 45 7.14 6.21 -4.89
CA TYR A 45 7.12 5.23 -3.78
C TYR A 45 8.07 5.62 -2.62
N VAL A 46 7.50 5.87 -1.43
CA VAL A 46 8.27 6.12 -0.18
C VAL A 46 8.70 4.76 0.43
N GLY A 47 7.69 3.90 0.67
CA GLY A 47 7.89 2.63 1.35
C GLY A 47 6.56 1.97 1.74
N THR A 48 6.64 0.89 2.54
CA THR A 48 5.45 0.13 3.01
C THR A 48 5.46 0.01 4.55
N ASP A 49 4.29 0.26 5.16
CA ASP A 49 4.10 0.15 6.61
C ASP A 49 2.96 -0.87 6.90
N GLY A 50 3.27 -1.94 7.65
CA GLY A 50 2.34 -3.07 7.86
C GLY A 50 2.65 -4.26 6.96
N GLY A 51 2.36 -5.49 7.44
CA GLY A 51 2.72 -6.72 6.71
C GLY A 51 4.24 -6.92 6.58
N VAL A 52 4.66 -7.68 5.55
CA VAL A 52 6.09 -7.85 5.19
C VAL A 52 6.28 -7.48 3.70
N VAL A 53 6.93 -6.34 3.42
CA VAL A 53 7.21 -5.93 2.03
C VAL A 53 8.38 -6.77 1.44
N SER A 54 8.30 -7.07 0.14
CA SER A 54 9.35 -7.80 -0.62
C SER A 54 10.71 -7.06 -0.57
N SER A 55 11.81 -7.83 -0.75
CA SER A 55 13.19 -7.26 -0.80
C SER A 55 13.38 -6.34 -2.03
N ASP A 56 12.56 -6.55 -3.08
CA ASP A 56 12.53 -5.70 -4.29
C ASP A 56 11.69 -4.41 -4.07
N GLY A 57 10.80 -4.45 -3.04
CA GLY A 57 9.80 -3.38 -2.81
C GLY A 57 8.65 -3.36 -3.83
N LYS A 58 8.65 -4.35 -4.76
CA LYS A 58 7.65 -4.44 -5.85
C LYS A 58 6.31 -5.03 -5.36
N THR A 59 6.39 -6.02 -4.45
CA THR A 59 5.20 -6.69 -3.86
C THR A 59 5.18 -6.53 -2.32
N VAL A 60 4.01 -6.76 -1.72
CA VAL A 60 3.84 -6.83 -0.24
C VAL A 60 3.09 -8.14 0.11
N THR A 61 3.60 -8.89 1.09
CA THR A 61 2.91 -10.06 1.64
C THR A 61 2.06 -9.65 2.87
N ILE A 62 0.72 -9.61 2.70
CA ILE A 62 -0.22 -9.17 3.77
C ILE A 62 -0.84 -10.40 4.45
N THR A 63 -0.79 -10.45 5.79
CA THR A 63 -1.41 -11.56 6.56
C THR A 63 -2.79 -11.10 7.11
N PHE A 64 -3.79 -12.00 7.05
CA PHE A 64 -5.21 -11.65 7.31
C PHE A 64 -5.54 -11.62 8.83
N ALA A 65 -6.32 -10.60 9.25
CA ALA A 65 -6.76 -10.43 10.65
C ALA A 65 -8.23 -9.96 10.72
N ALA A 66 -8.95 -10.38 11.78
CA ALA A 66 -10.33 -9.91 12.08
C ALA A 66 -10.33 -8.45 12.61
N ASP A 67 -9.19 -8.03 13.17
CA ASP A 67 -8.99 -6.66 13.71
C ASP A 67 -8.56 -5.69 12.61
N ASP A 68 -8.50 -4.39 12.96
CA ASP A 68 -8.01 -3.30 12.08
C ASP A 68 -6.44 -3.21 12.10
N SER A 69 -5.78 -4.34 12.40
CA SER A 69 -4.32 -4.52 12.22
C SER A 69 -3.99 -5.15 10.85
N ASP A 70 -5.04 -5.60 10.13
CA ASP A 70 -4.94 -6.28 8.81
C ASP A 70 -4.33 -5.36 7.72
N ASN A 71 -4.72 -4.07 7.78
CA ASN A 71 -4.51 -3.10 6.70
C ASN A 71 -3.04 -2.59 6.60
N VAL A 72 -2.51 -2.66 5.37
CA VAL A 72 -1.15 -2.18 5.04
C VAL A 72 -1.23 -0.80 4.36
N VAL A 73 -0.45 0.16 4.87
CA VAL A 73 -0.38 1.53 4.34
C VAL A 73 0.80 1.65 3.35
N ILE A 74 0.50 1.75 2.04
CA ILE A 74 1.52 1.99 1.00
C ILE A 74 1.74 3.51 0.86
N HIS A 75 2.96 3.96 1.19
CA HIS A 75 3.31 5.39 1.24
C HIS A 75 3.84 5.90 -0.12
N LEU A 76 3.29 7.05 -0.57
CA LEU A 76 3.68 7.74 -1.83
C LEU A 76 3.95 9.24 -1.55
N LYS A 77 4.57 9.94 -2.51
CA LYS A 77 4.83 11.40 -2.40
C LYS A 77 5.02 12.00 -3.80
N HIS A 78 4.69 13.29 -3.98
CA HIS A 78 4.85 13.97 -5.29
C HIS A 78 6.36 14.24 -5.57
N GLY A 79 6.86 13.69 -6.69
CA GLY A 79 8.29 13.76 -7.03
C GLY A 79 8.57 13.30 -8.46
N LEU A 80 9.52 13.99 -9.14
CA LEU A 80 9.80 13.81 -10.60
C LEU A 80 8.51 14.14 -11.41
N GLU A 81 7.86 15.26 -11.01
CA GLU A 81 6.52 15.64 -11.48
C GLU A 81 6.58 16.27 -12.89
N HIS A 82 5.55 16.00 -13.70
CA HIS A 82 5.53 16.24 -15.15
C HIS A 82 4.97 17.64 -15.50
N HIS A 83 5.37 18.20 -16.66
CA HIS A 83 4.82 19.49 -17.16
C HIS A 83 3.40 19.26 -17.75
N HIS A 84 2.45 20.15 -17.37
CA HIS A 84 1.00 20.05 -17.76
C HIS A 84 0.38 18.74 -17.17
N HIS A 85 0.83 18.37 -15.95
CA HIS A 85 0.41 17.13 -15.25
C HIS A 85 -1.06 17.21 -14.73
N HIS A 86 -1.84 16.13 -15.03
CA HIS A 86 -3.18 15.81 -14.44
C HIS A 86 -4.02 17.06 -13.99
N HIS A 87 -4.84 17.59 -14.92
CA HIS A 87 -5.67 18.79 -14.67
C HIS A 87 -6.77 18.52 -13.61
N MET A 1 -14.71 -17.62 9.66
CA MET A 1 -13.29 -17.51 10.10
C MET A 1 -12.38 -16.87 9.02
N ASP A 2 -13.00 -16.25 8.02
CA ASP A 2 -12.30 -15.54 6.92
C ASP A 2 -12.27 -14.01 7.19
N GLU A 3 -11.05 -13.46 7.34
CA GLU A 3 -10.82 -12.02 7.60
C GLU A 3 -10.62 -11.24 6.28
N ASP A 4 -10.74 -9.89 6.34
CA ASP A 4 -10.53 -8.99 5.19
C ASP A 4 -9.41 -7.95 5.49
N ALA A 5 -8.59 -7.66 4.45
CA ALA A 5 -7.44 -6.74 4.55
C ALA A 5 -7.47 -5.70 3.42
N THR A 6 -7.16 -4.44 3.75
CA THR A 6 -7.26 -3.29 2.81
C THR A 6 -5.88 -2.68 2.51
N ILE A 7 -5.56 -2.52 1.20
CA ILE A 7 -4.35 -1.80 0.76
C ILE A 7 -4.71 -0.34 0.50
N THR A 8 -4.17 0.57 1.32
CA THR A 8 -4.53 1.99 1.34
C THR A 8 -3.36 2.84 0.81
N TYR A 9 -3.45 3.30 -0.45
CA TYR A 9 -2.48 4.25 -1.02
C TYR A 9 -2.78 5.67 -0.49
N VAL A 10 -1.80 6.27 0.20
CA VAL A 10 -1.94 7.62 0.76
C VAL A 10 -0.90 8.59 0.18
N ASP A 11 -1.31 9.84 -0.01
CA ASP A 11 -0.43 10.91 -0.46
C ASP A 11 0.40 11.40 0.75
N ASP A 12 1.56 10.78 0.96
CA ASP A 12 2.54 11.12 2.02
C ASP A 12 3.00 12.59 1.94
N ASP A 13 3.05 13.12 0.70
CA ASP A 13 3.37 14.55 0.43
C ASP A 13 2.28 15.50 1.01
N LYS A 14 1.07 14.95 1.23
CA LYS A 14 -0.10 15.70 1.75
C LYS A 14 -0.49 15.19 3.16
N GLY A 15 0.47 14.56 3.87
CA GLY A 15 0.27 14.03 5.25
C GLY A 15 -0.74 12.88 5.35
N GLY A 16 -0.91 12.13 4.25
CA GLY A 16 -1.85 10.98 4.21
C GLY A 16 -3.23 11.35 3.66
N ALA A 17 -3.47 11.01 2.37
CA ALA A 17 -4.78 11.24 1.69
C ALA A 17 -5.05 10.10 0.68
N GLN A 18 -6.28 9.54 0.68
CA GLN A 18 -6.62 8.36 -0.15
C GLN A 18 -6.51 8.65 -1.67
N VAL A 19 -5.59 7.93 -2.33
CA VAL A 19 -5.26 8.06 -3.77
C VAL A 19 -5.42 6.68 -4.48
N GLY A 20 -5.88 6.70 -5.74
CA GLY A 20 -5.96 5.49 -6.57
C GLY A 20 -7.04 4.49 -6.13
N ASP A 21 -6.60 3.30 -5.64
CA ASP A 21 -7.52 2.19 -5.26
C ASP A 21 -7.37 1.76 -3.78
N ILE A 22 -8.50 1.35 -3.19
CA ILE A 22 -8.55 0.56 -1.94
C ILE A 22 -8.70 -0.93 -2.31
N VAL A 23 -7.66 -1.75 -2.06
CA VAL A 23 -7.64 -3.17 -2.51
C VAL A 23 -7.99 -4.10 -1.33
N THR A 24 -9.24 -4.59 -1.30
CA THR A 24 -9.76 -5.47 -0.21
C THR A 24 -9.65 -6.96 -0.63
N VAL A 25 -8.77 -7.70 0.04
CA VAL A 25 -8.61 -9.16 -0.17
C VAL A 25 -9.17 -9.94 1.05
N THR A 26 -9.63 -11.20 0.82
CA THR A 26 -10.21 -12.04 1.91
C THR A 26 -9.47 -13.39 2.04
N GLY A 27 -9.39 -13.91 3.28
CA GLY A 27 -8.75 -15.20 3.59
C GLY A 27 -8.63 -15.46 5.09
N LYS A 28 -8.23 -16.68 5.49
CA LYS A 28 -8.12 -17.08 6.91
C LYS A 28 -6.70 -16.81 7.43
N THR A 29 -6.55 -16.74 8.77
CA THR A 29 -5.25 -16.48 9.42
C THR A 29 -4.09 -17.44 9.03
N ASP A 30 -4.45 -18.68 8.65
CA ASP A 30 -3.48 -19.71 8.20
C ASP A 30 -2.95 -19.41 6.78
N ASP A 31 -3.77 -18.72 5.98
CA ASP A 31 -3.47 -18.38 4.58
C ASP A 31 -2.74 -17.01 4.48
N SER A 32 -1.65 -16.99 3.71
CA SER A 32 -0.91 -15.76 3.35
C SER A 32 -0.92 -15.58 1.82
N THR A 33 -1.10 -14.34 1.39
CA THR A 33 -1.14 -13.96 -0.05
C THR A 33 -0.13 -12.83 -0.34
N THR A 34 0.23 -12.61 -1.61
CA THR A 34 1.22 -11.58 -1.99
C THR A 34 0.63 -10.62 -3.07
N TYR A 35 0.44 -9.35 -2.67
CA TYR A 35 -0.09 -8.28 -3.53
C TYR A 35 1.08 -7.53 -4.23
N THR A 36 0.94 -7.25 -5.55
CA THR A 36 1.91 -6.43 -6.29
C THR A 36 1.53 -4.93 -6.23
N VAL A 37 2.43 -4.12 -5.64
CA VAL A 37 2.20 -2.69 -5.39
C VAL A 37 2.31 -1.87 -6.71
N THR A 38 1.27 -1.09 -7.01
CA THR A 38 1.12 -0.34 -8.28
C THR A 38 1.20 1.18 -8.00
N ILE A 39 2.36 1.79 -8.31
CA ILE A 39 2.60 3.23 -8.08
C ILE A 39 2.15 4.06 -9.32
N PRO A 40 1.15 5.01 -9.16
CA PRO A 40 0.75 5.94 -10.26
C PRO A 40 1.91 6.88 -10.67
N ASP A 41 2.10 7.06 -12.00
CA ASP A 41 3.19 7.91 -12.55
C ASP A 41 2.98 9.41 -12.16
N GLY A 42 4.08 10.07 -11.76
CA GLY A 42 4.02 11.41 -11.16
C GLY A 42 4.22 11.39 -9.64
N TYR A 43 3.98 10.21 -9.03
CA TYR A 43 4.20 9.95 -7.59
C TYR A 43 5.44 9.06 -7.41
N GLU A 44 6.18 9.27 -6.30
CA GLU A 44 7.37 8.45 -5.97
C GLU A 44 7.09 7.57 -4.72
N TYR A 45 7.53 6.32 -4.79
CA TYR A 45 7.42 5.34 -3.69
C TYR A 45 8.30 5.76 -2.48
N VAL A 46 7.66 6.21 -1.38
CA VAL A 46 8.38 6.59 -0.13
C VAL A 46 8.68 5.31 0.69
N GLY A 47 7.68 4.43 0.75
CA GLY A 47 7.82 3.14 1.45
C GLY A 47 6.48 2.48 1.77
N THR A 48 6.55 1.34 2.46
CA THR A 48 5.38 0.55 2.90
C THR A 48 5.24 0.58 4.43
N ASP A 49 3.99 0.66 4.91
CA ASP A 49 3.66 0.59 6.34
C ASP A 49 2.62 -0.53 6.57
N GLY A 50 2.96 -1.56 7.38
CA GLY A 50 2.07 -2.73 7.58
C GLY A 50 2.36 -3.88 6.63
N GLY A 51 2.02 -5.13 7.03
CA GLY A 51 2.33 -6.32 6.24
C GLY A 51 3.82 -6.69 6.21
N VAL A 52 4.27 -7.36 5.13
CA VAL A 52 5.71 -7.68 4.91
C VAL A 52 6.15 -7.22 3.51
N VAL A 53 6.93 -6.13 3.43
CA VAL A 53 7.44 -5.60 2.14
C VAL A 53 8.73 -6.34 1.70
N SER A 54 8.81 -6.66 0.41
CA SER A 54 9.98 -7.33 -0.21
C SER A 54 11.13 -6.31 -0.48
N SER A 55 12.32 -6.84 -0.84
CA SER A 55 13.59 -6.05 -0.96
C SER A 55 13.49 -4.87 -1.95
N ASP A 56 12.90 -5.11 -3.14
CA ASP A 56 12.79 -4.09 -4.22
C ASP A 56 11.46 -3.27 -4.07
N GLY A 57 10.62 -3.64 -3.07
CA GLY A 57 9.38 -2.90 -2.76
C GLY A 57 8.22 -3.10 -3.77
N LYS A 58 8.40 -4.04 -4.70
CA LYS A 58 7.40 -4.34 -5.77
C LYS A 58 6.20 -5.15 -5.25
N THR A 59 6.42 -5.96 -4.20
CA THR A 59 5.40 -6.87 -3.63
C THR A 59 5.37 -6.81 -2.08
N VAL A 60 4.15 -6.88 -1.50
CA VAL A 60 3.93 -6.96 -0.04
C VAL A 60 3.04 -8.18 0.30
N THR A 61 3.51 -9.04 1.22
CA THR A 61 2.75 -10.17 1.75
C THR A 61 1.66 -9.69 2.75
N ILE A 62 0.43 -10.10 2.47
CA ILE A 62 -0.73 -9.90 3.35
C ILE A 62 -1.03 -11.23 4.09
N THR A 63 -0.88 -11.27 5.42
CA THR A 63 -1.26 -12.46 6.22
C THR A 63 -2.31 -12.07 7.26
N PHE A 64 -3.50 -12.66 7.15
CA PHE A 64 -4.70 -12.27 7.93
C PHE A 64 -4.53 -12.65 9.42
N ALA A 65 -5.06 -11.80 10.31
CA ALA A 65 -4.93 -12.01 11.77
C ALA A 65 -6.08 -11.32 12.56
N ALA A 66 -6.35 -11.83 13.78
CA ALA A 66 -7.25 -11.16 14.77
C ALA A 66 -6.73 -9.77 15.17
N ASP A 67 -5.41 -9.54 14.97
CA ASP A 67 -4.77 -8.21 15.05
C ASP A 67 -4.63 -7.64 13.62
N ASP A 68 -5.07 -6.38 13.40
CA ASP A 68 -5.08 -5.74 12.05
C ASP A 68 -3.63 -5.35 11.57
N SER A 69 -2.85 -6.38 11.21
CA SER A 69 -1.45 -6.24 10.75
C SER A 69 -1.34 -6.60 9.25
N ASP A 70 -2.49 -6.85 8.63
CA ASP A 70 -2.64 -7.29 7.23
C ASP A 70 -3.08 -6.11 6.31
N ASN A 71 -3.61 -5.04 6.93
CA ASN A 71 -3.99 -3.80 6.22
C ASN A 71 -2.72 -2.96 5.93
N VAL A 72 -2.31 -2.91 4.66
CA VAL A 72 -1.03 -2.30 4.24
C VAL A 72 -1.25 -0.88 3.65
N VAL A 73 -0.64 0.13 4.27
CA VAL A 73 -0.71 1.54 3.83
C VAL A 73 0.58 1.92 3.05
N ILE A 74 0.45 2.16 1.74
CA ILE A 74 1.57 2.56 0.87
C ILE A 74 1.69 4.10 0.84
N HIS A 75 2.82 4.63 1.33
CA HIS A 75 3.07 6.10 1.40
C HIS A 75 3.74 6.60 0.09
N LEU A 76 3.13 7.62 -0.57
CA LEU A 76 3.63 8.18 -1.84
C LEU A 76 3.81 9.72 -1.76
N LYS A 77 4.94 10.22 -2.28
CA LYS A 77 5.19 11.68 -2.39
C LYS A 77 4.93 12.16 -3.82
N HIS A 78 4.97 13.48 -4.03
CA HIS A 78 4.94 14.07 -5.38
C HIS A 78 6.39 14.20 -5.91
N GLY A 79 6.55 14.03 -7.23
CA GLY A 79 7.86 14.17 -7.88
C GLY A 79 8.29 15.63 -8.11
N LEU A 80 9.53 15.82 -8.59
CA LEU A 80 10.06 17.15 -9.03
C LEU A 80 9.62 17.47 -10.50
N GLU A 81 8.41 17.00 -10.87
CA GLU A 81 7.82 17.17 -12.21
C GLU A 81 7.40 18.66 -12.41
N HIS A 82 7.79 19.26 -13.55
CA HIS A 82 7.47 20.68 -13.85
C HIS A 82 5.97 20.85 -14.16
N HIS A 83 5.16 21.04 -13.10
CA HIS A 83 3.69 21.11 -13.19
C HIS A 83 3.20 22.56 -13.02
N HIS A 84 2.48 23.06 -14.04
CA HIS A 84 1.80 24.37 -13.98
C HIS A 84 0.44 24.23 -13.24
N HIS A 85 0.34 24.83 -12.04
CA HIS A 85 -0.90 24.83 -11.23
C HIS A 85 -2.04 25.57 -11.99
N HIS A 86 -3.05 24.81 -12.44
CA HIS A 86 -4.12 25.32 -13.34
C HIS A 86 -5.18 26.17 -12.59
N HIS A 87 -5.84 25.56 -11.59
CA HIS A 87 -6.91 26.24 -10.80
C HIS A 87 -6.32 27.08 -9.65
N MET A 1 -13.19 -18.78 10.08
CA MET A 1 -14.04 -17.99 9.13
C MET A 1 -13.21 -17.53 7.92
N ASP A 2 -13.89 -17.04 6.86
CA ASP A 2 -13.22 -16.39 5.72
C ASP A 2 -12.72 -14.99 6.13
N GLU A 3 -11.40 -14.88 6.33
CA GLU A 3 -10.74 -13.67 6.84
C GLU A 3 -10.45 -12.68 5.69
N ASP A 4 -10.16 -11.42 6.02
CA ASP A 4 -9.81 -10.39 5.02
C ASP A 4 -8.86 -9.32 5.58
N ALA A 5 -8.28 -8.53 4.67
CA ALA A 5 -7.33 -7.44 4.98
C ALA A 5 -7.54 -6.27 4.02
N THR A 6 -7.37 -5.04 4.52
CA THR A 6 -7.65 -3.80 3.75
C THR A 6 -6.33 -3.05 3.40
N ILE A 7 -6.29 -2.47 2.19
CA ILE A 7 -5.08 -1.81 1.62
C ILE A 7 -5.39 -0.33 1.26
N THR A 8 -4.65 0.63 1.85
CA THR A 8 -4.85 2.08 1.60
C THR A 8 -3.53 2.73 1.09
N TYR A 9 -3.54 3.24 -0.15
CA TYR A 9 -2.45 4.09 -0.69
C TYR A 9 -2.64 5.55 -0.19
N VAL A 10 -1.54 6.23 0.15
CA VAL A 10 -1.54 7.65 0.55
C VAL A 10 -0.31 8.37 -0.07
N ASP A 11 -0.43 9.68 -0.28
CA ASP A 11 0.63 10.52 -0.85
C ASP A 11 1.14 11.51 0.22
N ASP A 12 2.30 11.18 0.80
CA ASP A 12 2.99 11.97 1.85
C ASP A 12 3.26 13.42 1.41
N ASP A 13 3.46 13.63 0.09
CA ASP A 13 3.80 14.94 -0.50
C ASP A 13 2.65 15.97 -0.31
N LYS A 14 1.40 15.47 -0.28
CA LYS A 14 0.18 16.28 -0.02
C LYS A 14 -0.41 15.92 1.37
N GLY A 15 0.48 15.83 2.38
CA GLY A 15 0.10 15.58 3.78
C GLY A 15 -0.57 14.22 4.05
N GLY A 16 -0.30 13.23 3.18
CA GLY A 16 -0.92 11.90 3.29
C GLY A 16 -2.25 11.79 2.54
N ALA A 17 -2.33 12.42 1.35
CA ALA A 17 -3.55 12.42 0.51
C ALA A 17 -3.82 11.03 -0.12
N GLN A 18 -4.96 10.41 0.22
CA GLN A 18 -5.30 9.03 -0.20
C GLN A 18 -5.36 8.89 -1.75
N VAL A 19 -4.62 7.89 -2.28
CA VAL A 19 -4.52 7.63 -3.74
C VAL A 19 -5.38 6.39 -4.09
N GLY A 20 -6.53 6.62 -4.74
CA GLY A 20 -7.50 5.55 -5.02
C GLY A 20 -8.34 5.16 -3.80
N ASP A 21 -8.94 3.96 -3.84
CA ASP A 21 -9.81 3.45 -2.75
C ASP A 21 -9.10 2.35 -1.91
N ILE A 22 -9.81 1.89 -0.87
CA ILE A 22 -9.34 0.79 0.01
C ILE A 22 -9.60 -0.60 -0.65
N VAL A 23 -8.55 -1.42 -0.79
CA VAL A 23 -8.61 -2.74 -1.50
C VAL A 23 -8.68 -3.89 -0.45
N THR A 24 -9.80 -4.65 -0.46
CA THR A 24 -10.01 -5.78 0.48
C THR A 24 -9.70 -7.13 -0.20
N VAL A 25 -8.65 -7.83 0.29
CA VAL A 25 -8.33 -9.20 -0.17
C VAL A 25 -8.75 -10.26 0.90
N THR A 26 -9.28 -11.42 0.45
CA THR A 26 -9.86 -12.47 1.37
C THR A 26 -8.98 -13.75 1.45
N GLY A 27 -9.25 -14.58 2.48
CA GLY A 27 -8.54 -15.85 2.68
C GLY A 27 -8.78 -16.47 4.06
N LYS A 28 -7.70 -16.89 4.74
CA LYS A 28 -7.75 -17.50 6.09
C LYS A 28 -6.51 -17.06 6.91
N THR A 29 -6.68 -16.99 8.24
CA THR A 29 -5.59 -16.71 9.23
C THR A 29 -4.30 -17.54 9.01
N ASP A 30 -4.45 -18.76 8.45
CA ASP A 30 -3.34 -19.71 8.24
C ASP A 30 -2.44 -19.32 7.02
N ASP A 31 -3.05 -18.84 5.92
CA ASP A 31 -2.30 -18.55 4.66
C ASP A 31 -1.94 -17.06 4.50
N SER A 32 -1.00 -16.81 3.57
CA SER A 32 -0.51 -15.46 3.22
C SER A 32 -0.51 -15.26 1.69
N THR A 33 -0.45 -13.99 1.28
CA THR A 33 -0.43 -13.58 -0.16
C THR A 33 0.59 -12.46 -0.39
N THR A 34 1.01 -12.25 -1.65
CA THR A 34 1.90 -11.11 -2.03
C THR A 34 1.16 -10.18 -3.01
N TYR A 35 0.83 -8.96 -2.53
CA TYR A 35 0.08 -7.94 -3.29
C TYR A 35 1.02 -7.12 -4.22
N THR A 36 0.54 -6.80 -5.44
CA THR A 36 1.28 -5.97 -6.41
C THR A 36 1.03 -4.47 -6.14
N VAL A 37 2.07 -3.77 -5.68
CA VAL A 37 2.00 -2.33 -5.38
C VAL A 37 2.21 -1.51 -6.68
N THR A 38 1.14 -0.85 -7.14
CA THR A 38 1.12 -0.14 -8.44
C THR A 38 1.28 1.39 -8.23
N ILE A 39 2.45 1.90 -8.63
CA ILE A 39 2.83 3.32 -8.42
C ILE A 39 2.41 4.17 -9.65
N PRO A 40 1.44 5.14 -9.49
CA PRO A 40 0.97 6.01 -10.62
C PRO A 40 2.05 7.03 -11.11
N ASP A 41 1.77 7.65 -12.29
CA ASP A 41 2.67 8.61 -12.96
C ASP A 41 2.96 9.86 -12.09
N GLY A 42 4.24 10.26 -12.01
CA GLY A 42 4.67 11.41 -11.19
C GLY A 42 4.89 11.07 -9.71
N TYR A 43 4.62 9.80 -9.29
CA TYR A 43 4.76 9.34 -7.89
C TYR A 43 5.98 8.41 -7.70
N GLU A 44 6.51 8.38 -6.47
CA GLU A 44 7.67 7.55 -6.06
C GLU A 44 7.32 6.75 -4.79
N TYR A 45 7.69 5.46 -4.74
CA TYR A 45 7.40 4.57 -3.58
C TYR A 45 8.29 4.92 -2.36
N VAL A 46 7.67 4.94 -1.15
CA VAL A 46 8.37 5.22 0.12
C VAL A 46 8.44 3.95 1.02
N GLY A 47 7.27 3.42 1.44
CA GLY A 47 7.22 2.29 2.39
C GLY A 47 5.81 1.80 2.73
N THR A 48 5.72 0.83 3.67
CA THR A 48 4.44 0.20 4.11
C THR A 48 4.36 0.12 5.65
N ASP A 49 3.14 0.37 6.19
CA ASP A 49 2.81 0.14 7.61
C ASP A 49 1.76 -1.00 7.74
N GLY A 50 1.81 -1.75 8.85
CA GLY A 50 0.91 -2.89 9.09
C GLY A 50 1.38 -4.20 8.42
N GLY A 51 1.41 -4.21 7.08
CA GLY A 51 1.90 -5.37 6.30
C GLY A 51 3.43 -5.46 6.18
N VAL A 52 3.92 -6.58 5.63
CA VAL A 52 5.38 -6.86 5.49
C VAL A 52 5.80 -6.74 4.01
N VAL A 53 6.62 -5.73 3.66
CA VAL A 53 6.98 -5.44 2.25
C VAL A 53 8.46 -5.79 1.95
N SER A 54 8.74 -6.07 0.65
CA SER A 54 10.12 -6.24 0.14
C SER A 54 10.77 -4.88 -0.19
N SER A 55 12.11 -4.83 -0.20
CA SER A 55 12.90 -3.60 -0.52
C SER A 55 12.72 -3.16 -2.00
N ASP A 56 12.36 -4.12 -2.88
CA ASP A 56 12.01 -3.84 -4.30
C ASP A 56 10.69 -3.02 -4.45
N GLY A 57 9.83 -3.06 -3.39
CA GLY A 57 8.60 -2.25 -3.34
C GLY A 57 7.50 -2.63 -4.35
N LYS A 58 7.59 -3.84 -4.92
CA LYS A 58 6.58 -4.38 -5.87
C LYS A 58 5.66 -5.41 -5.17
N THR A 59 6.22 -6.21 -4.25
CA THR A 59 5.45 -7.24 -3.49
C THR A 59 5.39 -6.88 -1.98
N VAL A 60 4.17 -6.83 -1.42
CA VAL A 60 3.95 -6.73 0.04
C VAL A 60 3.15 -7.97 0.52
N THR A 61 3.80 -8.79 1.37
CA THR A 61 3.18 -9.99 1.95
C THR A 61 2.12 -9.62 3.01
N ILE A 62 0.86 -9.99 2.73
CA ILE A 62 -0.29 -9.83 3.63
C ILE A 62 -0.67 -11.20 4.23
N THR A 63 -0.66 -11.33 5.57
CA THR A 63 -1.04 -12.60 6.23
C THR A 63 -2.27 -12.35 7.12
N PHE A 64 -3.42 -12.85 6.66
CA PHE A 64 -4.76 -12.54 7.23
C PHE A 64 -4.84 -12.83 8.75
N ALA A 65 -5.44 -11.90 9.54
CA ALA A 65 -5.62 -12.08 11.00
C ALA A 65 -6.91 -11.43 11.50
N ALA A 66 -7.65 -12.15 12.37
CA ALA A 66 -8.88 -11.64 13.03
C ALA A 66 -8.58 -10.52 14.08
N ASP A 67 -7.27 -10.33 14.39
CA ASP A 67 -6.79 -9.23 15.24
C ASP A 67 -6.86 -7.87 14.49
N ASP A 68 -6.73 -7.91 13.14
CA ASP A 68 -6.68 -6.71 12.26
C ASP A 68 -5.41 -5.86 12.54
N SER A 69 -4.26 -6.34 12.04
CA SER A 69 -2.92 -5.69 12.22
C SER A 69 -1.97 -6.02 11.03
N ASP A 70 -2.53 -6.67 10.02
CA ASP A 70 -1.80 -7.15 8.81
C ASP A 70 -2.15 -6.28 7.57
N ASN A 71 -3.00 -5.27 7.81
CA ASN A 71 -3.50 -4.34 6.78
C ASN A 71 -2.37 -3.45 6.21
N VAL A 72 -2.35 -3.26 4.89
CA VAL A 72 -1.22 -2.60 4.18
C VAL A 72 -1.51 -1.11 3.92
N VAL A 73 -0.62 -0.23 4.40
CA VAL A 73 -0.68 1.23 4.13
C VAL A 73 0.53 1.65 3.27
N ILE A 74 0.31 1.89 1.96
CA ILE A 74 1.37 2.30 1.01
C ILE A 74 1.57 3.82 1.07
N HIS A 75 2.84 4.26 1.08
CA HIS A 75 3.20 5.70 1.11
C HIS A 75 3.93 6.11 -0.18
N LEU A 76 3.51 7.25 -0.77
CA LEU A 76 4.04 7.78 -2.05
C LEU A 76 4.40 9.28 -1.93
N LYS A 77 5.32 9.77 -2.78
CA LYS A 77 5.63 11.23 -2.89
C LYS A 77 5.71 11.64 -4.37
N HIS A 78 5.77 12.95 -4.64
CA HIS A 78 5.89 13.47 -6.02
C HIS A 78 7.36 13.78 -6.37
N GLY A 79 7.78 13.36 -7.58
CA GLY A 79 9.12 13.70 -8.10
C GLY A 79 9.18 15.15 -8.56
N LEU A 80 8.23 15.51 -9.43
CA LEU A 80 7.95 16.90 -9.84
C LEU A 80 6.56 17.33 -9.30
N GLU A 81 6.41 18.63 -9.01
CA GLU A 81 5.12 19.23 -8.55
C GLU A 81 4.41 19.99 -9.70
N HIS A 82 3.22 20.54 -9.39
CA HIS A 82 2.41 21.33 -10.35
C HIS A 82 2.71 22.85 -10.22
N HIS A 83 3.86 23.18 -9.59
CA HIS A 83 4.29 24.57 -9.30
C HIS A 83 5.74 24.79 -9.79
N HIS A 84 6.04 26.03 -10.27
CA HIS A 84 7.41 26.42 -10.68
C HIS A 84 8.38 26.47 -9.46
N HIS A 85 9.70 26.32 -9.75
CA HIS A 85 10.75 26.12 -8.71
C HIS A 85 10.81 27.31 -7.69
N HIS A 86 10.66 26.98 -6.40
CA HIS A 86 10.48 27.99 -5.32
C HIS A 86 11.83 28.49 -4.75
N HIS A 87 12.10 29.81 -4.96
CA HIS A 87 13.33 30.47 -4.47
C HIS A 87 13.04 31.26 -3.17
N MET A 1 -14.01 -18.69 10.35
CA MET A 1 -13.94 -17.21 10.48
C MET A 1 -12.95 -16.63 9.43
N ASP A 2 -13.46 -16.31 8.22
CA ASP A 2 -12.66 -15.70 7.13
C ASP A 2 -12.55 -14.16 7.32
N GLU A 3 -11.34 -13.68 7.61
CA GLU A 3 -11.05 -12.24 7.85
C GLU A 3 -10.41 -11.59 6.60
N ASP A 4 -10.44 -10.23 6.54
CA ASP A 4 -9.98 -9.45 5.38
C ASP A 4 -8.85 -8.46 5.76
N ALA A 5 -8.20 -7.90 4.71
CA ALA A 5 -7.16 -6.87 4.85
C ALA A 5 -7.37 -5.76 3.81
N THR A 6 -7.26 -4.48 4.25
CA THR A 6 -7.49 -3.31 3.39
C THR A 6 -6.15 -2.68 2.96
N ILE A 7 -5.98 -2.51 1.64
CA ILE A 7 -4.76 -1.92 1.05
C ILE A 7 -5.09 -0.49 0.56
N THR A 8 -4.56 0.52 1.25
CA THR A 8 -4.82 1.95 0.94
C THR A 8 -3.48 2.68 0.64
N TYR A 9 -3.35 3.20 -0.60
CA TYR A 9 -2.24 4.07 -1.00
C TYR A 9 -2.44 5.48 -0.37
N VAL A 10 -1.34 6.16 0.03
CA VAL A 10 -1.41 7.51 0.67
C VAL A 10 -0.25 8.43 0.20
N ASP A 11 -0.57 9.70 -0.12
CA ASP A 11 0.44 10.77 -0.29
C ASP A 11 0.93 11.24 1.10
N ASP A 12 2.22 11.03 1.37
CA ASP A 12 2.95 11.72 2.47
C ASP A 12 3.00 13.25 2.21
N ASP A 13 2.91 13.62 0.92
CA ASP A 13 2.82 15.02 0.43
C ASP A 13 1.45 15.67 0.80
N LYS A 14 0.42 14.84 1.08
CA LYS A 14 -0.95 15.32 1.40
C LYS A 14 -1.26 15.15 2.91
N GLY A 15 -0.20 14.94 3.71
CA GLY A 15 -0.33 14.69 5.16
C GLY A 15 -0.94 13.31 5.48
N GLY A 16 -0.62 12.30 4.65
CA GLY A 16 -1.09 10.92 4.85
C GLY A 16 -2.52 10.66 4.33
N ALA A 17 -2.93 11.40 3.28
CA ALA A 17 -4.27 11.25 2.64
C ALA A 17 -4.21 10.37 1.37
N GLN A 18 -5.36 9.74 1.01
CA GLN A 18 -5.42 8.61 0.03
C GLN A 18 -5.04 8.97 -1.44
N VAL A 19 -4.28 8.06 -2.09
CA VAL A 19 -4.03 8.04 -3.55
C VAL A 19 -4.88 6.91 -4.22
N GLY A 20 -5.61 7.26 -5.29
CA GLY A 20 -6.29 6.27 -6.13
C GLY A 20 -7.56 5.66 -5.49
N ASP A 21 -7.46 4.40 -5.04
CA ASP A 21 -8.64 3.64 -4.52
C ASP A 21 -8.20 2.54 -3.52
N ILE A 22 -9.11 2.17 -2.61
CA ILE A 22 -8.88 1.11 -1.59
C ILE A 22 -9.10 -0.30 -2.20
N VAL A 23 -8.20 -1.23 -1.88
CA VAL A 23 -8.29 -2.66 -2.27
C VAL A 23 -8.70 -3.50 -1.04
N THR A 24 -9.47 -4.60 -1.23
CA THR A 24 -9.83 -5.52 -0.13
C THR A 24 -9.61 -6.98 -0.56
N VAL A 25 -8.76 -7.71 0.18
CA VAL A 25 -8.52 -9.15 -0.04
C VAL A 25 -9.09 -9.97 1.15
N THR A 26 -9.68 -11.15 0.85
CA THR A 26 -10.27 -12.06 1.89
C THR A 26 -9.60 -13.45 1.84
N GLY A 27 -9.31 -14.00 3.02
CA GLY A 27 -8.72 -15.33 3.14
C GLY A 27 -8.75 -15.87 4.56
N LYS A 28 -7.70 -16.58 4.99
CA LYS A 28 -7.58 -17.13 6.35
C LYS A 28 -6.24 -16.75 7.00
N THR A 29 -6.27 -16.51 8.32
CA THR A 29 -5.09 -16.15 9.14
C THR A 29 -3.89 -17.14 9.01
N ASP A 30 -4.20 -18.44 8.83
CA ASP A 30 -3.18 -19.50 8.63
C ASP A 30 -2.42 -19.34 7.29
N ASP A 31 -3.12 -18.82 6.26
CA ASP A 31 -2.57 -18.64 4.90
C ASP A 31 -2.09 -17.19 4.66
N SER A 32 -1.27 -17.02 3.62
CA SER A 32 -0.76 -15.69 3.19
C SER A 32 -0.91 -15.49 1.67
N THR A 33 -0.99 -14.24 1.27
CA THR A 33 -1.11 -13.79 -0.15
C THR A 33 -0.09 -12.67 -0.44
N THR A 34 0.20 -12.40 -1.73
CA THR A 34 1.14 -11.31 -2.13
C THR A 34 0.46 -10.32 -3.10
N TYR A 35 0.53 -9.02 -2.76
CA TYR A 35 -0.04 -7.92 -3.56
C TYR A 35 1.09 -7.03 -4.11
N THR A 36 1.06 -6.72 -5.42
CA THR A 36 2.06 -5.80 -6.05
C THR A 36 1.57 -4.33 -5.99
N VAL A 37 2.52 -3.42 -5.74
CA VAL A 37 2.28 -1.96 -5.69
C VAL A 37 2.17 -1.40 -7.13
N THR A 38 1.13 -0.60 -7.37
CA THR A 38 0.89 0.05 -8.67
C THR A 38 1.31 1.53 -8.58
N ILE A 39 2.44 1.87 -9.23
CA ILE A 39 2.99 3.25 -9.24
C ILE A 39 2.50 4.02 -10.50
N PRO A 40 1.59 5.03 -10.36
CA PRO A 40 1.15 5.88 -11.48
C PRO A 40 2.21 6.94 -11.87
N ASP A 41 2.30 7.25 -13.18
CA ASP A 41 3.23 8.28 -13.73
C ASP A 41 2.89 9.68 -13.15
N GLY A 42 3.85 10.24 -12.39
CA GLY A 42 3.66 11.50 -11.65
C GLY A 42 3.81 11.32 -10.13
N TYR A 43 3.63 10.07 -9.67
CA TYR A 43 3.88 9.65 -8.26
C TYR A 43 5.14 8.76 -8.21
N GLU A 44 5.78 8.66 -7.02
CA GLU A 44 7.01 7.85 -6.83
C GLU A 44 6.93 7.13 -5.46
N TYR A 45 7.45 5.90 -5.40
CA TYR A 45 7.33 5.01 -4.21
C TYR A 45 8.21 5.49 -3.02
N VAL A 46 7.60 5.55 -1.81
CA VAL A 46 8.32 5.81 -0.54
C VAL A 46 8.52 4.48 0.25
N GLY A 47 7.41 3.82 0.62
CA GLY A 47 7.45 2.63 1.48
C GLY A 47 6.09 1.97 1.66
N THR A 48 5.98 1.08 2.66
CA THR A 48 4.73 0.35 3.01
C THR A 48 4.67 0.08 4.53
N ASP A 49 3.47 0.22 5.11
CA ASP A 49 3.19 0.07 6.55
C ASP A 49 2.14 -1.05 6.79
N GLY A 50 2.21 -1.71 7.97
CA GLY A 50 1.23 -2.75 8.35
C GLY A 50 1.53 -4.14 7.76
N GLY A 51 1.38 -4.27 6.44
CA GLY A 51 1.71 -5.51 5.72
C GLY A 51 3.22 -5.68 5.53
N VAL A 52 3.69 -6.93 5.42
CA VAL A 52 5.14 -7.25 5.36
C VAL A 52 5.69 -7.02 3.94
N VAL A 53 6.47 -5.94 3.76
CA VAL A 53 6.98 -5.50 2.44
C VAL A 53 8.36 -6.12 2.13
N SER A 54 8.62 -6.38 0.82
CA SER A 54 9.90 -6.95 0.33
C SER A 54 11.05 -5.90 0.36
N SER A 55 12.28 -6.38 0.08
CA SER A 55 13.50 -5.54 0.04
C SER A 55 13.45 -4.51 -1.11
N ASP A 56 12.82 -4.88 -2.24
CA ASP A 56 12.66 -4.01 -3.43
C ASP A 56 11.42 -3.08 -3.30
N GLY A 57 10.49 -3.44 -2.39
CA GLY A 57 9.31 -2.61 -2.09
C GLY A 57 8.08 -2.89 -2.96
N LYS A 58 8.28 -3.49 -4.16
CA LYS A 58 7.21 -3.73 -5.15
C LYS A 58 6.15 -4.75 -4.65
N THR A 59 6.62 -5.83 -4.03
CA THR A 59 5.74 -6.94 -3.58
C THR A 59 5.56 -6.93 -2.04
N VAL A 60 4.31 -6.83 -1.58
CA VAL A 60 3.94 -6.82 -0.15
C VAL A 60 3.15 -8.10 0.20
N THR A 61 3.73 -8.98 1.04
CA THR A 61 3.07 -10.23 1.48
C THR A 61 2.11 -9.95 2.66
N ILE A 62 0.80 -10.10 2.39
CA ILE A 62 -0.28 -9.88 3.37
C ILE A 62 -0.64 -11.22 4.05
N THR A 63 -0.58 -11.29 5.39
CA THR A 63 -1.02 -12.48 6.14
C THR A 63 -2.11 -12.09 7.16
N PHE A 64 -3.34 -12.54 6.90
CA PHE A 64 -4.57 -12.17 7.66
C PHE A 64 -4.44 -12.53 9.18
N ALA A 65 -5.22 -11.85 10.03
CA ALA A 65 -5.28 -12.20 11.48
C ALA A 65 -6.63 -11.78 12.12
N ALA A 66 -7.03 -12.52 13.19
CA ALA A 66 -8.18 -12.18 14.04
C ALA A 66 -7.97 -10.83 14.79
N ASP A 67 -6.69 -10.46 14.98
CA ASP A 67 -6.28 -9.11 15.43
C ASP A 67 -5.64 -8.36 14.24
N ASP A 68 -6.37 -7.37 13.72
CA ASP A 68 -6.05 -6.69 12.43
C ASP A 68 -4.78 -5.79 12.51
N SER A 69 -3.62 -6.37 12.18
CA SER A 69 -2.31 -5.68 12.07
C SER A 69 -1.70 -5.96 10.67
N ASP A 70 -2.53 -6.51 9.78
CA ASP A 70 -2.15 -7.05 8.45
C ASP A 70 -2.60 -6.12 7.30
N ASN A 71 -3.34 -5.05 7.63
CA ASN A 71 -3.80 -4.03 6.66
C ASN A 71 -2.59 -3.25 6.09
N VAL A 72 -2.56 -3.08 4.75
CA VAL A 72 -1.40 -2.52 4.04
C VAL A 72 -1.64 -1.03 3.70
N VAL A 73 -0.77 -0.14 4.22
CA VAL A 73 -0.80 1.30 3.93
C VAL A 73 0.46 1.67 3.09
N ILE A 74 0.29 1.79 1.76
CA ILE A 74 1.41 2.03 0.84
C ILE A 74 1.71 3.55 0.74
N HIS A 75 2.90 3.94 1.20
CA HIS A 75 3.32 5.36 1.26
C HIS A 75 3.93 5.81 -0.08
N LEU A 76 3.45 6.97 -0.58
CA LEU A 76 3.83 7.55 -1.89
C LEU A 76 4.15 9.05 -1.74
N LYS A 77 5.07 9.53 -2.58
CA LYS A 77 5.32 10.96 -2.80
C LYS A 77 4.91 11.35 -4.22
N HIS A 78 4.93 12.65 -4.53
CA HIS A 78 4.85 13.12 -5.92
C HIS A 78 6.27 13.14 -6.52
N GLY A 79 6.43 12.53 -7.70
CA GLY A 79 7.72 12.46 -8.38
C GLY A 79 8.13 13.79 -9.01
N LEU A 80 8.24 13.83 -10.35
CA LEU A 80 8.64 15.04 -11.12
C LEU A 80 10.02 15.59 -10.66
N GLU A 81 10.86 14.69 -10.11
CA GLU A 81 12.14 15.05 -9.46
C GLU A 81 13.21 15.39 -10.52
N HIS A 82 13.17 16.64 -11.01
CA HIS A 82 14.08 17.16 -12.06
C HIS A 82 15.39 17.68 -11.41
N HIS A 83 16.16 16.75 -10.82
CA HIS A 83 17.46 17.02 -10.16
C HIS A 83 18.44 15.87 -10.41
N HIS A 84 19.75 16.16 -10.29
CA HIS A 84 20.81 15.14 -10.39
C HIS A 84 20.99 14.42 -9.01
N HIS A 85 20.14 13.40 -8.74
CA HIS A 85 20.08 12.74 -7.40
C HIS A 85 20.29 11.20 -7.51
N HIS A 86 21.58 10.80 -7.67
CA HIS A 86 22.05 9.37 -7.66
C HIS A 86 21.19 8.44 -8.57
N HIS A 87 21.36 8.56 -9.90
CA HIS A 87 20.60 7.79 -10.92
C HIS A 87 19.08 8.02 -10.79
N MET A 1 -13.99 -15.48 11.65
CA MET A 1 -14.61 -15.58 10.29
C MET A 1 -13.53 -15.64 9.19
N ASP A 2 -13.97 -15.78 7.91
CA ASP A 2 -13.06 -15.64 6.74
C ASP A 2 -12.47 -14.22 6.73
N GLU A 3 -11.15 -14.12 6.92
CA GLU A 3 -10.49 -12.89 7.34
C GLU A 3 -10.11 -12.00 6.14
N ASP A 4 -10.29 -10.68 6.26
CA ASP A 4 -9.99 -9.71 5.17
C ASP A 4 -8.86 -8.74 5.57
N ALA A 5 -7.87 -8.58 4.68
CA ALA A 5 -6.76 -7.62 4.83
C ALA A 5 -6.84 -6.55 3.72
N THR A 6 -6.76 -5.27 4.09
CA THR A 6 -6.98 -4.13 3.16
C THR A 6 -5.66 -3.34 2.92
N ILE A 7 -5.46 -2.94 1.65
CA ILE A 7 -4.25 -2.19 1.21
C ILE A 7 -4.67 -0.75 0.82
N THR A 8 -4.26 0.22 1.65
CA THR A 8 -4.61 1.66 1.49
C THR A 8 -3.43 2.45 0.87
N TYR A 9 -3.60 2.93 -0.37
CA TYR A 9 -2.61 3.80 -1.04
C TYR A 9 -2.79 5.26 -0.59
N VAL A 10 -1.74 5.85 0.02
CA VAL A 10 -1.77 7.23 0.55
C VAL A 10 -0.66 8.11 -0.08
N ASP A 11 -0.96 9.40 -0.15
CA ASP A 11 -0.07 10.43 -0.71
C ASP A 11 0.74 11.02 0.46
N ASP A 12 1.97 10.53 0.65
CA ASP A 12 2.86 10.87 1.78
C ASP A 12 3.20 12.39 1.84
N ASP A 13 3.21 13.06 0.66
CA ASP A 13 3.46 14.53 0.56
C ASP A 13 2.16 15.38 0.72
N LYS A 14 0.99 14.71 0.76
CA LYS A 14 -0.31 15.39 0.97
C LYS A 14 -0.93 14.94 2.32
N GLY A 15 -0.07 14.80 3.35
CA GLY A 15 -0.49 14.39 4.71
C GLY A 15 -1.06 12.97 4.81
N GLY A 16 -0.70 12.10 3.85
CA GLY A 16 -1.25 10.74 3.76
C GLY A 16 -2.68 10.69 3.19
N ALA A 17 -2.96 11.49 2.14
CA ALA A 17 -4.29 11.55 1.49
C ALA A 17 -4.56 10.33 0.58
N GLN A 18 -5.75 9.71 0.68
CA GLN A 18 -6.11 8.50 -0.11
C GLN A 18 -6.07 8.79 -1.64
N VAL A 19 -5.27 7.97 -2.36
CA VAL A 19 -5.10 8.06 -3.82
C VAL A 19 -6.09 7.08 -4.52
N GLY A 20 -7.14 7.64 -5.15
CA GLY A 20 -8.18 6.83 -5.82
C GLY A 20 -9.09 6.06 -4.85
N ASP A 21 -8.93 4.72 -4.80
CA ASP A 21 -9.73 3.82 -3.94
C ASP A 21 -8.84 2.74 -3.28
N ILE A 22 -9.39 2.06 -2.25
CA ILE A 22 -8.66 1.07 -1.42
C ILE A 22 -8.89 -0.38 -1.92
N VAL A 23 -7.84 -1.21 -1.90
CA VAL A 23 -7.90 -2.61 -2.41
C VAL A 23 -7.99 -3.62 -1.24
N THR A 24 -9.20 -4.14 -0.97
CA THR A 24 -9.42 -5.16 0.11
C THR A 24 -9.48 -6.58 -0.48
N VAL A 25 -8.78 -7.54 0.15
CA VAL A 25 -8.79 -8.98 -0.25
C VAL A 25 -9.23 -9.87 0.92
N THR A 26 -9.85 -11.03 0.62
CA THR A 26 -10.37 -11.98 1.64
C THR A 26 -9.58 -13.32 1.65
N GLY A 27 -9.61 -14.01 2.81
CA GLY A 27 -8.87 -15.26 3.00
C GLY A 27 -9.05 -15.80 4.43
N LYS A 28 -7.95 -16.07 5.13
CA LYS A 28 -7.98 -16.61 6.51
C LYS A 28 -6.63 -16.34 7.21
N THR A 29 -6.65 -16.19 8.56
CA THR A 29 -5.44 -15.83 9.38
C THR A 29 -4.20 -16.73 9.11
N ASP A 30 -4.43 -18.04 8.94
CA ASP A 30 -3.37 -19.03 8.72
C ASP A 30 -2.73 -18.90 7.31
N ASP A 31 -3.53 -18.42 6.34
CA ASP A 31 -3.12 -18.28 4.92
C ASP A 31 -2.42 -16.93 4.64
N SER A 32 -1.61 -16.91 3.56
CA SER A 32 -0.87 -15.72 3.11
C SER A 32 -0.76 -15.66 1.57
N THR A 33 -0.51 -14.46 1.04
CA THR A 33 -0.41 -14.19 -0.42
C THR A 33 0.55 -13.01 -0.71
N THR A 34 1.01 -12.91 -1.96
CA THR A 34 1.88 -11.79 -2.43
C THR A 34 1.04 -10.80 -3.29
N TYR A 35 1.07 -9.52 -2.91
CA TYR A 35 0.35 -8.43 -3.59
C TYR A 35 1.35 -7.46 -4.24
N THR A 36 1.19 -7.16 -5.54
CA THR A 36 2.08 -6.21 -6.25
C THR A 36 1.61 -4.75 -6.02
N VAL A 37 2.55 -3.87 -5.65
CA VAL A 37 2.28 -2.44 -5.41
C VAL A 37 2.15 -1.67 -6.76
N THR A 38 1.12 -0.80 -6.88
CA THR A 38 0.84 -0.01 -8.10
C THR A 38 1.14 1.49 -7.84
N ILE A 39 2.13 2.05 -8.57
CA ILE A 39 2.52 3.48 -8.45
C ILE A 39 1.89 4.29 -9.62
N PRO A 40 0.96 5.26 -9.33
CA PRO A 40 0.43 6.18 -10.39
C PRO A 40 1.49 7.17 -10.94
N ASP A 41 1.22 7.72 -12.15
CA ASP A 41 2.14 8.66 -12.83
C ASP A 41 2.28 9.99 -12.04
N GLY A 42 3.52 10.50 -11.97
CA GLY A 42 3.84 11.70 -11.19
C GLY A 42 4.08 11.41 -9.69
N TYR A 43 3.97 10.12 -9.29
CA TYR A 43 4.23 9.66 -7.90
C TYR A 43 5.48 8.74 -7.83
N GLU A 44 6.04 8.60 -6.62
CA GLU A 44 7.20 7.73 -6.31
C GLU A 44 6.84 6.82 -5.12
N TYR A 45 7.52 5.67 -4.97
CA TYR A 45 7.34 4.79 -3.79
C TYR A 45 8.21 5.28 -2.59
N VAL A 46 7.58 5.41 -1.39
CA VAL A 46 8.29 5.77 -0.13
C VAL A 46 8.58 4.51 0.71
N GLY A 47 7.49 3.86 1.18
CA GLY A 47 7.60 2.72 2.10
C GLY A 47 6.25 2.09 2.46
N THR A 48 6.30 0.90 3.09
CA THR A 48 5.10 0.14 3.52
C THR A 48 4.94 0.18 5.05
N ASP A 49 3.72 0.47 5.51
CA ASP A 49 3.36 0.53 6.93
C ASP A 49 2.33 -0.59 7.28
N GLY A 50 2.37 -1.09 8.53
CA GLY A 50 1.43 -2.12 9.00
C GLY A 50 1.85 -3.55 8.62
N GLY A 51 1.73 -3.88 7.31
CA GLY A 51 2.07 -5.22 6.80
C GLY A 51 3.55 -5.42 6.48
N VAL A 52 3.88 -6.57 5.87
CA VAL A 52 5.28 -6.96 5.55
C VAL A 52 5.62 -6.57 4.09
N VAL A 53 6.84 -6.03 3.86
CA VAL A 53 7.27 -5.55 2.52
C VAL A 53 8.43 -6.42 1.95
N SER A 54 8.46 -6.56 0.61
CA SER A 54 9.59 -7.19 -0.13
C SER A 54 10.89 -6.34 -0.03
N SER A 55 12.02 -6.97 -0.40
CA SER A 55 13.35 -6.32 -0.43
C SER A 55 13.40 -5.14 -1.41
N ASP A 56 12.62 -5.25 -2.50
CA ASP A 56 12.59 -4.25 -3.59
C ASP A 56 11.61 -3.08 -3.28
N GLY A 57 10.66 -3.30 -2.34
CA GLY A 57 9.48 -2.42 -2.17
C GLY A 57 8.46 -2.54 -3.33
N LYS A 58 8.64 -3.61 -4.13
CA LYS A 58 7.85 -3.90 -5.35
C LYS A 58 6.54 -4.62 -5.01
N THR A 59 6.65 -5.61 -4.10
CA THR A 59 5.51 -6.40 -3.59
C THR A 59 5.43 -6.30 -2.06
N VAL A 60 4.28 -6.70 -1.51
CA VAL A 60 4.04 -6.76 -0.05
C VAL A 60 3.37 -8.11 0.32
N THR A 61 3.88 -8.76 1.38
CA THR A 61 3.35 -10.05 1.87
C THR A 61 2.07 -9.80 2.70
N ILE A 62 0.91 -10.11 2.10
CA ILE A 62 -0.40 -9.99 2.77
C ILE A 62 -0.70 -11.28 3.55
N THR A 63 -0.58 -11.23 4.88
CA THR A 63 -0.98 -12.35 5.76
C THR A 63 -2.12 -11.87 6.66
N PHE A 64 -3.27 -12.53 6.56
CA PHE A 64 -4.52 -12.08 7.21
C PHE A 64 -4.44 -12.25 8.74
N ALA A 65 -5.13 -11.36 9.48
CA ALA A 65 -5.14 -11.37 10.95
C ALA A 65 -6.43 -10.72 11.48
N ALA A 66 -6.85 -11.08 12.70
CA ALA A 66 -8.04 -10.46 13.36
C ALA A 66 -7.65 -9.10 14.05
N ASP A 67 -6.69 -8.37 13.44
CA ASP A 67 -6.02 -7.20 14.04
C ASP A 67 -5.98 -6.02 13.03
N ASP A 68 -5.07 -5.05 13.29
CA ASP A 68 -4.76 -3.93 12.35
C ASP A 68 -3.38 -4.16 11.67
N SER A 69 -2.70 -5.27 12.03
CA SER A 69 -1.33 -5.63 11.56
C SER A 69 -1.35 -6.20 10.10
N ASP A 70 -2.52 -6.68 9.68
CA ASP A 70 -2.74 -7.24 8.31
C ASP A 70 -3.02 -6.11 7.28
N ASN A 71 -3.48 -4.95 7.80
CA ASN A 71 -3.70 -3.72 7.01
C ASN A 71 -2.33 -3.15 6.52
N VAL A 72 -2.20 -2.98 5.21
CA VAL A 72 -0.97 -2.48 4.56
C VAL A 72 -1.20 -1.07 3.98
N VAL A 73 -0.44 -0.08 4.48
CA VAL A 73 -0.54 1.33 4.02
C VAL A 73 0.70 1.70 3.18
N ILE A 74 0.50 1.89 1.87
CA ILE A 74 1.57 2.24 0.92
C ILE A 74 1.71 3.78 0.82
N HIS A 75 2.86 4.32 1.26
CA HIS A 75 3.14 5.78 1.24
C HIS A 75 3.83 6.18 -0.07
N LEU A 76 3.37 7.29 -0.70
CA LEU A 76 3.88 7.73 -2.03
C LEU A 76 4.32 9.22 -2.04
N LYS A 77 5.47 9.50 -2.72
CA LYS A 77 5.96 10.88 -2.95
C LYS A 77 5.47 11.42 -4.29
N HIS A 78 5.73 12.70 -4.52
CA HIS A 78 5.62 13.34 -5.84
C HIS A 78 7.01 13.47 -6.51
N GLY A 79 7.03 13.28 -7.84
CA GLY A 79 8.22 13.64 -8.65
C GLY A 79 8.02 14.99 -9.34
N LEU A 80 8.83 15.27 -10.38
CA LEU A 80 8.64 16.48 -11.22
C LEU A 80 7.74 16.16 -12.43
N GLU A 81 6.50 16.66 -12.40
CA GLU A 81 5.54 16.51 -13.52
C GLU A 81 5.84 17.50 -14.66
N HIS A 82 5.35 17.19 -15.87
CA HIS A 82 5.26 18.16 -16.96
C HIS A 82 3.88 18.84 -16.87
N HIS A 83 3.86 20.19 -16.78
CA HIS A 83 2.63 21.01 -16.68
C HIS A 83 1.59 20.64 -17.78
N HIS A 84 0.48 20.02 -17.36
CA HIS A 84 -0.52 19.40 -18.28
C HIS A 84 -1.97 19.79 -17.90
N HIS A 85 -2.80 20.08 -18.92
CA HIS A 85 -4.22 20.43 -18.74
C HIS A 85 -5.08 19.14 -18.68
N HIS A 86 -5.43 18.71 -17.46
CA HIS A 86 -6.17 17.45 -17.22
C HIS A 86 -7.23 17.62 -16.12
N HIS A 87 -8.44 17.09 -16.37
CA HIS A 87 -9.57 17.11 -15.41
C HIS A 87 -9.61 15.79 -14.59
N MET A 1 -16.06 -18.42 7.69
CA MET A 1 -15.56 -17.04 7.43
C MET A 1 -14.16 -17.10 6.76
N ASP A 2 -14.06 -16.58 5.52
CA ASP A 2 -12.79 -16.40 4.82
C ASP A 2 -12.23 -15.00 5.19
N GLU A 3 -11.01 -14.96 5.76
CA GLU A 3 -10.51 -13.76 6.45
C GLU A 3 -9.87 -12.77 5.46
N ASP A 4 -10.11 -11.47 5.67
CA ASP A 4 -9.72 -10.41 4.71
C ASP A 4 -8.67 -9.43 5.30
N ALA A 5 -8.09 -8.61 4.40
CA ALA A 5 -7.08 -7.59 4.75
C ALA A 5 -7.19 -6.36 3.83
N THR A 6 -7.19 -5.15 4.41
CA THR A 6 -7.38 -3.87 3.67
C THR A 6 -6.01 -3.21 3.37
N ILE A 7 -5.82 -2.71 2.14
CA ILE A 7 -4.54 -2.08 1.71
C ILE A 7 -4.82 -0.63 1.20
N THR A 8 -4.22 0.39 1.85
CA THR A 8 -4.51 1.82 1.58
C THR A 8 -3.26 2.57 1.06
N TYR A 9 -3.34 3.12 -0.16
CA TYR A 9 -2.30 4.03 -0.71
C TYR A 9 -2.55 5.48 -0.24
N VAL A 10 -1.47 6.17 0.22
CA VAL A 10 -1.53 7.59 0.69
C VAL A 10 -0.24 8.36 0.29
N ASP A 11 -0.39 9.60 -0.22
CA ASP A 11 0.73 10.53 -0.41
C ASP A 11 1.13 11.15 0.93
N ASP A 12 2.20 10.64 1.55
CA ASP A 12 2.80 11.26 2.75
C ASP A 12 3.41 12.65 2.39
N ASP A 13 3.69 12.84 1.08
CA ASP A 13 4.13 14.13 0.50
C ASP A 13 3.02 15.21 0.60
N LYS A 14 1.75 14.78 0.63
CA LYS A 14 0.57 15.69 0.76
C LYS A 14 -0.23 15.35 2.06
N GLY A 15 0.52 15.27 3.19
CA GLY A 15 -0.06 15.03 4.54
C GLY A 15 -0.93 13.77 4.70
N GLY A 16 -0.66 12.75 3.86
CA GLY A 16 -1.40 11.47 3.88
C GLY A 16 -2.67 11.48 3.03
N ALA A 17 -2.59 12.13 1.84
CA ALA A 17 -3.72 12.20 0.88
C ALA A 17 -3.97 10.85 0.19
N GLN A 18 -5.14 10.22 0.45
CA GLN A 18 -5.47 8.87 -0.07
C GLN A 18 -5.48 8.84 -1.63
N VAL A 19 -4.67 7.94 -2.21
CA VAL A 19 -4.48 7.83 -3.67
C VAL A 19 -5.46 6.79 -4.23
N GLY A 20 -6.53 7.27 -4.90
CA GLY A 20 -7.58 6.40 -5.46
C GLY A 20 -8.51 5.81 -4.38
N ASP A 21 -8.20 4.58 -3.92
CA ASP A 21 -9.10 3.78 -3.04
C ASP A 21 -8.34 2.74 -2.19
N ILE A 22 -9.11 1.97 -1.40
CA ILE A 22 -8.60 0.86 -0.56
C ILE A 22 -8.97 -0.49 -1.20
N VAL A 23 -8.01 -1.43 -1.27
CA VAL A 23 -8.21 -2.78 -1.86
C VAL A 23 -8.19 -3.87 -0.77
N THR A 24 -9.33 -4.58 -0.60
CA THR A 24 -9.50 -5.61 0.45
C THR A 24 -9.41 -7.02 -0.16
N VAL A 25 -8.32 -7.73 0.12
CA VAL A 25 -8.09 -9.10 -0.41
C VAL A 25 -8.49 -10.19 0.64
N THR A 26 -9.06 -11.32 0.17
CA THR A 26 -9.64 -12.39 1.07
C THR A 26 -8.84 -13.72 1.01
N GLY A 27 -8.87 -14.46 2.13
CA GLY A 27 -8.15 -15.72 2.29
C GLY A 27 -8.42 -16.36 3.67
N LYS A 28 -7.39 -16.38 4.56
CA LYS A 28 -7.55 -16.87 5.96
C LYS A 28 -6.41 -16.37 6.87
N THR A 29 -6.66 -16.28 8.20
CA THR A 29 -5.65 -15.89 9.23
C THR A 29 -4.35 -16.74 9.16
N ASP A 30 -4.52 -18.05 8.90
CA ASP A 30 -3.41 -19.02 8.81
C ASP A 30 -2.78 -19.07 7.37
N ASP A 31 -3.07 -18.04 6.56
CA ASP A 31 -2.63 -17.94 5.15
C ASP A 31 -2.09 -16.52 4.85
N SER A 32 -1.11 -16.43 3.93
CA SER A 32 -0.51 -15.14 3.50
C SER A 32 -0.40 -15.05 1.97
N THR A 33 -0.67 -13.86 1.42
CA THR A 33 -0.56 -13.58 -0.04
C THR A 33 0.57 -12.56 -0.35
N THR A 34 1.02 -12.52 -1.61
CA THR A 34 2.01 -11.53 -2.10
C THR A 34 1.32 -10.53 -3.06
N TYR A 35 1.07 -9.30 -2.59
CA TYR A 35 0.38 -8.24 -3.35
C TYR A 35 1.42 -7.29 -3.98
N THR A 36 1.31 -7.01 -5.30
CA THR A 36 2.24 -6.07 -5.99
C THR A 36 1.78 -4.59 -5.82
N VAL A 37 2.74 -3.70 -5.54
CA VAL A 37 2.49 -2.24 -5.40
C VAL A 37 2.29 -1.60 -6.80
N THR A 38 1.21 -0.81 -6.94
CA THR A 38 0.84 -0.14 -8.20
C THR A 38 1.20 1.36 -8.16
N ILE A 39 2.05 1.78 -9.12
CA ILE A 39 2.52 3.18 -9.25
C ILE A 39 1.65 3.98 -10.27
N PRO A 40 0.83 4.99 -9.80
CA PRO A 40 0.02 5.86 -10.69
C PRO A 40 0.87 7.01 -11.35
N ASP A 41 0.24 7.75 -12.30
CA ASP A 41 0.91 8.80 -13.12
C ASP A 41 1.30 10.05 -12.28
N GLY A 42 2.61 10.21 -12.00
CA GLY A 42 3.15 11.35 -11.23
C GLY A 42 3.37 11.05 -9.73
N TYR A 43 3.27 9.76 -9.35
CA TYR A 43 3.46 9.29 -7.95
C TYR A 43 4.63 8.27 -7.88
N GLU A 44 5.32 8.17 -6.71
CA GLU A 44 6.49 7.26 -6.52
C GLU A 44 6.43 6.53 -5.15
N TYR A 45 6.80 5.25 -5.12
CA TYR A 45 6.77 4.41 -3.88
C TYR A 45 7.81 4.90 -2.83
N VAL A 46 7.31 5.22 -1.62
CA VAL A 46 8.15 5.63 -0.47
C VAL A 46 8.41 4.44 0.50
N GLY A 47 7.33 3.84 1.03
CA GLY A 47 7.43 2.80 2.07
C GLY A 47 6.09 2.10 2.36
N THR A 48 6.10 1.18 3.35
CA THR A 48 4.92 0.36 3.73
C THR A 48 4.92 0.07 5.25
N ASP A 49 3.72 0.18 5.87
CA ASP A 49 3.49 -0.09 7.31
C ASP A 49 2.41 -1.20 7.48
N GLY A 50 2.46 -1.95 8.59
CA GLY A 50 1.46 -2.99 8.88
C GLY A 50 1.89 -4.39 8.44
N GLY A 51 1.92 -4.61 7.11
CA GLY A 51 2.34 -5.90 6.53
C GLY A 51 3.86 -6.04 6.37
N VAL A 52 4.30 -7.11 5.68
CA VAL A 52 5.74 -7.40 5.44
C VAL A 52 6.13 -6.98 4.00
N VAL A 53 7.04 -6.01 3.84
CA VAL A 53 7.54 -5.57 2.52
C VAL A 53 8.75 -6.44 2.05
N SER A 54 8.77 -6.77 0.73
CA SER A 54 9.87 -7.54 0.10
C SER A 54 11.15 -6.69 -0.06
N SER A 55 12.27 -7.37 -0.39
CA SER A 55 13.63 -6.77 -0.48
C SER A 55 13.74 -5.67 -1.57
N ASP A 56 12.94 -5.80 -2.65
CA ASP A 56 12.91 -4.83 -3.78
C ASP A 56 11.92 -3.66 -3.53
N GLY A 57 10.95 -3.86 -2.59
CA GLY A 57 9.85 -2.91 -2.38
C GLY A 57 8.74 -2.96 -3.44
N LYS A 58 8.92 -3.83 -4.47
CA LYS A 58 7.96 -4.01 -5.58
C LYS A 58 6.68 -4.74 -5.13
N THR A 59 6.85 -5.70 -4.20
CA THR A 59 5.76 -6.50 -3.62
C THR A 59 5.72 -6.37 -2.09
N VAL A 60 4.52 -6.44 -1.53
CA VAL A 60 4.25 -6.45 -0.08
C VAL A 60 3.40 -7.71 0.28
N THR A 61 3.96 -8.60 1.12
CA THR A 61 3.26 -9.80 1.62
C THR A 61 2.18 -9.39 2.66
N ILE A 62 0.92 -9.61 2.28
CA ILE A 62 -0.26 -9.30 3.12
C ILE A 62 -0.75 -10.59 3.83
N THR A 63 -0.68 -10.63 5.17
CA THR A 63 -1.25 -11.75 5.95
C THR A 63 -2.60 -11.31 6.56
N PHE A 64 -3.64 -12.12 6.34
CA PHE A 64 -5.04 -11.77 6.70
C PHE A 64 -5.24 -11.85 8.24
N ALA A 65 -5.97 -10.87 8.82
CA ALA A 65 -6.19 -10.81 10.28
C ALA A 65 -7.61 -10.34 10.64
N ALA A 66 -8.23 -11.01 11.64
CA ALA A 66 -9.50 -10.55 12.26
C ALA A 66 -9.28 -9.29 13.11
N ASP A 67 -8.01 -9.10 13.55
CA ASP A 67 -7.58 -7.92 14.31
C ASP A 67 -7.21 -6.76 13.36
N ASP A 68 -6.92 -5.59 13.94
CA ASP A 68 -6.55 -4.35 13.18
C ASP A 68 -5.06 -4.36 12.69
N SER A 69 -4.50 -5.56 12.46
CA SER A 69 -3.14 -5.73 11.87
C SER A 69 -3.20 -5.93 10.34
N ASP A 70 -4.42 -6.08 9.80
CA ASP A 70 -4.68 -6.38 8.38
C ASP A 70 -4.48 -5.14 7.47
N ASN A 71 -4.75 -3.95 8.04
CA ASN A 71 -4.68 -2.66 7.32
C ASN A 71 -3.23 -2.23 7.05
N VAL A 72 -2.76 -2.55 5.84
CA VAL A 72 -1.40 -2.25 5.36
C VAL A 72 -1.38 -0.90 4.61
N VAL A 73 -0.59 0.06 5.13
CA VAL A 73 -0.55 1.43 4.58
C VAL A 73 0.68 1.60 3.66
N ILE A 74 0.43 1.68 2.34
CA ILE A 74 1.48 1.95 1.33
C ILE A 74 1.58 3.48 1.09
N HIS A 75 2.82 3.98 1.02
CA HIS A 75 3.12 5.43 0.94
C HIS A 75 3.65 5.82 -0.45
N LEU A 76 3.25 7.02 -0.92
CA LEU A 76 3.62 7.57 -2.25
C LEU A 76 4.05 9.06 -2.14
N LYS A 77 4.78 9.55 -3.15
CA LYS A 77 5.21 10.97 -3.21
C LYS A 77 5.06 11.53 -4.63
N HIS A 78 4.77 12.83 -4.74
CA HIS A 78 4.62 13.51 -6.03
C HIS A 78 6.02 13.81 -6.61
N GLY A 79 6.30 13.27 -7.82
CA GLY A 79 7.63 13.39 -8.43
C GLY A 79 7.82 14.70 -9.18
N LEU A 80 7.91 14.61 -10.51
CA LEU A 80 7.87 15.80 -11.39
C LEU A 80 6.39 16.22 -11.55
N GLU A 81 6.01 17.41 -11.01
CA GLU A 81 4.58 17.84 -10.96
C GLU A 81 4.05 18.22 -12.36
N HIS A 82 2.71 18.29 -12.44
CA HIS A 82 1.96 18.22 -13.71
C HIS A 82 1.87 19.57 -14.47
N HIS A 83 2.27 20.68 -13.78
CA HIS A 83 2.41 22.07 -14.33
C HIS A 83 1.25 22.56 -15.26
N HIS A 84 1.20 22.10 -16.53
CA HIS A 84 0.16 22.48 -17.52
C HIS A 84 -1.21 21.90 -17.11
N HIS A 85 -1.19 20.68 -16.52
CA HIS A 85 -2.33 20.14 -15.77
C HIS A 85 -2.30 20.78 -14.35
N HIS A 86 -3.39 21.44 -13.96
CA HIS A 86 -3.43 22.36 -12.79
C HIS A 86 -3.58 21.63 -11.42
N HIS A 87 -3.26 20.32 -11.36
CA HIS A 87 -3.32 19.53 -10.10
C HIS A 87 -2.46 18.26 -10.21
N MET A 1 -12.17 -17.19 11.77
CA MET A 1 -13.08 -16.67 10.72
C MET A 1 -12.26 -16.24 9.48
N ASP A 2 -12.93 -16.02 8.33
CA ASP A 2 -12.31 -15.39 7.15
C ASP A 2 -12.43 -13.84 7.27
N GLU A 3 -11.27 -13.16 7.39
CA GLU A 3 -11.21 -11.69 7.60
C GLU A 3 -10.59 -10.95 6.39
N ASP A 4 -10.68 -9.60 6.42
CA ASP A 4 -10.36 -8.72 5.27
C ASP A 4 -9.09 -7.87 5.53
N ALA A 5 -8.17 -7.85 4.55
CA ALA A 5 -6.98 -6.98 4.55
C ALA A 5 -7.11 -5.94 3.43
N THR A 6 -7.12 -4.64 3.77
CA THR A 6 -7.24 -3.58 2.75
C THR A 6 -5.88 -2.98 2.40
N ILE A 7 -5.69 -2.71 1.11
CA ILE A 7 -4.53 -2.04 0.57
C ILE A 7 -4.93 -0.59 0.20
N THR A 8 -4.38 0.38 0.93
CA THR A 8 -4.72 1.80 0.78
C THR A 8 -3.44 2.62 0.53
N TYR A 9 -3.28 3.10 -0.72
CA TYR A 9 -2.20 4.04 -1.09
C TYR A 9 -2.54 5.44 -0.55
N VAL A 10 -1.52 6.16 -0.04
CA VAL A 10 -1.66 7.54 0.49
C VAL A 10 -0.39 8.36 0.16
N ASP A 11 -0.53 9.67 -0.12
CA ASP A 11 0.64 10.56 -0.32
C ASP A 11 0.90 11.43 0.95
N ASP A 12 2.16 11.44 1.40
CA ASP A 12 2.63 12.23 2.55
C ASP A 12 2.42 13.75 2.33
N ASP A 13 2.46 14.19 1.05
CA ASP A 13 2.33 15.61 0.65
C ASP A 13 1.08 16.31 1.24
N LYS A 14 -0.04 15.57 1.33
CA LYS A 14 -1.34 16.13 1.74
C LYS A 14 -1.76 15.57 3.12
N GLY A 15 -0.75 15.14 3.91
CA GLY A 15 -0.97 14.54 5.23
C GLY A 15 -1.59 13.14 5.19
N GLY A 16 -1.24 12.36 4.15
CA GLY A 16 -1.77 11.00 3.97
C GLY A 16 -3.13 10.97 3.25
N ALA A 17 -3.20 11.59 2.06
CA ALA A 17 -4.43 11.59 1.22
C ALA A 17 -4.46 10.35 0.30
N GLN A 18 -5.64 9.70 0.21
CA GLN A 18 -5.80 8.42 -0.53
C GLN A 18 -5.53 8.58 -2.05
N VAL A 19 -4.65 7.72 -2.60
CA VAL A 19 -4.29 7.66 -4.02
C VAL A 19 -4.87 6.37 -4.67
N GLY A 20 -5.68 6.53 -5.74
CA GLY A 20 -6.26 5.37 -6.44
C GLY A 20 -7.57 4.87 -5.80
N ASP A 21 -7.55 3.62 -5.29
CA ASP A 21 -8.74 2.99 -4.65
C ASP A 21 -8.36 2.01 -3.50
N ILE A 22 -9.38 1.64 -2.71
CA ILE A 22 -9.24 0.72 -1.55
C ILE A 22 -9.40 -0.75 -2.03
N VAL A 23 -8.33 -1.56 -1.89
CA VAL A 23 -8.28 -2.95 -2.41
C VAL A 23 -8.40 -3.98 -1.26
N THR A 24 -9.59 -4.56 -1.08
CA THR A 24 -9.81 -5.59 -0.03
C THR A 24 -9.58 -7.02 -0.58
N VAL A 25 -8.70 -7.78 0.09
CA VAL A 25 -8.52 -9.24 -0.11
C VAL A 25 -9.06 -9.99 1.12
N THR A 26 -9.55 -11.23 0.94
CA THR A 26 -10.18 -12.02 2.03
C THR A 26 -9.57 -13.43 2.12
N GLY A 27 -9.15 -13.82 3.34
CA GLY A 27 -8.54 -15.14 3.59
C GLY A 27 -8.56 -15.50 5.07
N LYS A 28 -7.67 -16.41 5.49
CA LYS A 28 -7.63 -16.92 6.88
C LYS A 28 -6.36 -16.44 7.61
N THR A 29 -6.41 -16.36 8.95
CA THR A 29 -5.21 -16.08 9.79
C THR A 29 -4.10 -17.15 9.61
N ASP A 30 -4.50 -18.40 9.31
CA ASP A 30 -3.60 -19.51 8.94
C ASP A 30 -3.01 -19.29 7.51
N ASP A 31 -3.81 -18.66 6.64
CA ASP A 31 -3.48 -18.46 5.21
C ASP A 31 -2.72 -17.12 4.97
N SER A 32 -1.91 -17.08 3.90
CA SER A 32 -1.23 -15.85 3.43
C SER A 32 -1.48 -15.63 1.92
N THR A 33 -1.71 -14.36 1.53
CA THR A 33 -1.92 -13.95 0.10
C THR A 33 -0.80 -12.97 -0.36
N THR A 34 -0.66 -12.82 -1.69
CA THR A 34 0.33 -11.91 -2.31
C THR A 34 -0.36 -10.66 -2.91
N TYR A 35 0.36 -9.53 -2.94
CA TYR A 35 -0.10 -8.29 -3.62
C TYR A 35 1.07 -7.56 -4.31
N THR A 36 0.93 -7.27 -5.62
CA THR A 36 1.90 -6.45 -6.36
C THR A 36 1.55 -4.95 -6.25
N VAL A 37 2.45 -4.17 -5.62
CA VAL A 37 2.26 -2.72 -5.41
C VAL A 37 2.53 -1.94 -6.72
N THR A 38 1.54 -1.13 -7.14
CA THR A 38 1.59 -0.35 -8.39
C THR A 38 1.77 1.15 -8.08
N ILE A 39 2.98 1.68 -8.36
CA ILE A 39 3.30 3.12 -8.13
C ILE A 39 3.02 3.96 -9.42
N PRO A 40 1.98 4.86 -9.40
CA PRO A 40 1.65 5.71 -10.58
C PRO A 40 2.72 6.80 -10.85
N ASP A 41 2.94 7.14 -12.13
CA ASP A 41 3.92 8.18 -12.55
C ASP A 41 3.52 9.57 -12.02
N GLY A 42 4.53 10.29 -11.49
CA GLY A 42 4.33 11.52 -10.71
C GLY A 42 4.46 11.27 -9.21
N TYR A 43 4.22 10.02 -8.77
CA TYR A 43 4.34 9.62 -7.35
C TYR A 43 5.65 8.82 -7.10
N GLU A 44 6.23 9.05 -5.90
CA GLU A 44 7.53 8.48 -5.48
C GLU A 44 7.31 7.46 -4.33
N TYR A 45 7.71 6.19 -4.52
CA TYR A 45 7.57 5.14 -3.46
C TYR A 45 8.47 5.43 -2.24
N VAL A 46 7.87 5.71 -1.08
CA VAL A 46 8.58 6.05 0.18
C VAL A 46 8.74 4.80 1.07
N GLY A 47 7.62 4.10 1.29
CA GLY A 47 7.59 2.91 2.15
C GLY A 47 6.19 2.29 2.23
N THR A 48 6.08 1.13 2.90
CA THR A 48 4.78 0.41 3.04
C THR A 48 4.67 -0.27 4.43
N ASP A 49 3.45 -0.26 5.00
CA ASP A 49 3.14 -0.79 6.35
C ASP A 49 2.24 -2.03 6.25
N GLY A 50 2.30 -2.92 7.26
CA GLY A 50 1.38 -4.06 7.36
C GLY A 50 2.08 -5.41 7.14
N GLY A 51 2.19 -5.82 5.87
CA GLY A 51 2.75 -7.14 5.51
C GLY A 51 4.27 -7.17 5.30
N VAL A 52 4.75 -8.21 4.60
CA VAL A 52 6.18 -8.40 4.29
C VAL A 52 6.50 -7.77 2.91
N VAL A 53 7.18 -6.62 2.90
CA VAL A 53 7.43 -5.85 1.66
C VAL A 53 8.76 -6.28 0.99
N SER A 54 8.77 -6.30 -0.36
CA SER A 54 9.95 -6.65 -1.19
C SER A 54 11.06 -5.57 -1.08
N SER A 55 12.29 -5.95 -1.47
CA SER A 55 13.47 -5.04 -1.51
C SER A 55 13.20 -3.77 -2.36
N ASP A 56 12.50 -3.96 -3.49
CA ASP A 56 12.14 -2.87 -4.42
C ASP A 56 10.71 -2.29 -4.13
N GLY A 57 10.02 -2.89 -3.13
CA GLY A 57 8.63 -2.51 -2.80
C GLY A 57 7.63 -2.87 -3.91
N LYS A 58 7.93 -3.95 -4.66
CA LYS A 58 7.12 -4.42 -5.80
C LYS A 58 6.02 -5.42 -5.36
N THR A 59 6.30 -6.19 -4.29
CA THR A 59 5.37 -7.24 -3.78
C THR A 59 5.25 -7.15 -2.23
N VAL A 60 4.07 -7.54 -1.70
CA VAL A 60 3.83 -7.61 -0.24
C VAL A 60 3.11 -8.94 0.12
N THR A 61 3.72 -9.76 1.00
CA THR A 61 3.08 -10.98 1.53
C THR A 61 2.14 -10.59 2.69
N ILE A 62 0.84 -10.60 2.41
CA ILE A 62 -0.23 -10.24 3.35
C ILE A 62 -0.71 -11.49 4.12
N THR A 63 -0.34 -11.62 5.40
CA THR A 63 -0.85 -12.71 6.26
C THR A 63 -1.87 -12.15 7.26
N PHE A 64 -3.08 -12.75 7.28
CA PHE A 64 -4.23 -12.20 8.04
C PHE A 64 -4.08 -12.37 9.57
N ALA A 65 -4.64 -11.41 10.32
CA ALA A 65 -4.55 -11.36 11.80
C ALA A 65 -5.87 -10.82 12.41
N ALA A 66 -6.14 -11.20 13.67
CA ALA A 66 -7.29 -10.68 14.45
C ALA A 66 -7.20 -9.15 14.65
N ASP A 67 -5.95 -8.63 14.70
CA ASP A 67 -5.66 -7.17 14.74
C ASP A 67 -5.27 -6.67 13.33
N ASP A 68 -5.09 -5.34 13.18
CA ASP A 68 -4.71 -4.73 11.87
C ASP A 68 -3.18 -4.87 11.62
N SER A 69 -2.76 -6.11 11.29
CA SER A 69 -1.35 -6.44 10.90
C SER A 69 -1.28 -6.84 9.42
N ASP A 70 -2.44 -7.13 8.84
CA ASP A 70 -2.61 -7.56 7.45
C ASP A 70 -2.94 -6.38 6.50
N ASN A 71 -3.55 -5.33 7.05
CA ASN A 71 -3.96 -4.13 6.28
C ASN A 71 -2.72 -3.31 5.84
N VAL A 72 -2.51 -3.26 4.51
CA VAL A 72 -1.29 -2.72 3.87
C VAL A 72 -1.48 -1.23 3.47
N VAL A 73 -0.61 -0.34 4.00
CA VAL A 73 -0.68 1.13 3.73
C VAL A 73 0.60 1.61 3.01
N ILE A 74 0.48 2.00 1.72
CA ILE A 74 1.63 2.49 0.91
C ILE A 74 1.73 4.03 1.03
N HIS A 75 2.93 4.55 1.27
CA HIS A 75 3.20 6.00 1.41
C HIS A 75 3.98 6.51 0.18
N LEU A 76 3.51 7.66 -0.38
CA LEU A 76 4.04 8.23 -1.64
C LEU A 76 4.43 9.71 -1.48
N LYS A 77 5.25 10.22 -2.42
CA LYS A 77 5.56 11.67 -2.55
C LYS A 77 5.12 12.18 -3.94
N HIS A 78 4.98 13.51 -4.06
CA HIS A 78 4.67 14.18 -5.35
C HIS A 78 5.95 14.72 -6.02
N GLY A 79 6.03 14.54 -7.36
CA GLY A 79 7.12 15.04 -8.21
C GLY A 79 8.54 14.90 -7.65
N LEU A 80 9.13 16.04 -7.20
CA LEU A 80 10.54 16.16 -6.80
C LEU A 80 10.69 16.40 -5.27
N GLU A 81 9.87 15.70 -4.44
CA GLU A 81 9.96 15.82 -2.95
C GLU A 81 11.09 14.94 -2.36
N HIS A 82 12.34 15.31 -2.70
CA HIS A 82 13.59 14.74 -2.14
C HIS A 82 14.66 15.85 -2.04
N HIS A 83 14.29 17.11 -2.38
CA HIS A 83 15.22 18.23 -2.49
C HIS A 83 14.53 19.56 -2.06
N HIS A 84 15.17 20.30 -1.13
CA HIS A 84 14.68 21.61 -0.65
C HIS A 84 14.97 22.75 -1.66
N HIS A 85 14.41 23.95 -1.39
CA HIS A 85 14.61 25.14 -2.25
C HIS A 85 15.69 26.08 -1.66
N HIS A 86 15.72 26.19 -0.33
CA HIS A 86 16.74 27.00 0.40
C HIS A 86 17.98 26.14 0.72
N HIS A 87 19.18 26.72 0.48
CA HIS A 87 20.49 26.04 0.68
C HIS A 87 20.81 25.87 2.17
N MET A 1 -16.75 -16.15 9.26
CA MET A 1 -15.59 -17.01 9.65
C MET A 1 -14.34 -16.72 8.80
N ASP A 2 -14.48 -15.92 7.74
CA ASP A 2 -13.37 -15.54 6.84
C ASP A 2 -13.02 -14.03 6.99
N GLU A 3 -11.71 -13.72 6.92
CA GLU A 3 -11.18 -12.36 7.20
C GLU A 3 -10.64 -11.69 5.92
N ASP A 4 -10.84 -10.37 5.80
CA ASP A 4 -10.26 -9.56 4.71
C ASP A 4 -8.97 -8.85 5.18
N ALA A 5 -8.16 -8.39 4.23
CA ALA A 5 -6.93 -7.61 4.49
C ALA A 5 -6.97 -6.31 3.67
N THR A 6 -6.82 -5.16 4.34
CA THR A 6 -7.09 -3.82 3.76
C THR A 6 -5.81 -3.14 3.26
N ILE A 7 -5.81 -2.67 2.01
CA ILE A 7 -4.65 -2.00 1.36
C ILE A 7 -5.04 -0.56 0.94
N THR A 8 -4.21 0.45 1.25
CA THR A 8 -4.50 1.86 0.89
C THR A 8 -3.22 2.63 0.50
N TYR A 9 -3.19 3.16 -0.74
CA TYR A 9 -2.12 4.06 -1.23
C TYR A 9 -2.37 5.49 -0.71
N VAL A 10 -1.34 6.12 -0.10
CA VAL A 10 -1.49 7.46 0.55
C VAL A 10 -0.56 8.53 -0.08
N ASP A 11 -1.11 9.77 -0.20
CA ASP A 11 -0.37 10.96 -0.67
C ASP A 11 0.27 11.68 0.55
N ASP A 12 1.53 11.37 0.84
CA ASP A 12 2.30 11.95 1.96
C ASP A 12 2.58 13.47 1.80
N ASP A 13 2.41 14.01 0.58
CA ASP A 13 2.54 15.47 0.29
C ASP A 13 1.24 16.22 0.68
N LYS A 14 0.15 15.45 0.91
CA LYS A 14 -1.19 15.99 1.23
C LYS A 14 -1.64 15.51 2.65
N GLY A 15 -0.65 15.15 3.49
CA GLY A 15 -0.90 14.65 4.85
C GLY A 15 -1.52 13.24 4.90
N GLY A 16 -1.03 12.35 4.01
CA GLY A 16 -1.53 10.97 3.93
C GLY A 16 -2.96 10.86 3.36
N ALA A 17 -3.22 11.54 2.24
CA ALA A 17 -4.54 11.51 1.56
C ALA A 17 -4.80 10.18 0.81
N GLN A 18 -6.06 9.94 0.39
CA GLN A 18 -6.41 8.69 -0.34
C GLN A 18 -6.08 8.81 -1.86
N VAL A 19 -5.21 7.92 -2.37
CA VAL A 19 -4.90 7.80 -3.81
C VAL A 19 -5.66 6.59 -4.41
N GLY A 20 -6.70 6.88 -5.22
CA GLY A 20 -7.57 5.84 -5.78
C GLY A 20 -8.64 5.35 -4.80
N ASP A 21 -8.63 4.04 -4.49
CA ASP A 21 -9.62 3.41 -3.60
C ASP A 21 -8.99 2.23 -2.79
N ILE A 22 -9.66 1.83 -1.69
CA ILE A 22 -9.18 0.77 -0.77
C ILE A 22 -9.36 -0.63 -1.41
N VAL A 23 -8.28 -1.45 -1.34
CA VAL A 23 -8.23 -2.80 -1.93
C VAL A 23 -8.30 -3.87 -0.80
N THR A 24 -9.40 -4.64 -0.75
CA THR A 24 -9.54 -5.77 0.22
C THR A 24 -9.37 -7.13 -0.47
N VAL A 25 -8.53 -8.00 0.12
CA VAL A 25 -8.35 -9.40 -0.31
C VAL A 25 -8.89 -10.35 0.79
N THR A 26 -9.60 -11.42 0.41
CA THR A 26 -10.32 -12.32 1.37
C THR A 26 -9.61 -13.67 1.56
N GLY A 27 -9.61 -14.17 2.80
CA GLY A 27 -9.03 -15.49 3.15
C GLY A 27 -9.31 -15.85 4.61
N LYS A 28 -8.28 -16.32 5.34
CA LYS A 28 -8.39 -16.66 6.78
C LYS A 28 -7.08 -16.31 7.52
N THR A 29 -7.17 -16.07 8.84
CA THR A 29 -6.02 -15.70 9.72
C THR A 29 -4.77 -16.62 9.58
N ASP A 30 -5.01 -17.90 9.25
CA ASP A 30 -3.96 -18.93 9.12
C ASP A 30 -3.20 -18.84 7.77
N ASP A 31 -3.81 -18.19 6.77
CA ASP A 31 -3.31 -18.15 5.37
C ASP A 31 -2.61 -16.80 5.03
N SER A 32 -1.74 -16.85 4.00
CA SER A 32 -1.00 -15.66 3.49
C SER A 32 -1.24 -15.50 1.97
N THR A 33 -1.09 -14.25 1.48
CA THR A 33 -1.20 -13.92 0.02
C THR A 33 -0.12 -12.89 -0.37
N THR A 34 0.17 -12.76 -1.68
CA THR A 34 1.14 -11.77 -2.21
C THR A 34 0.45 -10.73 -3.12
N TYR A 35 0.94 -9.48 -3.05
CA TYR A 35 0.38 -8.33 -3.80
C TYR A 35 1.52 -7.39 -4.27
N THR A 36 1.42 -6.87 -5.50
CA THR A 36 2.42 -5.95 -6.08
C THR A 36 1.93 -4.49 -6.00
N VAL A 37 2.85 -3.58 -5.65
CA VAL A 37 2.60 -2.13 -5.53
C VAL A 37 2.52 -1.48 -6.93
N THR A 38 1.46 -0.67 -7.15
CA THR A 38 1.23 0.07 -8.42
C THR A 38 1.50 1.58 -8.22
N ILE A 39 2.57 2.10 -8.85
CA ILE A 39 3.02 3.51 -8.68
C ILE A 39 2.33 4.44 -9.72
N PRO A 40 1.45 5.40 -9.28
CA PRO A 40 0.72 6.34 -10.19
C PRO A 40 1.62 7.43 -10.86
N ASP A 41 1.02 8.18 -11.82
CA ASP A 41 1.70 9.27 -12.57
C ASP A 41 2.17 10.41 -11.63
N GLY A 42 3.49 10.68 -11.64
CA GLY A 42 4.09 11.76 -10.86
C GLY A 42 4.34 11.40 -9.38
N TYR A 43 4.11 10.13 -9.01
CA TYR A 43 4.37 9.62 -7.64
C TYR A 43 5.66 8.76 -7.60
N GLU A 44 6.33 8.78 -6.45
CA GLU A 44 7.51 7.94 -6.16
C GLU A 44 7.25 7.07 -4.92
N TYR A 45 7.71 5.81 -4.96
CA TYR A 45 7.57 4.86 -3.83
C TYR A 45 8.43 5.29 -2.61
N VAL A 46 7.77 5.49 -1.45
CA VAL A 46 8.47 5.77 -0.18
C VAL A 46 8.74 4.44 0.59
N GLY A 47 7.66 3.66 0.79
CA GLY A 47 7.76 2.39 1.53
C GLY A 47 6.40 1.80 1.91
N THR A 48 6.37 0.46 2.11
CA THR A 48 5.13 -0.26 2.53
C THR A 48 5.04 -0.39 4.07
N ASP A 49 3.86 -0.06 4.61
CA ASP A 49 3.57 -0.07 6.06
C ASP A 49 2.59 -1.23 6.37
N GLY A 50 2.63 -1.77 7.61
CA GLY A 50 1.70 -2.83 8.04
C GLY A 50 2.13 -4.24 7.64
N GLY A 51 2.01 -4.57 6.34
CA GLY A 51 2.37 -5.90 5.81
C GLY A 51 3.89 -6.12 5.69
N VAL A 52 4.30 -7.32 5.24
CA VAL A 52 5.72 -7.69 5.08
C VAL A 52 6.21 -7.28 3.67
N VAL A 53 7.12 -6.30 3.59
CA VAL A 53 7.66 -5.81 2.28
C VAL A 53 9.01 -6.51 1.92
N SER A 54 9.19 -6.83 0.62
CA SER A 54 10.44 -7.46 0.11
C SER A 54 11.57 -6.42 -0.10
N SER A 55 12.77 -6.92 -0.45
CA SER A 55 14.00 -6.09 -0.62
C SER A 55 13.87 -5.03 -1.74
N ASP A 56 13.23 -5.40 -2.87
CA ASP A 56 13.05 -4.49 -4.04
C ASP A 56 11.83 -3.54 -3.88
N GLY A 57 10.99 -3.80 -2.84
CA GLY A 57 9.86 -2.91 -2.49
C GLY A 57 8.53 -3.24 -3.17
N LYS A 58 8.59 -3.68 -4.44
CA LYS A 58 7.39 -3.89 -5.28
C LYS A 58 6.49 -5.04 -4.77
N THR A 59 7.08 -6.17 -4.37
CA THR A 59 6.32 -7.37 -3.93
C THR A 59 6.15 -7.40 -2.40
N VAL A 60 4.89 -7.56 -1.93
CA VAL A 60 4.54 -7.51 -0.49
C VAL A 60 3.75 -8.78 -0.07
N THR A 61 4.23 -9.48 0.98
CA THR A 61 3.53 -10.60 1.62
C THR A 61 2.50 -10.06 2.65
N ILE A 62 1.21 -10.15 2.28
CA ILE A 62 0.08 -9.71 3.13
C ILE A 62 -0.62 -10.95 3.75
N THR A 63 -0.59 -11.06 5.09
CA THR A 63 -1.16 -12.22 5.82
C THR A 63 -2.42 -11.78 6.57
N PHE A 64 -3.57 -12.40 6.27
CA PHE A 64 -4.88 -12.06 6.90
C PHE A 64 -4.76 -12.17 8.44
N ALA A 65 -5.12 -11.10 9.16
CA ALA A 65 -4.87 -11.02 10.63
C ALA A 65 -6.15 -10.68 11.43
N ALA A 66 -6.17 -11.15 12.70
CA ALA A 66 -7.17 -10.72 13.69
C ALA A 66 -6.86 -9.29 14.20
N ASP A 67 -5.56 -8.94 14.23
CA ASP A 67 -5.07 -7.59 14.56
C ASP A 67 -5.16 -6.67 13.33
N ASP A 68 -6.13 -5.72 13.37
CA ASP A 68 -6.28 -4.60 12.41
C ASP A 68 -6.50 -5.07 10.94
N SER A 69 -6.92 -6.36 10.77
CA SER A 69 -7.10 -7.04 9.46
C SER A 69 -5.79 -7.12 8.63
N ASP A 70 -4.63 -6.83 9.27
CA ASP A 70 -3.33 -6.60 8.59
C ASP A 70 -3.45 -5.41 7.60
N ASN A 71 -3.65 -4.20 8.16
CA ASN A 71 -3.79 -2.95 7.38
C ASN A 71 -2.44 -2.54 6.73
N VAL A 72 -2.34 -2.74 5.41
CA VAL A 72 -1.15 -2.42 4.62
C VAL A 72 -1.31 -1.02 3.98
N VAL A 73 -0.42 -0.08 4.35
CA VAL A 73 -0.48 1.33 3.88
C VAL A 73 0.74 1.65 2.99
N ILE A 74 0.50 1.83 1.68
CA ILE A 74 1.57 2.12 0.72
C ILE A 74 1.84 3.64 0.71
N HIS A 75 3.01 4.05 1.22
CA HIS A 75 3.39 5.48 1.32
C HIS A 75 3.99 5.95 -0.01
N LEU A 76 3.46 7.08 -0.55
CA LEU A 76 3.90 7.66 -1.83
C LEU A 76 4.17 9.18 -1.69
N LYS A 77 5.25 9.64 -2.32
CA LYS A 77 5.57 11.08 -2.44
C LYS A 77 5.39 11.54 -3.90
N HIS A 78 5.51 12.84 -4.15
CA HIS A 78 5.52 13.38 -5.52
C HIS A 78 6.96 13.55 -6.03
N GLY A 79 7.24 12.99 -7.23
CA GLY A 79 8.50 13.24 -7.93
C GLY A 79 8.42 14.59 -8.66
N LEU A 80 7.55 14.62 -9.70
CA LEU A 80 7.05 15.87 -10.30
C LEU A 80 6.04 16.52 -9.30
N GLU A 81 6.37 17.73 -8.80
CA GLU A 81 5.57 18.43 -7.75
C GLU A 81 4.14 18.80 -8.21
N HIS A 82 4.01 19.11 -9.53
CA HIS A 82 2.73 19.49 -10.19
C HIS A 82 2.18 20.84 -9.65
N HIS A 83 2.34 21.91 -10.46
CA HIS A 83 1.94 23.28 -10.06
C HIS A 83 0.38 23.42 -10.01
N HIS A 84 -0.18 23.29 -8.79
CA HIS A 84 -1.62 23.48 -8.52
C HIS A 84 -2.00 24.97 -8.65
N HIS A 85 -3.19 25.27 -9.20
CA HIS A 85 -3.67 26.65 -9.40
C HIS A 85 -4.02 27.31 -8.03
N HIS A 86 -3.14 28.25 -7.59
CA HIS A 86 -3.18 28.98 -6.27
C HIS A 86 -3.25 28.07 -5.01
N HIS A 87 -3.12 28.71 -3.83
CA HIS A 87 -3.15 28.04 -2.51
C HIS A 87 -4.21 28.70 -1.61
N MET A 1 -15.30 -16.47 11.27
CA MET A 1 -15.71 -16.02 9.91
C MET A 1 -14.49 -15.92 8.96
N ASP A 2 -14.69 -15.27 7.80
CA ASP A 2 -13.58 -14.90 6.90
C ASP A 2 -12.84 -13.66 7.43
N GLU A 3 -11.50 -13.75 7.58
CA GLU A 3 -10.66 -12.62 8.03
C GLU A 3 -10.13 -11.82 6.83
N ASP A 4 -10.00 -10.49 7.01
CA ASP A 4 -9.57 -9.56 5.94
C ASP A 4 -8.20 -8.91 6.23
N ALA A 5 -7.65 -8.24 5.21
CA ALA A 5 -6.46 -7.36 5.32
C ALA A 5 -6.53 -6.25 4.23
N THR A 6 -6.44 -4.98 4.66
CA THR A 6 -6.69 -3.80 3.78
C THR A 6 -5.39 -3.10 3.36
N ILE A 7 -5.20 -2.84 2.05
CA ILE A 7 -4.03 -2.12 1.51
C ILE A 7 -4.47 -0.72 1.00
N THR A 8 -4.16 0.34 1.78
CA THR A 8 -4.54 1.73 1.45
C THR A 8 -3.33 2.51 0.89
N TYR A 9 -3.44 3.04 -0.34
CA TYR A 9 -2.42 3.92 -0.94
C TYR A 9 -2.65 5.38 -0.48
N VAL A 10 -1.58 6.08 -0.09
CA VAL A 10 -1.60 7.51 0.31
C VAL A 10 -0.37 8.26 -0.25
N ASP A 11 -0.42 9.61 -0.34
CA ASP A 11 0.75 10.43 -0.73
C ASP A 11 1.05 11.52 0.33
N ASP A 12 2.29 11.53 0.83
CA ASP A 12 2.76 12.40 1.93
C ASP A 12 2.80 13.91 1.57
N ASP A 13 2.93 14.25 0.26
CA ASP A 13 2.94 15.67 -0.21
C ASP A 13 1.53 16.31 -0.19
N LYS A 14 0.50 15.50 0.08
CA LYS A 14 -0.89 15.95 0.24
C LYS A 14 -1.45 15.50 1.62
N GLY A 15 -0.55 15.38 2.61
CA GLY A 15 -0.93 15.08 4.01
C GLY A 15 -1.45 13.66 4.23
N GLY A 16 -0.98 12.72 3.38
CA GLY A 16 -1.50 11.36 3.37
C GLY A 16 -2.85 11.24 2.64
N ALA A 17 -2.96 11.91 1.47
CA ALA A 17 -4.18 11.84 0.64
C ALA A 17 -4.22 10.53 -0.18
N GLN A 18 -5.36 9.86 -0.15
CA GLN A 18 -5.52 8.50 -0.71
C GLN A 18 -5.42 8.48 -2.26
N VAL A 19 -4.60 7.54 -2.78
CA VAL A 19 -4.37 7.36 -4.23
C VAL A 19 -5.26 6.18 -4.70
N GLY A 20 -6.37 6.49 -5.40
CA GLY A 20 -7.37 5.47 -5.75
C GLY A 20 -8.24 5.05 -4.55
N ASP A 21 -8.51 3.74 -4.41
CA ASP A 21 -9.35 3.18 -3.32
C ASP A 21 -8.51 2.27 -2.38
N ILE A 22 -9.20 1.71 -1.36
CA ILE A 22 -8.60 0.70 -0.44
C ILE A 22 -8.77 -0.71 -1.06
N VAL A 23 -7.75 -1.57 -0.93
CA VAL A 23 -7.78 -2.94 -1.48
C VAL A 23 -7.93 -3.98 -0.35
N THR A 24 -9.16 -4.49 -0.14
CA THR A 24 -9.42 -5.54 0.87
C THR A 24 -9.24 -6.94 0.25
N VAL A 25 -8.30 -7.71 0.80
CA VAL A 25 -8.11 -9.13 0.46
C VAL A 25 -8.66 -10.01 1.62
N THR A 26 -9.24 -11.18 1.31
CA THR A 26 -10.03 -11.97 2.30
C THR A 26 -9.66 -13.48 2.29
N GLY A 27 -9.92 -14.15 3.43
CA GLY A 27 -9.64 -15.58 3.61
C GLY A 27 -9.50 -15.97 5.09
N LYS A 28 -8.29 -16.43 5.48
CA LYS A 28 -7.94 -16.76 6.88
C LYS A 28 -6.39 -16.89 7.01
N THR A 29 -5.85 -16.65 8.22
CA THR A 29 -4.37 -16.52 8.50
C THR A 29 -3.50 -17.74 8.04
N ASP A 30 -4.15 -18.90 7.87
CA ASP A 30 -3.51 -20.16 7.42
C ASP A 30 -2.99 -20.06 5.96
N ASP A 31 -3.62 -19.18 5.16
CA ASP A 31 -3.22 -18.91 3.76
C ASP A 31 -2.44 -17.58 3.67
N SER A 32 -1.36 -17.58 2.86
CA SER A 32 -0.54 -16.37 2.58
C SER A 32 -0.52 -16.06 1.07
N THR A 33 -0.55 -14.76 0.73
CA THR A 33 -0.51 -14.28 -0.68
C THR A 33 0.26 -12.95 -0.78
N THR A 34 0.91 -12.72 -1.93
CA THR A 34 1.63 -11.45 -2.22
C THR A 34 0.77 -10.57 -3.15
N TYR A 35 0.28 -9.43 -2.64
CA TYR A 35 -0.49 -8.46 -3.42
C TYR A 35 0.47 -7.53 -4.20
N THR A 36 0.19 -7.32 -5.50
CA THR A 36 1.01 -6.44 -6.38
C THR A 36 0.74 -4.95 -6.10
N VAL A 37 1.75 -4.23 -5.58
CA VAL A 37 1.70 -2.78 -5.34
C VAL A 37 1.93 -2.02 -6.67
N THR A 38 0.95 -1.18 -7.08
CA THR A 38 1.01 -0.41 -8.34
C THR A 38 1.51 1.02 -8.08
N ILE A 39 2.70 1.34 -8.62
CA ILE A 39 3.31 2.70 -8.52
C ILE A 39 2.87 3.57 -9.74
N PRO A 40 2.05 4.65 -9.54
CA PRO A 40 1.66 5.58 -10.63
C PRO A 40 2.82 6.52 -11.06
N ASP A 41 2.72 7.03 -12.30
CA ASP A 41 3.69 8.00 -12.85
C ASP A 41 3.63 9.35 -12.11
N GLY A 42 4.79 9.82 -11.61
CA GLY A 42 4.88 11.03 -10.79
C GLY A 42 4.96 10.75 -9.29
N TYR A 43 4.69 9.49 -8.88
CA TYR A 43 4.74 9.06 -7.45
C TYR A 43 5.96 8.12 -7.22
N GLU A 44 6.61 8.28 -6.06
CA GLU A 44 7.83 7.55 -5.67
C GLU A 44 7.61 6.79 -4.35
N TYR A 45 8.07 5.54 -4.27
CA TYR A 45 7.91 4.71 -3.06
C TYR A 45 8.72 5.26 -1.85
N VAL A 46 8.01 5.72 -0.81
CA VAL A 46 8.63 6.24 0.43
C VAL A 46 8.87 5.10 1.43
N GLY A 47 7.77 4.44 1.83
CA GLY A 47 7.79 3.39 2.85
C GLY A 47 6.43 2.71 3.01
N THR A 48 6.33 1.78 3.98
CA THR A 48 5.11 0.98 4.22
C THR A 48 4.99 0.59 5.70
N ASP A 49 3.77 0.66 6.23
CA ASP A 49 3.45 0.21 7.60
C ASP A 49 2.44 -0.96 7.58
N GLY A 50 2.52 -1.84 8.59
CA GLY A 50 1.75 -3.09 8.60
C GLY A 50 2.47 -4.24 7.90
N GLY A 51 1.69 -5.19 7.32
CA GLY A 51 2.19 -6.28 6.44
C GLY A 51 3.47 -6.02 5.62
N VAL A 52 4.16 -7.14 5.27
CA VAL A 52 5.58 -7.13 4.85
C VAL A 52 5.74 -6.64 3.41
N VAL A 53 6.51 -5.57 3.20
CA VAL A 53 6.73 -4.97 1.86
C VAL A 53 8.07 -5.45 1.22
N SER A 54 8.13 -5.40 -0.12
CA SER A 54 9.34 -5.71 -0.92
C SER A 54 10.43 -4.62 -0.80
N SER A 55 11.67 -4.97 -1.22
CA SER A 55 12.85 -4.05 -1.26
C SER A 55 12.59 -2.85 -2.21
N ASP A 56 11.81 -3.10 -3.28
CA ASP A 56 11.42 -2.08 -4.28
C ASP A 56 10.02 -1.50 -3.97
N GLY A 57 9.27 -2.18 -3.08
CA GLY A 57 7.86 -1.89 -2.85
C GLY A 57 6.97 -2.33 -4.03
N LYS A 58 7.34 -3.47 -4.67
CA LYS A 58 6.59 -4.03 -5.81
C LYS A 58 5.44 -4.96 -5.35
N THR A 59 5.61 -5.59 -4.16
CA THR A 59 4.62 -6.51 -3.56
C THR A 59 4.55 -6.34 -2.02
N VAL A 60 3.41 -6.77 -1.44
CA VAL A 60 3.22 -6.90 0.03
C VAL A 60 2.68 -8.31 0.38
N THR A 61 3.37 -9.03 1.29
CA THR A 61 2.99 -10.38 1.74
C THR A 61 1.92 -10.26 2.85
N ILE A 62 0.82 -10.99 2.67
CA ILE A 62 -0.39 -10.89 3.51
C ILE A 62 -0.78 -12.26 4.13
N THR A 63 -1.13 -12.24 5.42
CA THR A 63 -1.83 -13.35 6.12
C THR A 63 -3.11 -12.75 6.75
N PHE A 64 -4.27 -13.20 6.26
CA PHE A 64 -5.60 -12.59 6.57
C PHE A 64 -5.96 -12.80 8.06
N ALA A 65 -6.01 -11.72 8.86
CA ALA A 65 -6.12 -11.84 10.33
C ALA A 65 -6.98 -10.76 10.98
N ALA A 66 -7.68 -11.15 12.06
CA ALA A 66 -8.37 -10.22 12.97
C ALA A 66 -7.39 -9.50 13.93
N ASP A 67 -6.08 -9.79 13.77
CA ASP A 67 -4.97 -9.09 14.45
C ASP A 67 -4.74 -7.68 13.84
N ASP A 68 -5.05 -7.54 12.53
CA ASP A 68 -5.07 -6.25 11.78
C ASP A 68 -3.67 -5.62 11.50
N SER A 69 -2.57 -6.33 11.78
CA SER A 69 -1.20 -5.86 11.39
C SER A 69 -1.04 -5.80 9.85
N ASP A 70 -1.09 -6.99 9.21
CA ASP A 70 -1.30 -7.18 7.73
C ASP A 70 -2.25 -6.17 6.96
N ASN A 71 -2.96 -5.26 7.67
CA ASN A 71 -3.56 -4.07 7.02
C ASN A 71 -2.43 -3.10 6.60
N VAL A 72 -2.07 -3.13 5.31
CA VAL A 72 -0.93 -2.37 4.74
C VAL A 72 -1.34 -0.93 4.36
N VAL A 73 -0.42 0.05 4.56
CA VAL A 73 -0.55 1.42 4.01
C VAL A 73 0.74 1.79 3.22
N ILE A 74 0.58 2.05 1.90
CA ILE A 74 1.69 2.42 0.99
C ILE A 74 1.86 3.96 0.97
N HIS A 75 3.05 4.43 1.37
CA HIS A 75 3.42 5.87 1.36
C HIS A 75 4.10 6.24 0.02
N LEU A 76 3.65 7.34 -0.61
CA LEU A 76 4.20 7.83 -1.91
C LEU A 76 4.51 9.34 -1.85
N LYS A 77 5.57 9.79 -2.52
CA LYS A 77 5.89 11.23 -2.66
C LYS A 77 5.99 11.64 -4.13
N HIS A 78 5.67 12.91 -4.44
CA HIS A 78 5.73 13.43 -5.81
C HIS A 78 7.20 13.68 -6.24
N GLY A 79 7.51 13.31 -7.50
CA GLY A 79 8.84 13.55 -8.09
C GLY A 79 8.76 14.55 -9.23
N LEU A 80 7.97 15.62 -9.01
CA LEU A 80 7.65 16.63 -10.05
C LEU A 80 8.55 17.88 -9.85
N GLU A 81 9.73 17.84 -10.48
CA GLU A 81 10.72 18.93 -10.37
C GLU A 81 10.30 20.15 -11.22
N HIS A 82 9.81 21.21 -10.55
CA HIS A 82 9.33 22.44 -11.20
C HIS A 82 10.17 23.66 -10.79
N HIS A 83 10.52 24.52 -11.76
CA HIS A 83 11.20 25.81 -11.50
C HIS A 83 10.27 26.78 -10.72
N HIS A 84 10.89 27.66 -9.91
CA HIS A 84 10.15 28.56 -8.99
C HIS A 84 9.81 29.92 -9.65
N HIS A 85 9.42 29.85 -10.95
CA HIS A 85 8.96 31.02 -11.74
C HIS A 85 7.53 31.48 -11.29
N HIS A 86 6.87 30.63 -10.48
CA HIS A 86 5.63 30.98 -9.72
C HIS A 86 5.86 30.71 -8.21
N HIS A 87 5.14 31.47 -7.36
CA HIS A 87 5.19 31.33 -5.89
C HIS A 87 4.43 30.08 -5.42
#